data_7CIP
#
_entry.id   7CIP
#
_cell.length_a   70.576
_cell.length_b   129.838
_cell.length_c   221.079
_cell.angle_alpha   90.000
_cell.angle_beta   90.000
_cell.angle_gamma   90.000
#
_symmetry.space_group_name_H-M   'P 21 2 21'
#
loop_
_entity.id
_entity.type
_entity.pdbx_description
1 polymer Lipase
2 non-polymer GLYCEROL
3 non-polymer 1,2-ETHANEDIOL
4 non-polymer 'HEXANOIC ACID'
5 non-polymer 'DIMETHYL SULFOXIDE'
6 non-polymer ACETONITRILE
7 non-polymer '(4-nitrophenyl) hexanoate'
8 non-polymer 'SULFATE ION'
9 non-polymer '1,4-DIETHYLENE DIOXIDE'
10 non-polymer 'butanoic acid'
11 non-polymer P-NITROPHENOL
12 non-polymer 'SODIUM ION'
13 water water
#
_entity_poly.entity_id   1
_entity_poly.type   'polypeptide(L)'
_entity_poly.pdbx_seq_one_letter_code
;MTDTPFIRPDMKAFLEAIAAMAGPTLAEMTLEEARASYVALHGMADRPARELAVIRNLSCPGPAGDIPLRLYDARESREA
GPVITFYHGGGFVIGDLDTHHNLCTEIAALMDLPVVAVDYRLAPEHPFPAAIEDCEAATRWVASSPSELGRTASGVIPIG
DSAGGNATIVVSQLLGAKPADVPVVLQVPIFPLASDAVGSASLEAFAEGFVLTKASIEFFDTAYKADRADPRGFPILGDH
TAAPPTIVATASLDPIRDSGRDYAKALVEAGRDVVYLEMEGVTHSFTNIRAAVPSTQGDLERIIAAMKMMLGTA
;
_entity_poly.pdbx_strand_id   A,B,C,D
#
loop_
_chem_comp.id
_chem_comp.type
_chem_comp.name
_chem_comp.formula
6NA non-polymer 'HEXANOIC ACID' 'C6 H12 O2'
BUA non-polymer 'butanoic acid' 'C4 H8 O2'
CCN non-polymer ACETONITRILE 'C2 H3 N'
D8F non-polymer '(4-nitrophenyl) hexanoate' 'C12 H15 N O4'
DIO non-polymer '1,4-DIETHYLENE DIOXIDE' 'C4 H8 O2'
DMS non-polymer 'DIMETHYL SULFOXIDE' 'C2 H6 O S'
EDO non-polymer 1,2-ETHANEDIOL 'C2 H6 O2'
GOL non-polymer GLYCEROL 'C3 H8 O3'
NA non-polymer 'SODIUM ION' 'Na 1'
NPO non-polymer P-NITROPHENOL 'C6 H5 N O3'
SO4 non-polymer 'SULFATE ION' 'O4 S -2'
#
# COMPACT_ATOMS: atom_id res chain seq x y z
N THR A 4 2.70 11.86 -20.31
CA THR A 4 3.09 10.52 -19.82
C THR A 4 4.54 10.56 -19.33
N PRO A 5 4.85 11.26 -18.21
CA PRO A 5 6.19 11.21 -17.64
C PRO A 5 6.49 9.81 -17.09
N PHE A 6 7.75 9.39 -17.06
CA PHE A 6 8.12 8.11 -16.50
C PHE A 6 7.88 8.08 -14.99
N ILE A 7 7.22 7.01 -14.53
CA ILE A 7 6.98 6.76 -13.11
C ILE A 7 7.34 5.30 -12.81
N ARG A 8 8.16 5.09 -11.78
CA ARG A 8 8.48 3.75 -11.35
C ARG A 8 7.20 3.02 -10.92
N PRO A 9 7.11 1.71 -11.16
CA PRO A 9 5.88 1.02 -10.75
C PRO A 9 5.57 1.14 -9.26
N ASP A 10 6.56 1.02 -8.38
CA ASP A 10 6.23 1.11 -6.96
C ASP A 10 5.81 2.53 -6.60
N MET A 11 6.42 3.54 -7.26
CA MET A 11 5.98 4.92 -7.07
C MET A 11 4.54 5.09 -7.54
N LYS A 12 4.23 4.54 -8.72
CA LYS A 12 2.89 4.66 -9.26
C LYS A 12 1.84 4.08 -8.31
N ALA A 13 2.13 2.91 -7.72
CA ALA A 13 1.17 2.27 -6.82
C ALA A 13 0.88 3.18 -5.62
N PHE A 14 1.92 3.83 -5.11
CA PHE A 14 1.73 4.74 -3.98
C PHE A 14 0.86 5.93 -4.39
N LEU A 15 1.10 6.48 -5.59
CA LEU A 15 0.29 7.61 -6.03
C LEU A 15 -1.16 7.18 -6.22
N GLU A 16 -1.37 5.93 -6.65
CA GLU A 16 -2.73 5.45 -6.87
C GLU A 16 -3.47 5.31 -5.55
N ALA A 17 -2.77 4.89 -4.50
CA ALA A 17 -3.38 4.81 -3.19
C ALA A 17 -3.71 6.19 -2.64
N ILE A 18 -2.81 7.17 -2.85
CA ILE A 18 -3.13 8.53 -2.41
C ILE A 18 -4.36 9.04 -3.14
N ALA A 19 -4.47 8.74 -4.44
CA ALA A 19 -5.64 9.15 -5.22
C ALA A 19 -6.91 8.47 -4.71
N ALA A 20 -6.82 7.20 -4.31
CA ALA A 20 -7.98 6.51 -3.75
C ALA A 20 -8.40 7.13 -2.42
N MET A 21 -7.43 7.47 -1.57
CA MET A 21 -7.72 8.14 -0.30
C MET A 21 -8.48 9.45 -0.51
N ALA A 22 -8.04 10.24 -1.48
CA ALA A 22 -8.72 11.48 -1.87
C ALA A 22 -9.09 12.36 -0.68
N GLY A 23 -8.10 12.69 0.16
CA GLY A 23 -8.39 13.43 1.35
C GLY A 23 -8.70 14.91 1.11
N PRO A 24 -9.06 15.62 2.19
CA PRO A 24 -9.06 17.09 2.13
C PRO A 24 -7.68 17.65 1.80
N THR A 25 -7.67 18.85 1.23
CA THR A 25 -6.42 19.58 1.05
C THR A 25 -5.91 20.09 2.39
N LEU A 26 -4.64 20.52 2.42
CA LEU A 26 -4.09 21.08 3.65
C LEU A 26 -4.89 22.31 4.09
N ALA A 27 -5.28 23.14 3.14
CA ALA A 27 -5.97 24.38 3.49
C ALA A 27 -7.36 24.11 4.06
N GLU A 28 -7.97 22.98 3.69
CA GLU A 28 -9.30 22.62 4.19
C GLU A 28 -9.26 22.05 5.61
N MET A 29 -8.11 21.60 6.07
CA MET A 29 -7.96 21.07 7.42
C MET A 29 -7.66 22.18 8.40
N THR A 30 -7.89 21.92 9.69
CA THR A 30 -7.28 22.76 10.68
C THR A 30 -5.77 22.60 10.62
N LEU A 31 -5.04 23.58 11.18
CA LEU A 31 -3.59 23.44 11.23
C LEU A 31 -3.16 22.18 11.96
N GLU A 32 -3.81 21.89 13.10
CA GLU A 32 -3.44 20.71 13.86
C GLU A 32 -3.70 19.46 13.03
N GLU A 33 -4.80 19.44 12.30
CA GLU A 33 -5.10 18.30 11.43
C GLU A 33 -4.09 18.17 10.30
N ALA A 34 -3.72 19.30 9.68
CA ALA A 34 -2.74 19.27 8.60
C ALA A 34 -1.39 18.72 9.09
N ARG A 35 -0.94 19.17 10.25
CA ARG A 35 0.29 18.66 10.82
C ARG A 35 0.17 17.18 11.17
N ALA A 36 -0.96 16.78 11.76
CA ALA A 36 -1.13 15.37 12.09
C ALA A 36 -1.15 14.49 10.84
N SER A 37 -1.68 15.00 9.72
CA SER A 37 -1.74 14.16 8.53
C SER A 37 -0.35 13.87 7.97
N TYR A 38 0.59 14.80 8.15
CA TYR A 38 1.96 14.61 7.71
C TYR A 38 2.67 13.60 8.59
N VAL A 39 2.43 13.67 9.92
CA VAL A 39 2.94 12.66 10.82
C VAL A 39 2.47 11.28 10.36
N ALA A 40 1.19 11.19 10.01
CA ALA A 40 0.62 9.89 9.65
C ALA A 40 1.16 9.38 8.31
N LEU A 41 1.33 10.28 7.34
CA LEU A 41 1.89 9.92 6.04
C LEU A 41 3.28 9.33 6.19
N HIS A 42 4.21 10.08 6.80
CA HIS A 42 5.55 9.55 6.99
C HIS A 42 5.55 8.35 7.92
N GLY A 43 4.64 8.34 8.90
CA GLY A 43 4.59 7.20 9.81
C GLY A 43 4.32 5.89 9.08
N MET A 44 3.39 5.91 8.13
CA MET A 44 3.06 4.68 7.42
C MET A 44 3.99 4.44 6.22
N ALA A 45 4.55 5.50 5.63
CA ALA A 45 5.29 5.35 4.38
C ALA A 45 6.77 5.13 4.57
N ASP A 46 7.37 5.59 5.67
CA ASP A 46 8.82 5.49 5.75
C ASP A 46 9.26 4.20 6.43
N ARG A 47 10.48 3.78 6.11
CA ARG A 47 11.09 2.69 6.84
C ARG A 47 11.20 3.02 8.33
N PRO A 48 11.24 2.01 9.18
CA PRO A 48 11.35 2.26 10.61
C PRO A 48 12.73 2.79 11.00
N ALA A 49 12.77 3.37 12.18
CA ALA A 49 14.02 3.93 12.73
C ALA A 49 15.10 2.86 12.83
N ARG A 50 16.34 3.25 12.51
CA ARG A 50 17.50 2.46 12.90
C ARG A 50 17.73 2.53 14.40
N GLU A 51 18.27 1.46 14.95
CA GLU A 51 18.78 1.48 16.32
C GLU A 51 20.13 2.19 16.31
N LEU A 52 20.33 3.06 17.30
CA LEU A 52 21.56 3.84 17.44
C LEU A 52 21.97 3.89 18.90
N ALA A 53 23.27 4.03 19.13
CA ALA A 53 23.76 4.18 20.50
C ALA A 53 23.21 5.43 21.17
N VAL A 54 23.06 6.52 20.42
CA VAL A 54 22.70 7.81 21.01
C VAL A 54 21.53 8.41 20.25
N ILE A 55 20.46 8.69 20.94
CA ILE A 55 19.30 9.46 20.42
C ILE A 55 18.91 10.32 21.61
N ARG A 56 19.22 11.61 21.60
CA ARG A 56 19.06 12.43 22.80
C ARG A 56 18.47 13.79 22.45
N ASN A 57 17.54 14.25 23.27
CA ASN A 57 16.90 15.56 23.10
C ASN A 57 17.77 16.59 23.80
N LEU A 58 18.04 17.69 23.12
CA LEU A 58 18.84 18.83 23.58
C LEU A 58 18.09 20.12 23.26
N SER A 59 18.61 21.25 23.71
CA SER A 59 18.15 22.53 23.20
C SER A 59 19.32 23.51 23.17
N CYS A 60 19.15 24.59 22.43
CA CYS A 60 20.15 25.66 22.45
C CYS A 60 19.44 27.00 22.44
N PRO A 61 20.14 28.07 22.83
CA PRO A 61 19.52 29.40 22.80
C PRO A 61 19.28 29.87 21.36
N GLY A 62 18.14 30.54 21.16
CA GLY A 62 17.83 31.16 19.90
C GLY A 62 17.28 32.56 20.08
N PRO A 63 17.04 33.28 18.99
CA PRO A 63 16.58 34.66 19.13
C PRO A 63 15.21 34.80 19.76
N ALA A 64 14.36 33.78 19.71
CA ALA A 64 13.03 33.87 20.29
C ALA A 64 12.90 33.09 21.60
N GLY A 65 13.94 32.36 22.00
CA GLY A 65 13.87 31.43 23.10
C GLY A 65 14.64 30.19 22.76
N ASP A 66 14.48 29.15 23.59
CA ASP A 66 15.22 27.92 23.36
C ASP A 66 14.70 27.24 22.09
N ILE A 67 15.62 26.60 21.37
CA ILE A 67 15.33 25.81 20.18
C ILE A 67 15.50 24.34 20.54
N PRO A 68 14.47 23.50 20.42
CA PRO A 68 14.67 22.07 20.67
C PRO A 68 15.48 21.43 19.55
N LEU A 69 16.31 20.47 19.92
CA LEU A 69 17.18 19.73 19.01
C LEU A 69 17.13 18.25 19.33
N ARG A 70 17.57 17.43 18.40
CA ARG A 70 17.73 16.01 18.67
C ARG A 70 19.02 15.51 18.05
N LEU A 71 19.84 14.86 18.88
CA LEU A 71 21.14 14.33 18.46
C LEU A 71 20.99 12.85 18.16
N TYR A 72 21.51 12.44 17.01
CA TYR A 72 21.57 11.05 16.57
C TYR A 72 23.03 10.67 16.38
N ASP A 73 23.46 9.56 16.97
CA ASP A 73 24.82 9.09 16.72
C ASP A 73 24.87 7.57 16.90
N ALA A 74 25.45 6.91 15.91
CA ALA A 74 25.68 5.48 16.01
C ALA A 74 26.75 5.13 17.03
N ARG A 75 27.56 6.10 17.44
CA ARG A 75 28.70 5.89 18.36
C ARG A 75 28.43 6.61 19.66
N GLU A 76 28.73 5.96 20.78
CA GLU A 76 28.57 6.54 22.12
C GLU A 76 29.69 7.54 22.34
N SER A 77 30.81 7.37 21.69
CA SER A 77 31.99 8.24 21.89
C SER A 77 32.61 8.41 20.52
N ARG A 78 32.90 9.65 20.15
CA ARG A 78 33.50 9.92 18.83
C ARG A 78 34.47 11.07 18.92
N GLU A 79 35.47 10.99 18.07
CA GLU A 79 36.49 12.04 18.03
C GLU A 79 35.95 13.23 17.22
N ALA A 80 36.79 14.21 17.01
CA ALA A 80 36.38 15.44 16.35
C ALA A 80 36.14 15.08 14.89
N GLY A 81 35.16 15.72 14.28
CA GLY A 81 34.83 15.43 12.90
C GLY A 81 33.67 16.31 12.48
N PRO A 82 33.23 16.20 11.24
CA PRO A 82 32.09 17.01 10.82
C PRO A 82 30.80 16.54 11.49
N VAL A 83 29.91 17.49 11.74
CA VAL A 83 28.60 17.20 12.32
C VAL A 83 27.53 17.62 11.33
N ILE A 84 26.58 16.73 11.08
CA ILE A 84 25.47 17.01 10.19
C ILE A 84 24.41 17.79 10.96
N THR A 85 23.91 18.88 10.37
CA THR A 85 22.88 19.72 10.97
C THR A 85 21.69 19.68 10.01
N PHE A 86 20.60 19.06 10.47
CA PHE A 86 19.48 18.68 9.64
C PHE A 86 18.24 19.54 9.92
N TYR A 87 17.58 19.97 8.84
CA TYR A 87 16.37 20.77 8.91
C TYR A 87 15.26 20.07 8.13
N HIS A 88 14.18 19.72 8.83
CA HIS A 88 13.11 18.94 8.21
C HIS A 88 12.29 19.75 7.20
N GLY A 89 11.67 19.05 6.25
CA GLY A 89 10.73 19.65 5.33
C GLY A 89 9.33 19.77 5.94
N GLY A 90 8.40 20.25 5.11
CA GLY A 90 7.08 20.61 5.59
C GLY A 90 6.64 22.04 5.31
N GLY A 91 7.28 22.71 4.35
CA GLY A 91 6.81 24.00 3.89
C GLY A 91 7.01 25.15 4.85
N PHE A 92 7.77 24.93 5.92
CA PHE A 92 7.93 25.80 7.08
C PHE A 92 6.63 25.92 7.88
N VAL A 93 5.66 25.02 7.64
CA VAL A 93 4.35 25.01 8.29
C VAL A 93 4.12 23.73 9.07
N ILE A 94 4.51 22.58 8.51
CA ILE A 94 4.28 21.29 9.14
C ILE A 94 5.61 20.57 9.31
N GLY A 95 5.55 19.36 9.86
CA GLY A 95 6.74 18.61 10.22
C GLY A 95 7.24 18.94 11.62
N ASP A 96 8.08 18.06 12.13
CA ASP A 96 8.67 18.23 13.46
C ASP A 96 9.84 17.27 13.61
N LEU A 97 10.31 17.03 14.83
CA LEU A 97 11.44 16.10 14.98
C LEU A 97 11.03 14.65 14.71
N ASP A 98 9.74 14.33 14.86
CA ASP A 98 9.31 12.94 14.65
C ASP A 98 9.02 12.63 13.19
N THR A 99 8.54 13.59 12.40
CA THR A 99 8.19 13.29 11.02
C THR A 99 9.40 12.86 10.22
N HIS A 100 10.60 13.32 10.64
CA HIS A 100 11.84 13.05 9.92
C HIS A 100 12.82 12.26 10.77
N HIS A 101 12.34 11.72 11.89
CA HIS A 101 13.20 10.99 12.82
C HIS A 101 13.83 9.78 12.15
N ASN A 102 13.03 8.99 11.45
CA ASN A 102 13.57 7.75 10.92
C ASN A 102 14.63 8.04 9.88
N LEU A 103 14.37 9.03 9.01
CA LEU A 103 15.38 9.45 8.04
C LEU A 103 16.65 9.91 8.74
N CYS A 104 16.52 10.66 9.84
CA CYS A 104 17.73 11.08 10.57
C CYS A 104 18.51 9.88 11.10
N THR A 105 17.81 8.87 11.64
CA THR A 105 18.53 7.70 12.11
C THR A 105 19.23 6.99 10.96
N GLU A 106 18.63 7.01 9.76
CA GLU A 106 19.24 6.39 8.60
C GLU A 106 20.47 7.16 8.15
N ILE A 107 20.37 8.49 8.10
CA ILE A 107 21.54 9.29 7.72
C ILE A 107 22.68 9.03 8.73
N ALA A 108 22.37 9.02 10.02
CA ALA A 108 23.42 8.81 11.02
C ALA A 108 24.04 7.42 10.86
N ALA A 109 23.21 6.41 10.67
CA ALA A 109 23.71 5.04 10.52
C ALA A 109 24.58 4.90 9.29
N LEU A 110 24.10 5.40 8.15
CA LEU A 110 24.81 5.17 6.89
C LEU A 110 26.04 6.07 6.76
N MET A 111 26.00 7.30 7.30
CA MET A 111 27.18 8.16 7.22
C MET A 111 28.20 7.88 8.31
N ASP A 112 27.80 7.26 9.41
CA ASP A 112 28.65 7.16 10.58
C ASP A 112 29.18 8.53 10.98
N LEU A 113 28.27 9.49 11.03
CA LEU A 113 28.54 10.83 11.54
C LEU A 113 27.39 11.23 12.44
N PRO A 114 27.63 12.12 13.40
CA PRO A 114 26.51 12.61 14.23
C PRO A 114 25.59 13.52 13.43
N VAL A 115 24.30 13.46 13.77
CA VAL A 115 23.26 14.28 13.14
C VAL A 115 22.54 15.04 14.24
N VAL A 116 22.40 16.36 14.07
CA VAL A 116 21.59 17.17 14.97
C VAL A 116 20.42 17.73 14.18
N ALA A 117 19.21 17.30 14.50
CA ALA A 117 18.01 17.84 13.88
C ALA A 117 17.47 19.02 14.67
N VAL A 118 16.92 19.98 13.96
CA VAL A 118 16.50 21.26 14.51
C VAL A 118 14.97 21.35 14.50
N ASP A 119 14.37 21.57 15.69
CA ASP A 119 12.91 21.76 15.79
C ASP A 119 12.59 23.26 15.72
N TYR A 120 12.72 23.80 14.51
CA TYR A 120 12.60 25.24 14.31
C TYR A 120 11.14 25.70 14.35
N ARG A 121 10.97 26.98 14.65
CA ARG A 121 9.63 27.54 14.73
C ARG A 121 8.93 27.57 13.38
N LEU A 122 7.61 27.32 13.42
CA LEU A 122 6.79 27.14 12.23
C LEU A 122 5.81 28.27 12.01
N ALA A 123 5.53 28.53 10.73
CA ALA A 123 4.44 29.37 10.29
C ALA A 123 3.14 28.57 10.28
N PRO A 124 1.98 29.24 10.29
CA PRO A 124 1.78 30.70 10.28
C PRO A 124 2.03 31.39 11.62
N GLU A 125 2.17 30.62 12.71
CA GLU A 125 2.33 31.24 14.02
C GLU A 125 3.59 32.09 14.07
N HIS A 126 4.66 31.59 13.47
CA HIS A 126 5.96 32.27 13.37
C HIS A 126 6.33 32.39 11.90
N PRO A 127 6.00 33.50 11.27
CA PRO A 127 6.26 33.63 9.83
C PRO A 127 7.75 33.81 9.56
N PHE A 128 8.06 33.77 8.28
CA PHE A 128 9.39 34.09 7.75
C PHE A 128 9.91 35.33 8.48
N PRO A 129 11.16 35.37 8.92
CA PRO A 129 12.22 34.38 8.78
C PRO A 129 12.44 33.51 10.02
N ALA A 130 11.39 33.23 10.79
CA ALA A 130 11.58 32.48 12.04
C ALA A 130 12.33 31.18 11.82
N ALA A 131 11.88 30.38 10.85
CA ALA A 131 12.54 29.09 10.64
C ALA A 131 14.03 29.28 10.35
N ILE A 132 14.36 30.26 9.51
CA ILE A 132 15.76 30.53 9.16
C ILE A 132 16.55 30.96 10.38
N GLU A 133 15.99 31.88 11.19
CA GLU A 133 16.66 32.30 12.42
C GLU A 133 17.06 31.13 13.28
N ASP A 134 16.12 30.19 13.46
CA ASP A 134 16.36 29.07 14.33
C ASP A 134 17.37 28.09 13.71
N CYS A 135 17.26 27.82 12.41
CA CYS A 135 18.21 26.91 11.79
C CYS A 135 19.61 27.49 11.84
N GLU A 136 19.75 28.79 11.57
CA GLU A 136 21.06 29.41 11.64
C GLU A 136 21.62 29.32 13.06
N ALA A 137 20.82 29.70 14.05
CA ALA A 137 21.31 29.72 15.42
C ALA A 137 21.72 28.33 15.90
N ALA A 138 20.91 27.32 15.60
CA ALA A 138 21.25 25.96 16.00
C ALA A 138 22.52 25.48 15.30
N THR A 139 22.69 25.86 14.03
CA THR A 139 23.87 25.41 13.29
C THR A 139 25.12 26.07 13.87
N ARG A 140 25.05 27.37 14.15
CA ARG A 140 26.17 28.04 14.80
C ARG A 140 26.48 27.42 16.14
N TRP A 141 25.45 27.07 16.90
CA TRP A 141 25.66 26.44 18.20
C TRP A 141 26.37 25.11 18.07
N VAL A 142 25.90 24.24 17.18
CA VAL A 142 26.60 22.97 16.95
C VAL A 142 28.05 23.24 16.54
N ALA A 143 28.26 24.25 15.69
CA ALA A 143 29.60 24.56 15.17
C ALA A 143 30.54 25.02 16.28
N SER A 144 30.01 25.41 17.43
CA SER A 144 30.82 25.89 18.56
C SER A 144 31.29 24.76 19.48
N SER A 145 30.96 23.51 19.18
CA SER A 145 31.35 22.37 19.99
C SER A 145 30.99 22.58 21.47
N PRO A 146 29.71 22.82 21.76
CA PRO A 146 29.30 22.98 23.16
C PRO A 146 29.41 21.66 23.91
N SER A 147 29.58 21.76 25.23
CA SER A 147 29.77 20.56 26.02
C SER A 147 28.53 19.69 26.03
N GLU A 148 27.34 20.30 25.93
CA GLU A 148 26.10 19.53 25.92
C GLU A 148 26.05 18.56 24.75
N LEU A 149 26.74 18.88 23.66
CA LEU A 149 26.70 18.02 22.47
C LEU A 149 27.47 16.72 22.69
N GLY A 150 28.58 16.78 23.42
CA GLY A 150 29.39 15.60 23.65
C GLY A 150 30.20 15.16 22.46
N ARG A 151 30.23 15.95 21.39
CA ARG A 151 31.06 15.74 20.22
C ARG A 151 31.73 17.05 19.91
N THR A 152 32.90 16.98 19.29
CA THR A 152 33.55 18.17 18.78
C THR A 152 33.36 18.23 17.28
N ALA A 153 32.97 19.40 16.79
CA ALA A 153 32.74 19.62 15.38
C ALA A 153 33.98 20.25 14.76
N SER A 154 34.51 19.62 13.73
CA SER A 154 35.54 20.24 12.90
C SER A 154 34.97 20.98 11.71
N GLY A 155 33.68 20.80 11.45
CA GLY A 155 32.98 21.40 10.34
C GLY A 155 31.52 21.03 10.51
N VAL A 156 30.67 21.70 9.75
CA VAL A 156 29.25 21.34 9.78
C VAL A 156 28.80 21.01 8.37
N ILE A 157 27.76 20.17 8.31
CA ILE A 157 27.16 19.73 7.06
C ILE A 157 25.66 19.99 7.13
N PRO A 158 25.21 21.14 6.64
CA PRO A 158 23.76 21.41 6.58
C PRO A 158 23.09 20.53 5.54
N ILE A 159 21.93 19.97 5.93
CA ILE A 159 21.19 19.08 5.05
C ILE A 159 19.72 19.24 5.40
N GLY A 160 18.86 19.09 4.40
CA GLY A 160 17.43 19.10 4.66
C GLY A 160 16.65 18.94 3.38
N ASP A 161 15.40 18.54 3.55
CA ASP A 161 14.50 18.28 2.43
C ASP A 161 13.47 19.40 2.27
N SER A 162 13.29 19.85 1.02
CA SER A 162 12.21 20.77 0.63
C SER A 162 12.48 22.04 1.45
N ALA A 163 11.49 22.55 2.20
CA ALA A 163 11.76 23.72 3.01
C ALA A 163 13.10 23.60 3.73
N GLY A 164 13.44 22.40 4.21
CA GLY A 164 14.72 22.19 4.87
C GLY A 164 15.89 22.29 3.92
N GLY A 165 15.65 22.07 2.62
CA GLY A 165 16.67 22.26 1.61
C GLY A 165 16.86 23.75 1.31
N ASN A 166 15.75 24.50 1.33
CA ASN A 166 15.83 25.96 1.33
C ASN A 166 16.66 26.45 2.51
N ALA A 167 16.36 25.95 3.71
CA ALA A 167 17.09 26.36 4.91
C ALA A 167 18.56 26.00 4.81
N THR A 168 18.86 24.81 4.28
CA THR A 168 20.26 24.39 4.04
C THR A 168 21.05 25.46 3.31
N ILE A 169 20.50 25.94 2.18
CA ILE A 169 21.22 26.88 1.34
C ILE A 169 21.34 28.23 2.04
N VAL A 170 20.25 28.67 2.66
CA VAL A 170 20.26 29.96 3.34
C VAL A 170 21.28 29.94 4.48
N VAL A 171 21.26 28.89 5.32
CA VAL A 171 22.22 28.76 6.40
C VAL A 171 23.65 28.78 5.86
N SER A 172 23.91 28.04 4.78
CA SER A 172 25.27 28.04 4.24
C SER A 172 25.68 29.45 3.77
N GLN A 173 24.74 30.20 3.20
CA GLN A 173 25.05 31.58 2.78
C GLN A 173 25.29 32.47 3.99
N LEU A 174 24.47 32.33 5.04
CA LEU A 174 24.62 33.19 6.21
C LEU A 174 25.94 32.91 6.91
N LEU A 175 26.31 31.62 7.03
CA LEU A 175 27.59 31.29 7.65
C LEU A 175 28.76 31.60 6.73
N GLY A 176 28.53 31.64 5.41
CA GLY A 176 29.57 32.06 4.51
C GLY A 176 29.92 33.52 4.72
N ALA A 177 28.90 34.35 4.95
CA ALA A 177 29.09 35.78 5.11
C ALA A 177 29.62 36.11 6.48
N LYS A 178 29.21 35.35 7.49
CA LYS A 178 29.64 35.61 8.87
C LYS A 178 29.96 34.25 9.48
N PRO A 179 31.21 33.83 9.39
CA PRO A 179 31.53 32.44 9.73
C PRO A 179 31.18 32.07 11.17
N ALA A 180 30.80 30.80 11.33
CA ALA A 180 30.72 30.17 12.63
C ALA A 180 32.12 29.74 13.06
N ASP A 181 32.20 29.00 14.16
CA ASP A 181 33.50 28.62 14.71
C ASP A 181 34.26 27.64 13.81
N VAL A 182 33.54 26.86 13.00
CA VAL A 182 34.11 25.98 11.98
C VAL A 182 33.32 26.21 10.69
N PRO A 183 33.87 25.81 9.55
CA PRO A 183 33.20 26.09 8.28
C PRO A 183 32.11 25.08 7.95
N VAL A 184 31.28 25.47 6.99
CA VAL A 184 30.41 24.53 6.28
C VAL A 184 31.31 23.77 5.29
N VAL A 185 31.48 22.47 5.51
CA VAL A 185 32.37 21.68 4.63
C VAL A 185 31.64 21.02 3.47
N LEU A 186 30.31 21.00 3.49
CA LEU A 186 29.47 20.35 2.50
C LEU A 186 28.04 20.75 2.83
N GLN A 187 27.25 21.07 1.83
CA GLN A 187 25.81 21.24 2.03
C GLN A 187 25.05 20.27 1.14
N VAL A 188 23.91 19.80 1.65
CA VAL A 188 23.11 18.81 0.91
C VAL A 188 21.64 19.23 0.84
N PRO A 189 21.27 20.17 -0.05
CA PRO A 189 19.86 20.52 -0.21
C PRO A 189 19.15 19.46 -1.05
N ILE A 190 18.12 18.86 -0.46
CA ILE A 190 17.38 17.76 -1.08
C ILE A 190 16.01 18.30 -1.48
N PHE A 191 15.66 18.12 -2.75
CA PHE A 191 14.56 18.77 -3.49
C PHE A 191 14.22 20.15 -2.93
N PRO A 192 15.19 21.05 -2.93
CA PRO A 192 15.04 22.35 -2.28
C PRO A 192 14.19 23.33 -3.06
N LEU A 193 13.65 24.28 -2.33
CA LEU A 193 13.12 25.51 -2.92
C LEU A 193 14.24 26.54 -2.89
N ALA A 194 14.78 26.87 -4.06
CA ALA A 194 15.84 27.85 -4.18
C ALA A 194 15.41 29.10 -4.95
N SER A 195 14.85 28.91 -6.15
CA SER A 195 14.16 29.97 -6.87
C SER A 195 12.66 29.81 -6.70
N ASP A 196 11.94 30.91 -6.91
CA ASP A 196 10.48 30.87 -6.88
C ASP A 196 9.95 29.88 -7.93
N ALA A 197 9.13 28.94 -7.50
CA ALA A 197 8.57 27.94 -8.40
C ALA A 197 7.45 28.49 -9.27
N VAL A 198 6.83 29.60 -8.88
CA VAL A 198 5.76 30.15 -9.69
C VAL A 198 6.27 30.43 -11.09
N GLY A 199 5.53 29.98 -12.08
CA GLY A 199 5.90 30.13 -13.47
C GLY A 199 6.79 29.04 -14.02
N SER A 200 7.29 28.12 -13.19
CA SER A 200 8.21 27.10 -13.69
C SER A 200 7.45 26.03 -14.46
N ALA A 201 8.13 25.40 -15.40
CA ALA A 201 7.50 24.35 -16.19
C ALA A 201 7.19 23.14 -15.32
N SER A 202 8.07 22.82 -14.35
CA SER A 202 7.79 21.68 -13.47
C SER A 202 6.55 21.90 -12.62
N LEU A 203 6.33 23.14 -12.17
CA LEU A 203 5.16 23.39 -11.31
C LEU A 203 3.86 23.12 -12.07
N GLU A 204 3.78 23.56 -13.32
CA GLU A 204 2.62 23.26 -14.16
C GLU A 204 2.50 21.77 -14.48
N ALA A 205 3.61 21.10 -14.79
CA ALA A 205 3.55 19.72 -15.22
C ALA A 205 3.13 18.78 -14.09
N PHE A 206 3.52 19.10 -12.85
CA PHE A 206 3.35 18.17 -11.74
C PHE A 206 2.47 18.79 -10.65
N ALA A 207 1.54 19.66 -11.07
CA ALA A 207 0.73 20.45 -10.13
C ALA A 207 -0.21 19.57 -9.29
N GLU A 208 -0.64 18.42 -9.82
CA GLU A 208 -1.52 17.51 -9.10
C GLU A 208 -1.07 16.07 -9.28
N GLY A 209 -1.27 15.28 -8.24
CA GLY A 209 -1.07 13.84 -8.33
C GLY A 209 0.33 13.36 -8.10
N PHE A 210 1.24 14.20 -7.63
CA PHE A 210 2.65 13.81 -7.40
C PHE A 210 3.10 14.11 -5.97
N VAL A 211 2.26 13.76 -4.99
CA VAL A 211 2.47 13.92 -3.52
C VAL A 211 2.45 15.42 -3.15
N LEU A 212 3.46 16.20 -3.54
CA LEU A 212 3.46 17.65 -3.30
C LEU A 212 2.63 18.29 -4.40
N THR A 213 1.58 19.01 -4.04
CA THR A 213 0.73 19.66 -5.02
C THR A 213 0.94 21.16 -5.04
N LYS A 214 0.54 21.75 -6.16
CA LYS A 214 0.53 23.20 -6.26
C LYS A 214 -0.31 23.82 -5.16
N ALA A 215 -1.43 23.18 -4.82
CA ALA A 215 -2.28 23.70 -3.74
C ALA A 215 -1.53 23.75 -2.40
N SER A 216 -0.76 22.69 -2.10
CA SER A 216 0.01 22.70 -0.87
C SER A 216 1.11 23.75 -0.92
N ILE A 217 1.77 23.89 -2.07
CA ILE A 217 2.81 24.91 -2.22
C ILE A 217 2.23 26.29 -1.92
N GLU A 218 1.04 26.57 -2.45
CA GLU A 218 0.37 27.85 -2.21
C GLU A 218 -0.03 28.01 -0.74
N PHE A 219 -0.56 26.95 -0.11
CA PHE A 219 -0.88 26.97 1.32
C PHE A 219 0.34 27.33 2.15
N PHE A 220 1.47 26.68 1.86
CA PHE A 220 2.69 26.96 2.62
C PHE A 220 3.15 28.39 2.40
N ASP A 221 3.15 28.84 1.15
CA ASP A 221 3.58 30.18 0.81
C ASP A 221 2.76 31.25 1.55
N THR A 222 1.44 31.06 1.59
CA THR A 222 0.57 32.01 2.27
C THR A 222 0.84 32.08 3.77
N ALA A 223 1.19 30.94 4.37
CA ALA A 223 1.47 30.92 5.81
C ALA A 223 2.82 31.56 6.13
N TYR A 224 3.84 31.24 5.33
CA TYR A 224 5.22 31.61 5.65
C TYR A 224 5.51 33.06 5.33
N LYS A 225 4.99 33.57 4.23
CA LYS A 225 5.10 35.00 3.89
C LYS A 225 6.55 35.44 3.66
N ALA A 226 7.29 34.65 2.90
CA ALA A 226 8.63 35.07 2.50
C ALA A 226 8.56 36.11 1.40
N ASP A 227 9.39 37.14 1.53
CA ASP A 227 9.48 38.21 0.55
C ASP A 227 10.26 37.71 -0.67
N ARG A 228 9.68 37.92 -1.85
CA ARG A 228 10.26 37.40 -3.10
C ARG A 228 11.62 38.01 -3.42
N ALA A 229 11.94 39.14 -2.82
CA ALA A 229 13.21 39.81 -3.09
C ALA A 229 14.26 39.53 -2.02
N ASP A 230 13.90 38.77 -1.00
CA ASP A 230 14.77 38.50 0.13
C ASP A 230 15.54 37.20 -0.12
N PRO A 231 16.89 37.22 -0.16
CA PRO A 231 17.65 35.98 -0.40
C PRO A 231 17.52 34.94 0.71
N ARG A 232 17.04 35.33 1.90
CA ARG A 232 16.72 34.37 2.95
C ARG A 232 15.45 33.59 2.67
N GLY A 233 14.62 34.09 1.76
CA GLY A 233 13.41 33.42 1.32
C GLY A 233 13.70 32.66 0.04
N PHE A 234 14.46 33.26 -0.89
CA PHE A 234 14.72 32.66 -2.20
C PHE A 234 16.21 32.73 -2.44
N PRO A 235 16.97 31.73 -1.99
CA PRO A 235 18.43 31.87 -1.95
C PRO A 235 19.11 31.77 -3.30
N ILE A 236 18.37 31.53 -4.39
CA ILE A 236 18.92 31.73 -5.72
C ILE A 236 19.40 33.16 -5.86
N LEU A 237 18.81 34.10 -5.11
CA LEU A 237 19.18 35.50 -5.21
C LEU A 237 20.50 35.81 -4.51
N GLY A 238 21.06 34.88 -3.74
CA GLY A 238 22.21 35.16 -2.92
C GLY A 238 23.50 35.09 -3.73
N ASP A 239 24.60 35.32 -3.02
CA ASP A 239 25.94 35.31 -3.63
C ASP A 239 26.47 33.89 -3.62
N HIS A 240 26.69 33.33 -4.81
CA HIS A 240 27.14 31.93 -4.94
C HIS A 240 28.64 31.78 -5.08
N THR A 241 29.39 32.89 -5.11
CA THR A 241 30.80 32.85 -5.51
C THR A 241 31.69 32.09 -4.53
N ALA A 242 31.28 31.92 -3.28
CA ALA A 242 32.03 31.12 -2.32
C ALA A 242 31.19 29.98 -1.73
N ALA A 243 30.19 29.52 -2.47
CA ALA A 243 29.37 28.44 -1.95
C ALA A 243 30.22 27.23 -1.60
N PRO A 244 29.92 26.53 -0.53
CA PRO A 244 30.66 25.35 -0.16
C PRO A 244 30.36 24.20 -1.12
N PRO A 245 31.15 23.13 -1.04
CA PRO A 245 30.85 21.94 -1.86
C PRO A 245 29.41 21.53 -1.64
N THR A 246 28.73 21.20 -2.73
CA THR A 246 27.28 20.98 -2.69
C THR A 246 26.88 19.69 -3.37
N ILE A 247 25.87 19.04 -2.80
CA ILE A 247 25.12 17.98 -3.47
C ILE A 247 23.68 18.44 -3.55
N VAL A 248 23.17 18.65 -4.76
CA VAL A 248 21.76 18.96 -4.99
C VAL A 248 21.08 17.70 -5.47
N ALA A 249 20.04 17.26 -4.77
CA ALA A 249 19.27 16.09 -5.17
C ALA A 249 17.85 16.55 -5.45
N THR A 250 17.33 16.15 -6.61
CA THR A 250 15.97 16.49 -7.01
C THR A 250 15.23 15.22 -7.40
N ALA A 251 13.94 15.38 -7.71
CA ALA A 251 13.12 14.29 -8.23
C ALA A 251 12.52 14.70 -9.57
N SER A 252 12.47 13.77 -10.52
CA SER A 252 12.07 14.12 -11.87
C SER A 252 10.59 14.49 -11.94
N LEU A 253 9.78 14.05 -10.98
CA LEU A 253 8.34 14.33 -10.96
C LEU A 253 7.96 15.43 -9.96
N ASP A 254 8.89 16.23 -9.53
CA ASP A 254 8.66 17.23 -8.48
C ASP A 254 8.17 18.53 -9.09
N PRO A 255 7.04 19.12 -8.65
CA PRO A 255 6.70 20.46 -9.15
C PRO A 255 7.77 21.51 -8.88
N ILE A 256 8.62 21.34 -7.87
CA ILE A 256 9.69 22.31 -7.63
C ILE A 256 11.04 21.79 -8.12
N ARG A 257 11.03 20.76 -8.96
CA ARG A 257 12.26 20.23 -9.56
C ARG A 257 13.09 21.34 -10.21
N ASP A 258 12.44 22.24 -10.94
CA ASP A 258 13.20 23.22 -11.72
C ASP A 258 13.89 24.23 -10.81
N SER A 259 13.40 24.39 -9.57
CA SER A 259 14.06 25.25 -8.59
C SER A 259 15.43 24.66 -8.20
N GLY A 260 15.48 23.34 -8.02
CA GLY A 260 16.74 22.66 -7.78
C GLY A 260 17.67 22.71 -8.98
N ARG A 261 17.14 22.45 -10.18
CA ARG A 261 17.93 22.64 -11.39
C ARG A 261 18.53 24.04 -11.44
N ASP A 262 17.71 25.06 -11.20
CA ASP A 262 18.22 26.43 -11.23
C ASP A 262 19.38 26.62 -10.26
N TYR A 263 19.27 26.08 -9.04
CA TYR A 263 20.32 26.30 -8.05
C TYR A 263 21.63 25.64 -8.48
N ALA A 264 21.58 24.40 -8.94
CA ALA A 264 22.81 23.74 -9.35
C ALA A 264 23.44 24.44 -10.56
N LYS A 265 22.63 24.92 -11.50
CA LYS A 265 23.16 25.70 -12.61
C LYS A 265 23.86 26.96 -12.12
N ALA A 266 23.29 27.63 -11.13
CA ALA A 266 23.93 28.84 -10.61
C ALA A 266 25.27 28.53 -9.93
N LEU A 267 25.36 27.39 -9.26
CA LEU A 267 26.63 27.01 -8.66
C LEU A 267 27.68 26.74 -9.74
N VAL A 268 27.31 26.03 -10.81
CA VAL A 268 28.26 25.81 -11.91
C VAL A 268 28.68 27.14 -12.53
N GLU A 269 27.70 28.01 -12.78
CA GLU A 269 27.96 29.33 -13.34
C GLU A 269 28.97 30.10 -12.51
N ALA A 270 28.95 29.93 -11.19
CA ALA A 270 29.87 30.59 -10.29
C ALA A 270 31.16 29.79 -10.07
N GLY A 271 31.34 28.68 -10.79
CA GLY A 271 32.57 27.89 -10.64
C GLY A 271 32.67 27.05 -9.40
N ARG A 272 31.56 26.65 -8.78
CA ARG A 272 31.58 25.93 -7.53
C ARG A 272 31.41 24.43 -7.77
N ASP A 273 31.96 23.61 -6.86
CA ASP A 273 31.89 22.17 -7.03
C ASP A 273 30.50 21.70 -6.64
N VAL A 274 29.86 20.93 -7.50
CA VAL A 274 28.49 20.49 -7.22
C VAL A 274 28.22 19.14 -7.87
N VAL A 275 27.54 18.28 -7.11
CA VAL A 275 26.96 17.04 -7.61
C VAL A 275 25.47 17.28 -7.79
N TYR A 276 24.97 17.08 -9.00
CA TYR A 276 23.55 17.22 -9.29
C TYR A 276 23.01 15.83 -9.60
N LEU A 277 22.05 15.36 -8.80
CA LEU A 277 21.41 14.07 -8.97
C LEU A 277 19.93 14.28 -9.06
N GLU A 278 19.33 13.86 -10.18
CA GLU A 278 17.89 14.01 -10.37
C GLU A 278 17.33 12.61 -10.43
N MET A 279 16.64 12.19 -9.37
CA MET A 279 16.16 10.83 -9.27
C MET A 279 14.99 10.61 -10.24
N GLU A 280 15.03 9.50 -10.98
CA GLU A 280 14.16 9.31 -12.12
C GLU A 280 12.95 8.47 -11.72
N GLY A 281 11.76 8.98 -12.02
CA GLY A 281 10.53 8.23 -11.81
C GLY A 281 9.98 8.27 -10.41
N VAL A 282 10.48 9.18 -9.56
CA VAL A 282 9.98 9.35 -8.20
C VAL A 282 9.63 10.81 -7.97
N THR A 283 8.91 11.04 -6.89
CA THR A 283 8.37 12.33 -6.55
C THR A 283 9.17 13.04 -5.47
N HIS A 284 8.78 14.29 -5.23
CA HIS A 284 9.04 14.98 -3.97
C HIS A 284 8.78 14.03 -2.80
N SER A 285 9.50 14.21 -1.70
CA SER A 285 9.34 13.46 -0.46
C SER A 285 9.92 12.07 -0.55
N PHE A 286 10.72 11.74 -1.57
CA PHE A 286 11.18 10.36 -1.70
C PHE A 286 12.04 9.89 -0.53
N THR A 287 12.67 10.82 0.22
CA THR A 287 13.50 10.43 1.35
C THR A 287 12.71 9.84 2.52
N ASN A 288 11.40 10.04 2.57
CA ASN A 288 10.60 9.67 3.73
C ASN A 288 9.47 8.71 3.36
N ILE A 289 9.56 8.06 2.21
CA ILE A 289 8.54 7.07 1.80
C ILE A 289 9.22 5.76 1.46
N ARG A 290 10.28 5.43 2.20
CA ARG A 290 11.17 4.35 1.79
C ARG A 290 10.62 2.96 2.07
N ALA A 291 9.53 2.83 2.83
CA ALA A 291 8.84 1.54 2.97
C ALA A 291 7.72 1.39 1.94
N ALA A 292 6.95 2.44 1.74
CA ALA A 292 5.85 2.38 0.80
C ALA A 292 6.35 2.27 -0.63
N VAL A 293 7.47 2.90 -0.93
CA VAL A 293 8.06 2.89 -2.26
C VAL A 293 9.49 2.39 -2.07
N PRO A 294 9.71 1.07 -2.03
CA PRO A 294 11.01 0.55 -1.59
C PRO A 294 12.18 1.03 -2.41
N SER A 295 11.97 1.41 -3.68
CA SER A 295 13.09 1.80 -4.53
C SER A 295 13.69 3.14 -4.08
N THR A 296 12.96 3.91 -3.27
CA THR A 296 13.51 5.18 -2.82
C THR A 296 14.63 5.00 -1.80
N GLN A 297 14.73 3.83 -1.15
CA GLN A 297 15.89 3.60 -0.31
C GLN A 297 17.17 3.70 -1.14
N GLY A 298 17.13 3.16 -2.35
CA GLY A 298 18.30 3.26 -3.23
C GLY A 298 18.63 4.69 -3.61
N ASP A 299 17.60 5.53 -3.80
CA ASP A 299 17.83 6.95 -4.08
C ASP A 299 18.55 7.63 -2.93
N LEU A 300 18.11 7.37 -1.68
CA LEU A 300 18.81 7.91 -0.52
C LEU A 300 20.25 7.41 -0.44
N GLU A 301 20.47 6.13 -0.75
CA GLU A 301 21.82 5.59 -0.69
C GLU A 301 22.73 6.24 -1.72
N ARG A 302 22.19 6.71 -2.85
CA ARG A 302 23.00 7.43 -3.83
C ARG A 302 23.46 8.78 -3.26
N ILE A 303 22.57 9.48 -2.57
CA ILE A 303 22.96 10.73 -1.90
C ILE A 303 24.07 10.46 -0.88
N ILE A 304 23.91 9.40 -0.08
CA ILE A 304 24.90 9.02 0.93
C ILE A 304 26.27 8.80 0.27
N ALA A 305 26.29 8.05 -0.83
CA ALA A 305 27.55 7.79 -1.51
C ALA A 305 28.17 9.09 -2.05
N ALA A 306 27.34 9.99 -2.60
CA ALA A 306 27.87 11.28 -3.05
C ALA A 306 28.42 12.10 -1.90
N MET A 307 27.76 12.05 -0.72
CA MET A 307 28.25 12.77 0.45
C MET A 307 29.61 12.25 0.88
N LYS A 308 29.78 10.92 0.92
CA LYS A 308 31.07 10.38 1.33
C LYS A 308 32.16 10.79 0.35
N MET A 309 31.84 10.78 -0.94
CA MET A 309 32.83 11.15 -1.96
C MET A 309 33.21 12.62 -1.81
N MET A 310 32.23 13.50 -1.63
CA MET A 310 32.53 14.92 -1.51
C MET A 310 33.25 15.27 -0.22
N LEU A 311 33.12 14.44 0.82
CA LEU A 311 33.86 14.68 2.06
C LEU A 311 35.28 14.14 2.00
N GLY A 312 35.59 13.27 1.04
CA GLY A 312 36.94 12.82 0.78
C GLY A 312 37.70 12.40 2.02
N THR B 4 44.06 39.87 -8.61
CA THR B 4 44.63 38.93 -9.61
C THR B 4 44.07 37.53 -9.33
N PRO B 5 43.95 36.65 -10.34
CA PRO B 5 43.36 35.33 -10.13
C PRO B 5 44.22 34.48 -9.19
N PHE B 6 43.60 33.64 -8.37
CA PHE B 6 44.33 32.74 -7.45
C PHE B 6 45.12 31.71 -8.27
N ILE B 7 46.41 31.53 -7.98
CA ILE B 7 47.26 30.52 -8.59
C ILE B 7 47.99 29.82 -7.47
N ARG B 8 47.99 28.50 -7.47
CA ARG B 8 48.73 27.76 -6.48
C ARG B 8 50.23 28.07 -6.62
N PRO B 9 50.98 27.98 -5.53
CA PRO B 9 52.42 28.30 -5.64
C PRO B 9 53.18 27.39 -6.58
N ASP B 10 52.93 26.08 -6.54
CA ASP B 10 53.66 25.21 -7.47
C ASP B 10 53.23 25.47 -8.90
N MET B 11 51.95 25.72 -9.14
CA MET B 11 51.47 26.08 -10.47
C MET B 11 52.12 27.35 -10.98
N LYS B 12 52.19 28.37 -10.13
CA LYS B 12 52.77 29.64 -10.51
C LYS B 12 54.25 29.48 -10.90
N ALA B 13 54.97 28.67 -10.14
CA ALA B 13 56.39 28.43 -10.47
C ALA B 13 56.54 27.79 -11.85
N PHE B 14 55.68 26.84 -12.17
CA PHE B 14 55.70 26.20 -13.50
C PHE B 14 55.43 27.26 -14.56
N LEU B 15 54.43 28.11 -14.36
CA LEU B 15 54.11 29.13 -15.36
C LEU B 15 55.28 30.11 -15.52
N GLU B 16 55.92 30.47 -14.41
CA GLU B 16 57.03 31.42 -14.47
C GLU B 16 58.23 30.83 -15.21
N ALA B 17 58.49 29.55 -15.02
CA ALA B 17 59.57 28.91 -15.76
C ALA B 17 59.25 28.87 -17.26
N ILE B 18 58.01 28.55 -17.62
CA ILE B 18 57.62 28.61 -19.02
C ILE B 18 57.83 30.01 -19.58
N ALA B 19 57.46 31.04 -18.80
CA ALA B 19 57.58 32.41 -19.30
C ALA B 19 59.05 32.77 -19.51
N ALA B 20 59.93 32.31 -18.61
CA ALA B 20 61.36 32.60 -18.73
C ALA B 20 61.97 31.94 -19.96
N MET B 21 61.45 30.79 -20.36
CA MET B 21 61.95 30.11 -21.56
C MET B 21 61.59 30.92 -22.81
N ALA B 22 60.47 31.65 -22.78
CA ALA B 22 60.00 32.51 -23.87
C ALA B 22 60.11 31.80 -25.22
N GLY B 23 59.49 30.65 -25.35
CA GLY B 23 59.56 29.86 -26.54
C GLY B 23 58.58 30.30 -27.61
N PRO B 24 58.68 29.69 -28.78
CA PRO B 24 57.84 30.13 -29.91
C PRO B 24 56.39 29.68 -29.75
N THR B 25 55.51 30.43 -30.40
CA THR B 25 54.12 30.04 -30.55
C THR B 25 53.99 28.85 -31.49
N LEU B 26 52.81 28.24 -31.47
CA LEU B 26 52.52 27.14 -32.40
C LEU B 26 52.61 27.61 -33.84
N ALA B 27 52.18 28.85 -34.12
CA ALA B 27 52.23 29.37 -35.48
C ALA B 27 53.68 29.58 -35.95
N GLU B 28 54.58 29.95 -35.04
CA GLU B 28 55.99 30.16 -35.38
C GLU B 28 56.76 28.86 -35.57
N MET B 29 56.17 27.71 -35.26
CA MET B 29 56.85 26.45 -35.41
C MET B 29 56.32 25.72 -36.64
N THR B 30 57.09 24.74 -37.09
CA THR B 30 56.57 23.80 -38.04
C THR B 30 55.64 22.82 -37.32
N LEU B 31 54.79 22.13 -38.09
CA LEU B 31 53.94 21.11 -37.52
C LEU B 31 54.75 20.12 -36.70
N GLU B 32 55.83 19.58 -37.30
CA GLU B 32 56.64 18.57 -36.65
C GLU B 32 57.30 19.13 -35.39
N GLU B 33 57.73 20.39 -35.42
CA GLU B 33 58.33 21.00 -34.24
C GLU B 33 57.28 21.16 -33.13
N ALA B 34 56.07 21.55 -33.49
CA ALA B 34 55.01 21.72 -32.50
C ALA B 34 54.70 20.39 -31.84
N ARG B 35 54.52 19.35 -32.63
CA ARG B 35 54.22 18.03 -32.08
C ARG B 35 55.33 17.53 -31.17
N ALA B 36 56.60 17.71 -31.57
CA ALA B 36 57.71 17.28 -30.72
C ALA B 36 57.78 18.13 -29.46
N SER B 37 57.47 19.41 -29.57
CA SER B 37 57.46 20.31 -28.42
C SER B 37 56.49 19.81 -27.34
N TYR B 38 55.31 19.39 -27.75
CA TYR B 38 54.31 18.84 -26.83
C TYR B 38 54.79 17.53 -26.23
N VAL B 39 55.38 16.65 -27.05
CA VAL B 39 55.98 15.42 -26.52
C VAL B 39 56.97 15.75 -25.42
N ALA B 40 57.75 16.80 -25.60
CA ALA B 40 58.81 17.11 -24.65
C ALA B 40 58.25 17.72 -23.38
N LEU B 41 57.23 18.58 -23.53
CA LEU B 41 56.54 19.18 -22.39
C LEU B 41 56.05 18.10 -21.43
N HIS B 42 55.16 17.23 -21.92
CA HIS B 42 54.63 16.17 -21.08
C HIS B 42 55.71 15.21 -20.62
N GLY B 43 56.73 14.96 -21.46
CA GLY B 43 57.79 14.05 -21.06
C GLY B 43 58.50 14.52 -19.80
N MET B 44 58.72 15.83 -19.70
CA MET B 44 59.35 16.34 -18.50
C MET B 44 58.35 16.64 -17.39
N ALA B 45 57.15 17.13 -17.74
CA ALA B 45 56.23 17.67 -16.75
C ALA B 45 55.40 16.62 -16.05
N ASP B 46 55.11 15.50 -16.72
CA ASP B 46 54.19 14.54 -16.10
C ASP B 46 54.94 13.54 -15.24
N ARG B 47 54.20 12.94 -14.32
CA ARG B 47 54.73 11.86 -13.53
C ARG B 47 55.04 10.67 -14.43
N PRO B 48 55.93 9.80 -13.99
CA PRO B 48 56.30 8.63 -14.79
C PRO B 48 55.15 7.64 -14.93
N ALA B 49 55.28 6.79 -15.94
CA ALA B 49 54.32 5.72 -16.17
C ALA B 49 54.26 4.80 -14.95
N ARG B 50 53.06 4.34 -14.64
CA ARG B 50 52.86 3.26 -13.70
C ARG B 50 53.22 1.95 -14.37
N GLU B 51 53.78 1.03 -13.59
CA GLU B 51 53.97 -0.33 -14.08
C GLU B 51 52.63 -1.04 -14.11
N LEU B 52 52.35 -1.69 -15.23
CA LEU B 52 51.09 -2.41 -15.43
C LEU B 52 51.39 -3.77 -16.03
N ALA B 53 50.57 -4.75 -15.67
CA ALA B 53 50.68 -6.08 -16.26
C ALA B 53 50.52 -6.05 -17.78
N VAL B 54 49.59 -5.23 -18.29
CA VAL B 54 49.27 -5.17 -19.71
C VAL B 54 49.45 -3.76 -20.21
N ILE B 55 50.33 -3.58 -21.18
CA ILE B 55 50.39 -2.38 -22.02
C ILE B 55 50.62 -2.91 -23.43
N ARG B 56 49.59 -2.85 -24.27
CA ARG B 56 49.58 -3.64 -25.49
C ARG B 56 48.99 -2.86 -26.64
N ASN B 57 49.71 -2.80 -27.75
CA ASN B 57 49.18 -2.13 -28.92
C ASN B 57 48.18 -3.03 -29.63
N LEU B 58 47.04 -2.47 -30.00
CA LEU B 58 46.00 -3.14 -30.74
C LEU B 58 45.64 -2.25 -31.91
N SER B 59 44.66 -2.67 -32.71
CA SER B 59 44.14 -1.83 -33.77
C SER B 59 42.74 -2.32 -34.08
N CYS B 60 41.94 -1.46 -34.72
CA CYS B 60 40.60 -1.84 -35.13
C CYS B 60 40.29 -1.19 -36.46
N PRO B 61 39.35 -1.74 -37.21
CA PRO B 61 38.93 -1.10 -38.45
C PRO B 61 38.32 0.26 -38.20
N GLY B 62 38.66 1.21 -39.06
CA GLY B 62 38.08 2.53 -39.05
C GLY B 62 37.54 2.92 -40.41
N PRO B 63 36.89 4.09 -40.49
CA PRO B 63 36.29 4.50 -41.77
C PRO B 63 37.33 4.83 -42.84
N ALA B 64 38.58 5.09 -42.45
CA ALA B 64 39.64 5.41 -43.40
C ALA B 64 40.84 4.48 -43.26
N GLY B 65 40.64 3.29 -42.72
CA GLY B 65 41.73 2.38 -42.44
C GLY B 65 41.83 2.06 -40.95
N ASP B 66 42.80 1.22 -40.64
CA ASP B 66 42.97 0.73 -39.28
C ASP B 66 43.27 1.89 -38.34
N ILE B 67 42.66 1.85 -37.16
CA ILE B 67 42.89 2.84 -36.11
C ILE B 67 43.81 2.22 -35.08
N PRO B 68 45.00 2.77 -34.84
CA PRO B 68 45.86 2.24 -33.77
C PRO B 68 45.25 2.53 -32.39
N LEU B 69 45.38 1.55 -31.49
CA LEU B 69 44.88 1.59 -30.11
C LEU B 69 45.98 1.16 -29.16
N ARG B 70 45.90 1.57 -27.90
CA ARG B 70 46.79 1.01 -26.90
C ARG B 70 45.98 0.61 -25.68
N LEU B 71 46.14 -0.64 -25.25
CA LEU B 71 45.40 -1.19 -24.12
C LEU B 71 46.27 -1.16 -22.87
N TYR B 72 45.69 -0.65 -21.78
CA TYR B 72 46.33 -0.56 -20.49
C TYR B 72 45.47 -1.32 -19.49
N ASP B 73 46.08 -2.24 -18.75
CA ASP B 73 45.34 -2.97 -17.75
C ASP B 73 46.30 -3.42 -16.67
N ALA B 74 45.91 -3.16 -15.42
CA ALA B 74 46.63 -3.67 -14.27
C ALA B 74 46.52 -5.19 -14.15
N ARG B 75 45.56 -5.81 -14.85
CA ARG B 75 45.31 -7.26 -14.79
C ARG B 75 45.44 -7.89 -16.17
N GLU B 76 46.12 -9.04 -16.22
CA GLU B 76 46.15 -9.85 -17.44
C GLU B 76 44.78 -10.45 -17.75
N SER B 77 44.03 -10.80 -16.71
CA SER B 77 42.73 -11.45 -16.84
C SER B 77 41.78 -10.84 -15.82
N ARG B 78 40.59 -10.43 -16.27
CA ARG B 78 39.62 -9.84 -15.35
C ARG B 78 38.20 -10.23 -15.70
N GLU B 79 37.31 -10.01 -14.72
CA GLU B 79 35.88 -10.18 -14.92
C GLU B 79 35.34 -9.11 -15.87
N ALA B 80 34.16 -9.38 -16.40
CA ALA B 80 33.45 -8.41 -17.22
C ALA B 80 33.22 -7.14 -16.40
N GLY B 81 33.29 -6.00 -17.08
CA GLY B 81 33.11 -4.71 -16.44
C GLY B 81 33.21 -3.62 -17.47
N PRO B 82 33.08 -2.38 -17.01
CA PRO B 82 33.22 -1.27 -17.95
C PRO B 82 34.64 -1.17 -18.45
N VAL B 83 34.78 -0.64 -19.66
CA VAL B 83 36.08 -0.34 -20.25
C VAL B 83 36.17 1.14 -20.58
N ILE B 84 37.26 1.77 -20.13
CA ILE B 84 37.52 3.19 -20.35
C ILE B 84 38.07 3.37 -21.75
N THR B 85 37.48 4.30 -22.51
CA THR B 85 37.94 4.62 -23.85
C THR B 85 38.41 6.07 -23.87
N PHE B 86 39.70 6.25 -24.09
CA PHE B 86 40.41 7.50 -23.83
C PHE B 86 40.80 8.16 -25.14
N TYR B 87 40.60 9.48 -25.22
CA TYR B 87 40.96 10.30 -26.39
C TYR B 87 41.84 11.44 -25.91
N HIS B 88 43.06 11.53 -26.45
CA HIS B 88 44.02 12.48 -25.95
C HIS B 88 43.71 13.91 -26.40
N GLY B 89 44.20 14.88 -25.64
CA GLY B 89 44.17 16.27 -26.04
C GLY B 89 45.29 16.64 -27.01
N GLY B 90 45.33 17.91 -27.36
CA GLY B 90 46.21 18.46 -28.37
C GLY B 90 45.53 19.19 -29.52
N GLY B 91 44.29 19.63 -29.30
CA GLY B 91 43.64 20.50 -30.27
C GLY B 91 43.18 19.78 -31.52
N PHE B 92 43.24 18.46 -31.53
CA PHE B 92 43.06 17.63 -32.71
C PHE B 92 44.19 17.79 -33.71
N VAL B 93 45.30 18.42 -33.30
CA VAL B 93 46.44 18.65 -34.18
C VAL B 93 47.70 17.97 -33.66
N ILE B 94 47.94 18.01 -32.35
CA ILE B 94 49.13 17.43 -31.74
C ILE B 94 48.71 16.36 -30.72
N GLY B 95 49.69 15.75 -30.07
CA GLY B 95 49.42 14.63 -29.21
C GLY B 95 49.35 13.31 -29.95
N ASP B 96 49.52 12.22 -29.20
CA ASP B 96 49.39 10.87 -29.72
C ASP B 96 49.31 9.88 -28.56
N LEU B 97 49.56 8.60 -28.81
CA LEU B 97 49.49 7.64 -27.72
C LEU B 97 50.59 7.85 -26.71
N ASP B 98 51.71 8.47 -27.09
CA ASP B 98 52.79 8.62 -26.15
C ASP B 98 52.66 9.86 -25.28
N THR B 99 52.10 10.96 -25.80
CA THR B 99 52.02 12.19 -25.00
C THR B 99 51.15 11.98 -23.76
N HIS B 100 50.18 11.07 -23.83
CA HIS B 100 49.23 10.83 -22.73
C HIS B 100 49.37 9.44 -22.15
N HIS B 101 50.45 8.75 -22.50
CA HIS B 101 50.69 7.40 -22.04
C HIS B 101 50.73 7.31 -20.52
N ASN B 102 51.51 8.18 -19.88
CA ASN B 102 51.68 8.03 -18.45
C ASN B 102 50.35 8.27 -17.73
N LEU B 103 49.58 9.26 -18.19
CA LEU B 103 48.24 9.51 -17.65
C LEU B 103 47.35 8.28 -17.81
N CYS B 104 47.37 7.65 -18.98
CA CYS B 104 46.59 6.43 -19.17
C CYS B 104 47.01 5.35 -18.17
N THR B 105 48.32 5.14 -17.96
CA THR B 105 48.70 4.12 -17.00
C THR B 105 48.18 4.46 -15.61
N GLU B 106 48.12 5.77 -15.28
CA GLU B 106 47.65 6.18 -13.94
C GLU B 106 46.16 5.92 -13.77
N ILE B 107 45.39 6.27 -14.80
CA ILE B 107 43.95 6.00 -14.77
C ILE B 107 43.69 4.50 -14.63
N ALA B 108 44.41 3.68 -15.41
CA ALA B 108 44.22 2.24 -15.30
C ALA B 108 44.61 1.71 -13.93
N ALA B 109 45.74 2.19 -13.38
CA ALA B 109 46.16 1.72 -12.07
C ALA B 109 45.17 2.12 -10.98
N LEU B 110 44.71 3.36 -11.01
CA LEU B 110 43.88 3.87 -9.92
C LEU B 110 42.42 3.38 -10.01
N MET B 111 41.92 3.13 -11.22
CA MET B 111 40.55 2.63 -11.37
C MET B 111 40.46 1.11 -11.31
N ASP B 112 41.55 0.40 -11.57
CA ASP B 112 41.51 -1.05 -11.72
C ASP B 112 40.45 -1.43 -12.76
N LEU B 113 40.46 -0.69 -13.85
CA LEU B 113 39.69 -0.97 -15.05
C LEU B 113 40.63 -0.88 -16.24
N PRO B 114 40.30 -1.54 -17.33
CA PRO B 114 41.10 -1.39 -18.55
C PRO B 114 40.83 -0.07 -19.22
N VAL B 115 41.88 0.47 -19.82
CA VAL B 115 41.85 1.71 -20.56
C VAL B 115 42.32 1.40 -21.98
N VAL B 116 41.57 1.85 -22.97
CA VAL B 116 41.93 1.77 -24.38
C VAL B 116 42.05 3.17 -24.93
N ALA B 117 43.27 3.61 -25.22
CA ALA B 117 43.52 4.89 -25.84
C ALA B 117 43.49 4.79 -27.37
N VAL B 118 43.03 5.87 -27.98
CA VAL B 118 42.76 5.93 -29.41
C VAL B 118 43.75 6.87 -30.10
N ASP B 119 44.45 6.34 -31.10
CA ASP B 119 45.37 7.11 -31.93
C ASP B 119 44.61 7.59 -33.17
N TYR B 120 43.73 8.56 -32.95
CA TYR B 120 42.86 9.06 -34.00
C TYR B 120 43.62 9.98 -34.96
N ARG B 121 43.05 10.14 -36.16
CA ARG B 121 43.65 10.96 -37.20
C ARG B 121 43.69 12.43 -36.81
N LEU B 122 44.79 13.10 -37.17
CA LEU B 122 45.04 14.47 -36.75
C LEU B 122 44.95 15.45 -37.91
N ALA B 123 44.50 16.66 -37.56
CA ALA B 123 44.54 17.81 -38.44
C ALA B 123 45.92 18.45 -38.37
N PRO B 124 46.30 19.25 -39.38
CA PRO B 124 45.54 19.65 -40.58
C PRO B 124 45.49 18.59 -41.68
N GLU B 125 46.29 17.53 -41.57
CA GLU B 125 46.27 16.47 -42.58
C GLU B 125 44.90 15.85 -42.73
N HIS B 126 44.19 15.64 -41.61
CA HIS B 126 42.85 15.06 -41.63
C HIS B 126 41.96 16.00 -40.82
N PRO B 127 41.26 16.92 -41.46
CA PRO B 127 40.45 17.89 -40.71
C PRO B 127 39.18 17.25 -40.19
N PHE B 128 38.45 18.05 -39.42
CA PHE B 128 37.12 17.66 -38.94
C PHE B 128 36.31 17.08 -40.10
N PRO B 129 35.57 15.96 -39.89
CA PRO B 129 35.35 15.21 -38.65
C PRO B 129 36.20 13.95 -38.44
N ALA B 130 37.40 13.91 -39.00
CA ALA B 130 38.20 12.68 -38.99
C ALA B 130 38.42 12.16 -37.56
N ALA B 131 38.87 13.03 -36.66
CA ALA B 131 39.15 12.60 -35.30
C ALA B 131 37.91 11.97 -34.67
N ILE B 132 36.76 12.62 -34.85
CA ILE B 132 35.50 12.13 -34.28
C ILE B 132 35.12 10.78 -34.88
N GLU B 133 35.25 10.65 -36.21
CA GLU B 133 34.93 9.37 -36.81
C GLU B 133 35.76 8.26 -36.20
N ASP B 134 37.05 8.51 -35.98
CA ASP B 134 37.92 7.48 -35.44
C ASP B 134 37.60 7.21 -33.97
N CYS B 135 37.37 8.27 -33.18
CA CYS B 135 37.03 8.03 -31.79
C CYS B 135 35.72 7.25 -31.67
N GLU B 136 34.72 7.57 -32.51
CA GLU B 136 33.47 6.84 -32.46
C GLU B 136 33.69 5.38 -32.84
N ALA B 137 34.43 5.14 -33.93
CA ALA B 137 34.64 3.77 -34.40
C ALA B 137 35.35 2.94 -33.35
N ALA B 138 36.40 3.50 -32.74
CA ALA B 138 37.17 2.74 -31.76
C ALA B 138 36.34 2.43 -30.53
N THR B 139 35.49 3.37 -30.10
CA THR B 139 34.65 3.12 -28.94
C THR B 139 33.62 2.06 -29.22
N ARG B 140 32.98 2.10 -30.39
CA ARG B 140 32.06 1.03 -30.79
C ARG B 140 32.75 -0.32 -30.82
N TRP B 141 33.98 -0.36 -31.37
CA TRP B 141 34.72 -1.63 -31.43
C TRP B 141 34.97 -2.18 -30.03
N VAL B 142 35.47 -1.34 -29.12
CA VAL B 142 35.68 -1.77 -27.74
C VAL B 142 34.37 -2.26 -27.15
N ALA B 143 33.27 -1.53 -27.41
CA ALA B 143 31.96 -1.87 -26.85
C ALA B 143 31.45 -3.21 -27.35
N SER B 144 32.01 -3.73 -28.42
CA SER B 144 31.57 -5.02 -28.94
C SER B 144 32.27 -6.20 -28.30
N SER B 145 33.19 -5.96 -27.38
CA SER B 145 33.92 -7.03 -26.68
C SER B 145 34.57 -7.93 -27.70
N PRO B 146 35.37 -7.42 -28.60
CA PRO B 146 36.03 -8.26 -29.60
C PRO B 146 37.06 -9.19 -28.94
N SER B 147 37.23 -10.37 -29.56
CA SER B 147 38.17 -11.34 -29.00
C SER B 147 39.54 -10.71 -28.73
N GLU B 148 40.02 -9.85 -29.63
CA GLU B 148 41.37 -9.32 -29.52
C GLU B 148 41.56 -8.39 -28.32
N LEU B 149 40.46 -7.85 -27.78
CA LEU B 149 40.53 -6.98 -26.60
C LEU B 149 40.93 -7.75 -25.35
N GLY B 150 40.54 -9.04 -25.24
CA GLY B 150 40.98 -9.85 -24.15
C GLY B 150 40.24 -9.65 -22.84
N ARG B 151 39.20 -8.82 -22.83
CA ARG B 151 38.31 -8.72 -21.69
C ARG B 151 36.92 -8.29 -22.19
N THR B 152 35.90 -8.62 -21.42
CA THR B 152 34.52 -8.32 -21.81
C THR B 152 34.10 -6.96 -21.26
N ALA B 153 33.54 -6.12 -22.12
CA ALA B 153 33.02 -4.82 -21.74
C ALA B 153 31.53 -4.93 -21.47
N SER B 154 31.11 -4.58 -20.25
CA SER B 154 29.70 -4.46 -19.91
C SER B 154 29.16 -3.06 -20.19
N GLY B 155 30.06 -2.11 -20.49
CA GLY B 155 29.73 -0.73 -20.80
C GLY B 155 31.04 -0.04 -21.12
N VAL B 156 30.94 1.18 -21.65
CA VAL B 156 32.15 1.95 -21.94
C VAL B 156 32.10 3.26 -21.17
N ILE B 157 33.29 3.80 -20.92
CA ILE B 157 33.49 5.06 -20.21
C ILE B 157 34.35 5.98 -21.08
N PRO B 158 33.75 6.82 -21.93
CA PRO B 158 34.50 7.78 -22.69
C PRO B 158 35.16 8.80 -21.75
N ILE B 159 36.42 9.14 -22.00
CA ILE B 159 37.19 10.10 -21.18
C ILE B 159 38.26 10.73 -22.07
N GLY B 160 38.59 11.99 -21.84
CA GLY B 160 39.60 12.69 -22.64
C GLY B 160 39.77 14.09 -22.14
N ASP B 161 40.94 14.64 -22.42
CA ASP B 161 41.31 15.97 -21.99
C ASP B 161 41.28 16.91 -23.19
N SER B 162 40.58 18.04 -23.02
CA SER B 162 40.60 19.15 -23.96
C SER B 162 39.98 18.59 -25.24
N ALA B 163 40.66 18.69 -26.38
CA ALA B 163 40.07 18.14 -27.59
C ALA B 163 39.50 16.75 -27.34
N GLY B 164 40.14 15.97 -26.47
CA GLY B 164 39.63 14.66 -26.12
C GLY B 164 38.40 14.70 -25.23
N GLY B 165 38.22 15.79 -24.50
CA GLY B 165 36.95 16.00 -23.78
C GLY B 165 35.83 16.38 -24.72
N ASN B 166 36.14 17.19 -25.73
CA ASN B 166 35.23 17.37 -26.85
C ASN B 166 34.83 16.03 -27.47
N ALA B 167 35.83 15.19 -27.81
CA ALA B 167 35.51 13.90 -28.42
C ALA B 167 34.69 13.03 -27.47
N THR B 168 34.99 13.05 -26.18
CA THR B 168 34.20 12.34 -25.16
C THR B 168 32.70 12.63 -25.28
N ILE B 169 32.33 13.91 -25.29
CA ILE B 169 30.92 14.28 -25.38
C ILE B 169 30.34 13.87 -26.71
N VAL B 170 31.06 14.14 -27.80
CA VAL B 170 30.54 13.81 -29.12
C VAL B 170 30.29 12.32 -29.25
N VAL B 171 31.23 11.50 -28.78
CA VAL B 171 31.06 10.05 -28.81
C VAL B 171 29.83 9.65 -27.99
N SER B 172 29.69 10.21 -26.79
CA SER B 172 28.52 9.87 -25.98
C SER B 172 27.22 10.24 -26.71
N GLN B 173 27.21 11.37 -27.42
CA GLN B 173 26.02 11.75 -28.19
C GLN B 173 25.77 10.78 -29.36
N LEU B 174 26.84 10.39 -30.05
CA LEU B 174 26.68 9.50 -31.21
C LEU B 174 26.23 8.11 -30.78
N LEU B 175 26.81 7.58 -29.70
CA LEU B 175 26.36 6.29 -29.21
C LEU B 175 24.97 6.38 -28.58
N GLY B 176 24.62 7.54 -28.03
CA GLY B 176 23.26 7.71 -27.53
C GLY B 176 22.22 7.61 -28.63
N ALA B 177 22.51 8.20 -29.79
CA ALA B 177 21.56 8.19 -30.91
C ALA B 177 21.52 6.84 -31.60
N LYS B 178 22.68 6.17 -31.70
CA LYS B 178 22.81 4.88 -32.37
C LYS B 178 23.63 3.99 -31.45
N PRO B 179 22.98 3.24 -30.56
CA PRO B 179 23.71 2.52 -29.53
C PRO B 179 24.75 1.56 -30.08
N ALA B 180 25.85 1.44 -29.33
CA ALA B 180 26.81 0.37 -29.52
C ALA B 180 26.26 -0.87 -28.82
N ASP B 181 27.06 -1.95 -28.76
CA ASP B 181 26.58 -3.19 -28.15
C ASP B 181 26.36 -3.06 -26.66
N VAL B 182 27.04 -2.12 -26.00
CA VAL B 182 26.77 -1.84 -24.59
C VAL B 182 26.68 -0.32 -24.44
N PRO B 183 26.09 0.15 -23.35
CA PRO B 183 25.87 1.59 -23.19
C PRO B 183 27.12 2.34 -22.71
N VAL B 184 27.11 3.64 -22.94
CA VAL B 184 27.97 4.56 -22.20
C VAL B 184 27.43 4.65 -20.78
N VAL B 185 28.19 4.14 -19.80
CA VAL B 185 27.72 4.13 -18.42
C VAL B 185 28.15 5.37 -17.66
N LEU B 186 29.12 6.10 -18.20
CA LEU B 186 29.71 7.29 -17.56
C LEU B 186 30.57 7.94 -18.62
N GLN B 187 30.56 9.27 -18.68
CA GLN B 187 31.54 9.99 -19.49
C GLN B 187 32.28 11.00 -18.62
N VAL B 188 33.54 11.24 -18.95
CA VAL B 188 34.40 12.11 -18.15
C VAL B 188 35.12 13.11 -19.05
N PRO B 189 34.44 14.14 -19.54
CA PRO B 189 35.12 15.22 -20.28
C PRO B 189 35.93 16.11 -19.34
N ILE B 190 37.24 16.18 -19.59
CA ILE B 190 38.18 16.92 -18.75
C ILE B 190 38.62 18.15 -19.54
N PHE B 191 38.47 19.30 -18.90
CA PHE B 191 38.59 20.66 -19.48
C PHE B 191 38.19 20.57 -20.95
N PRO B 192 36.94 20.22 -21.26
CA PRO B 192 36.55 20.06 -22.62
C PRO B 192 36.14 21.33 -23.36
N LEU B 193 36.28 21.31 -24.68
CA LEU B 193 35.67 22.30 -25.54
C LEU B 193 34.29 21.77 -25.95
N ALA B 194 33.24 22.33 -25.36
CA ALA B 194 31.87 21.94 -25.66
C ALA B 194 31.13 23.02 -26.45
N SER B 195 31.13 24.25 -25.92
CA SER B 195 30.70 25.44 -26.64
C SER B 195 31.91 26.21 -27.18
N ASP B 196 31.69 26.91 -28.29
CA ASP B 196 32.72 27.79 -28.86
C ASP B 196 33.25 28.77 -27.81
N ALA B 197 34.57 28.82 -27.65
CA ALA B 197 35.17 29.64 -26.61
C ALA B 197 35.19 31.12 -27.00
N VAL B 198 35.01 31.43 -28.28
CA VAL B 198 35.09 32.82 -28.73
C VAL B 198 33.97 33.63 -28.09
N GLY B 199 34.34 34.75 -27.50
CA GLY B 199 33.40 35.58 -26.79
C GLY B 199 33.24 35.28 -25.31
N SER B 200 33.86 34.21 -24.81
CA SER B 200 33.72 33.88 -23.39
C SER B 200 34.61 34.74 -22.52
N ALA B 201 34.15 35.00 -21.30
CA ALA B 201 34.94 35.75 -20.34
C ALA B 201 36.24 35.03 -20.01
N SER B 202 36.21 33.69 -19.92
CA SER B 202 37.43 33.00 -19.54
C SER B 202 38.48 33.12 -20.64
N LEU B 203 38.08 33.17 -21.90
CA LEU B 203 39.07 33.26 -22.97
C LEU B 203 39.85 34.56 -22.88
N GLU B 204 39.16 35.67 -22.59
CA GLU B 204 39.86 36.94 -22.47
C GLU B 204 40.67 37.01 -21.19
N ALA B 205 40.12 36.51 -20.09
CA ALA B 205 40.82 36.60 -18.81
C ALA B 205 42.13 35.81 -18.82
N PHE B 206 42.18 34.68 -19.53
CA PHE B 206 43.33 33.77 -19.48
C PHE B 206 43.95 33.56 -20.86
N ALA B 207 43.84 34.59 -21.70
CA ALA B 207 44.31 34.54 -23.08
C ALA B 207 45.81 34.26 -23.19
N GLU B 208 46.60 34.68 -22.21
CA GLU B 208 48.04 34.48 -22.26
C GLU B 208 48.55 34.05 -20.91
N GLY B 209 49.61 33.25 -20.92
CA GLY B 209 50.33 32.93 -19.70
C GLY B 209 49.81 31.77 -18.87
N PHE B 210 48.80 31.05 -19.35
CA PHE B 210 48.19 29.94 -18.57
C PHE B 210 48.24 28.61 -19.32
N VAL B 211 49.40 28.28 -19.89
CA VAL B 211 49.71 27.04 -20.66
C VAL B 211 48.96 27.06 -21.99
N LEU B 212 47.64 26.94 -22.01
CA LEU B 212 46.83 27.03 -23.23
C LEU B 212 46.57 28.52 -23.46
N THR B 213 46.94 29.01 -24.64
CA THR B 213 46.78 30.42 -24.98
C THR B 213 45.70 30.58 -26.03
N LYS B 214 45.15 31.79 -26.10
CA LYS B 214 44.22 32.13 -27.17
C LYS B 214 44.86 31.90 -28.54
N ALA B 215 46.13 32.24 -28.69
CA ALA B 215 46.83 32.02 -29.94
C ALA B 215 46.81 30.54 -30.35
N SER B 216 47.09 29.66 -29.40
CA SER B 216 47.06 28.23 -29.70
C SER B 216 45.65 27.78 -30.05
N ILE B 217 44.64 28.28 -29.33
CA ILE B 217 43.26 27.92 -29.63
C ILE B 217 42.92 28.29 -31.07
N GLU B 218 43.33 29.49 -31.50
CA GLU B 218 43.11 29.90 -32.89
C GLU B 218 43.87 29.01 -33.86
N PHE B 219 45.10 28.62 -33.51
CA PHE B 219 45.88 27.75 -34.40
C PHE B 219 45.20 26.40 -34.58
N PHE B 220 44.77 25.77 -33.48
CA PHE B 220 44.06 24.51 -33.59
C PHE B 220 42.79 24.65 -34.41
N ASP B 221 42.03 25.72 -34.15
CA ASP B 221 40.76 25.90 -34.84
C ASP B 221 40.97 25.98 -36.35
N THR B 222 41.97 26.76 -36.77
CA THR B 222 42.26 26.91 -38.19
C THR B 222 42.67 25.58 -38.84
N ALA B 223 43.44 24.77 -38.11
CA ALA B 223 43.85 23.47 -38.63
C ALA B 223 42.67 22.50 -38.70
N TYR B 224 41.83 22.47 -37.65
CA TYR B 224 40.80 21.43 -37.57
C TYR B 224 39.59 21.75 -38.42
N LYS B 225 39.24 23.03 -38.55
CA LYS B 225 38.15 23.48 -39.43
C LYS B 225 36.82 22.82 -39.06
N ALA B 226 36.47 22.87 -37.79
CA ALA B 226 35.18 22.35 -37.36
C ALA B 226 34.07 23.31 -37.77
N ASP B 227 32.99 22.74 -38.29
CA ASP B 227 31.78 23.48 -38.64
C ASP B 227 31.09 23.98 -37.38
N ARG B 228 30.95 25.30 -37.25
CA ARG B 228 30.44 25.92 -36.03
C ARG B 228 28.98 25.58 -35.75
N ALA B 229 28.25 25.06 -36.73
CA ALA B 229 26.86 24.68 -36.54
C ALA B 229 26.68 23.19 -36.33
N ASP B 230 27.77 22.43 -36.31
CA ASP B 230 27.69 20.98 -36.28
C ASP B 230 27.89 20.49 -34.85
N PRO B 231 26.95 19.74 -34.28
CA PRO B 231 27.14 19.26 -32.90
C PRO B 231 28.31 18.30 -32.76
N ARG B 232 28.82 17.71 -33.83
CA ARG B 232 30.04 16.91 -33.72
C ARG B 232 31.27 17.79 -33.57
N GLY B 233 31.14 19.07 -33.89
CA GLY B 233 32.20 20.03 -33.65
C GLY B 233 32.03 20.73 -32.32
N PHE B 234 30.80 21.11 -32.00
CA PHE B 234 30.49 21.86 -30.80
C PHE B 234 29.31 21.17 -30.12
N PRO B 235 29.57 20.19 -29.25
CA PRO B 235 28.49 19.34 -28.75
C PRO B 235 27.56 20.01 -27.76
N ILE B 236 27.82 21.25 -27.35
CA ILE B 236 26.79 22.00 -26.62
C ILE B 236 25.52 22.09 -27.46
N LEU B 237 25.67 22.02 -28.79
CA LEU B 237 24.54 22.10 -29.70
C LEU B 237 23.75 20.79 -29.78
N GLY B 238 24.24 19.70 -29.19
CA GLY B 238 23.58 18.43 -29.30
C GLY B 238 22.39 18.29 -28.37
N ASP B 239 21.74 17.14 -28.46
CA ASP B 239 20.58 16.80 -27.64
C ASP B 239 21.06 16.21 -26.32
N HIS B 240 20.82 16.92 -25.22
CA HIS B 240 21.29 16.50 -23.90
C HIS B 240 20.29 15.66 -23.13
N THR B 241 19.09 15.43 -23.68
CA THR B 241 18.01 14.91 -22.86
C THR B 241 18.24 13.48 -22.40
N ALA B 242 19.13 12.74 -23.04
CA ALA B 242 19.48 11.40 -22.56
C ALA B 242 20.98 11.26 -22.32
N ALA B 243 21.65 12.35 -21.98
CA ALA B 243 23.08 12.25 -21.72
C ALA B 243 23.34 11.21 -20.63
N PRO B 244 24.41 10.42 -20.75
CA PRO B 244 24.80 9.51 -19.68
C PRO B 244 25.29 10.24 -18.45
N PRO B 245 25.43 9.55 -17.32
CA PRO B 245 26.04 10.17 -16.13
C PRO B 245 27.38 10.78 -16.52
N THR B 246 27.65 11.95 -15.96
CA THR B 246 28.76 12.78 -16.42
C THR B 246 29.57 13.33 -15.26
N ILE B 247 30.89 13.33 -15.43
CA ILE B 247 31.79 14.13 -14.60
C ILE B 247 32.46 15.14 -15.52
N VAL B 248 32.22 16.43 -15.28
CA VAL B 248 32.89 17.49 -15.99
C VAL B 248 33.94 18.06 -15.05
N ALA B 249 35.22 17.99 -15.43
CA ALA B 249 36.28 18.62 -14.66
C ALA B 249 36.84 19.78 -15.47
N THR B 250 36.97 20.94 -14.84
CA THR B 250 37.55 22.10 -15.46
C THR B 250 38.66 22.64 -14.57
N ALA B 251 39.33 23.68 -15.05
CA ALA B 251 40.33 24.39 -14.25
C ALA B 251 39.99 25.87 -14.19
N SER B 252 40.21 26.48 -13.03
CA SER B 252 39.77 27.84 -12.79
C SER B 252 40.51 28.88 -13.63
N LEU B 253 41.74 28.57 -14.08
CA LEU B 253 42.52 29.47 -14.91
C LEU B 253 42.50 29.09 -16.39
N ASP B 254 41.56 28.29 -16.81
CA ASP B 254 41.54 27.80 -18.18
C ASP B 254 40.82 28.78 -19.10
N PRO B 255 41.41 29.24 -20.20
CA PRO B 255 40.63 30.07 -21.14
C PRO B 255 39.36 29.40 -21.65
N ILE B 256 39.27 28.07 -21.70
CA ILE B 256 38.02 27.42 -22.10
C ILE B 256 37.25 26.88 -20.88
N ARG B 257 37.57 27.36 -19.69
CA ARG B 257 36.80 26.99 -18.50
C ARG B 257 35.30 27.18 -18.71
N ASP B 258 34.90 28.35 -19.24
CA ASP B 258 33.48 28.66 -19.38
C ASP B 258 32.76 27.70 -20.33
N SER B 259 33.48 27.09 -21.28
CA SER B 259 32.87 26.08 -22.13
C SER B 259 32.46 24.86 -21.32
N GLY B 260 33.28 24.47 -20.35
CA GLY B 260 32.94 23.35 -19.48
C GLY B 260 31.82 23.70 -18.53
N ARG B 261 31.85 24.91 -17.98
CA ARG B 261 30.70 25.39 -17.21
C ARG B 261 29.41 25.31 -18.03
N ASP B 262 29.45 25.81 -19.27
CA ASP B 262 28.27 25.78 -20.12
C ASP B 262 27.74 24.36 -20.28
N TYR B 263 28.63 23.38 -20.49
CA TYR B 263 28.16 22.03 -20.72
C TYR B 263 27.51 21.45 -19.47
N ALA B 264 28.16 21.61 -18.31
CA ALA B 264 27.59 21.09 -17.08
C ALA B 264 26.24 21.74 -16.80
N LYS B 265 26.12 23.05 -17.04
CA LYS B 265 24.82 23.71 -16.88
C LYS B 265 23.76 23.14 -17.83
N ALA B 266 24.16 22.85 -19.07
CA ALA B 266 23.20 22.29 -20.01
C ALA B 266 22.71 20.92 -19.58
N LEU B 267 23.57 20.12 -18.92
CA LEU B 267 23.14 18.81 -18.45
C LEU B 267 22.14 18.94 -17.31
N VAL B 268 22.43 19.83 -16.35
CA VAL B 268 21.48 20.09 -15.26
C VAL B 268 20.15 20.57 -15.82
N GLU B 269 20.21 21.49 -16.78
CA GLU B 269 18.99 22.01 -17.38
C GLU B 269 18.15 20.89 -18.00
N ALA B 270 18.81 19.86 -18.54
CA ALA B 270 18.15 18.72 -19.12
C ALA B 270 17.81 17.64 -18.10
N GLY B 271 18.14 17.85 -16.82
CA GLY B 271 17.79 16.90 -15.80
C GLY B 271 18.71 15.70 -15.71
N ARG B 272 19.94 15.83 -16.18
CA ARG B 272 20.87 14.71 -16.21
C ARG B 272 21.81 14.76 -14.99
N ASP B 273 22.30 13.59 -14.58
CA ASP B 273 23.18 13.52 -13.41
C ASP B 273 24.58 13.96 -13.81
N VAL B 274 25.15 14.90 -13.05
CA VAL B 274 26.46 15.43 -13.38
C VAL B 274 27.20 15.85 -12.12
N VAL B 275 28.49 15.52 -12.08
CA VAL B 275 29.43 16.04 -11.10
C VAL B 275 30.22 17.12 -11.82
N TYR B 276 30.20 18.34 -11.26
CA TYR B 276 30.98 19.47 -11.78
C TYR B 276 32.11 19.78 -10.79
N LEU B 277 33.36 19.60 -11.24
CA LEU B 277 34.51 19.88 -10.41
C LEU B 277 35.36 20.92 -11.12
N GLU B 278 35.59 22.06 -10.45
CA GLU B 278 36.39 23.14 -11.02
C GLU B 278 37.62 23.28 -10.13
N MET B 279 38.75 22.77 -10.60
CA MET B 279 40.01 22.71 -9.84
C MET B 279 40.53 24.14 -9.65
N GLU B 280 40.84 24.50 -8.42
CA GLU B 280 41.14 25.88 -8.05
C GLU B 280 42.63 26.15 -8.12
N GLY B 281 42.99 27.18 -8.88
CA GLY B 281 44.36 27.69 -8.91
C GLY B 281 45.28 26.90 -9.80
N VAL B 282 44.72 26.13 -10.75
CA VAL B 282 45.50 25.38 -11.72
C VAL B 282 44.95 25.66 -13.11
N THR B 283 45.73 25.29 -14.11
CA THR B 283 45.49 25.61 -15.50
C THR B 283 44.94 24.42 -16.29
N HIS B 284 44.54 24.71 -17.52
CA HIS B 284 44.46 23.72 -18.58
C HIS B 284 45.67 22.78 -18.56
N SER B 285 45.46 21.53 -18.92
CA SER B 285 46.48 20.48 -18.99
C SER B 285 46.93 19.98 -17.62
N PHE B 286 46.20 20.23 -16.53
CA PHE B 286 46.70 19.79 -15.24
C PHE B 286 46.86 18.27 -15.14
N THR B 287 46.13 17.50 -15.95
CA THR B 287 46.22 16.04 -15.87
C THR B 287 47.58 15.51 -16.32
N ASN B 288 48.37 16.32 -17.02
CA ASN B 288 49.62 15.83 -17.62
C ASN B 288 50.85 16.60 -17.16
N ILE B 289 50.74 17.36 -16.09
CA ILE B 289 51.87 18.11 -15.54
C ILE B 289 52.06 17.74 -14.08
N ARG B 290 51.81 16.47 -13.74
CA ARG B 290 51.71 16.05 -12.35
C ARG B 290 53.05 15.92 -11.61
N ALA B 291 54.18 15.94 -12.33
CA ALA B 291 55.49 16.04 -11.69
C ALA B 291 55.93 17.49 -11.55
N ALA B 292 55.69 18.28 -12.59
CA ALA B 292 56.05 19.69 -12.57
C ALA B 292 55.27 20.46 -11.51
N VAL B 293 54.01 20.10 -11.33
CA VAL B 293 53.10 20.77 -10.41
C VAL B 293 52.51 19.65 -9.55
N PRO B 294 53.18 19.24 -8.49
CA PRO B 294 52.78 18.00 -7.81
C PRO B 294 51.36 18.05 -7.26
N SER B 295 50.83 19.23 -6.93
CA SER B 295 49.46 19.31 -6.42
C SER B 295 48.42 18.84 -7.44
N THR B 296 48.77 18.77 -8.73
CA THR B 296 47.80 18.35 -9.73
C THR B 296 47.56 16.84 -9.68
N GLN B 297 48.43 16.06 -9.04
CA GLN B 297 48.10 14.65 -8.82
C GLN B 297 46.86 14.54 -7.94
N GLY B 298 46.74 15.41 -6.94
CA GLY B 298 45.53 15.44 -6.11
C GLY B 298 44.28 15.73 -6.92
N ASP B 299 44.39 16.62 -7.91
CA ASP B 299 43.24 16.94 -8.76
C ASP B 299 42.81 15.73 -9.56
N LEU B 300 43.77 15.03 -10.18
CA LEU B 300 43.42 13.79 -10.86
C LEU B 300 42.76 12.82 -9.91
N GLU B 301 43.29 12.70 -8.70
CA GLU B 301 42.72 11.74 -7.75
C GLU B 301 41.29 12.09 -7.36
N ARG B 302 40.92 13.38 -7.34
CA ARG B 302 39.52 13.75 -7.09
C ARG B 302 38.63 13.27 -8.22
N ILE B 303 39.10 13.40 -9.46
CA ILE B 303 38.33 12.92 -10.62
C ILE B 303 38.11 11.43 -10.50
N ILE B 304 39.17 10.68 -10.13
CA ILE B 304 39.09 9.23 -9.93
C ILE B 304 38.05 8.88 -8.87
N ALA B 305 38.06 9.61 -7.76
CA ALA B 305 37.11 9.28 -6.69
C ALA B 305 35.68 9.52 -7.15
N ALA B 306 35.46 10.59 -7.92
CA ALA B 306 34.14 10.84 -8.48
C ALA B 306 33.73 9.74 -9.45
N MET B 307 34.66 9.29 -10.28
CA MET B 307 34.36 8.19 -11.20
C MET B 307 33.92 6.93 -10.45
N LYS B 308 34.65 6.56 -9.39
CA LYS B 308 34.25 5.38 -8.64
C LYS B 308 32.87 5.55 -8.02
N MET B 309 32.59 6.73 -7.46
CA MET B 309 31.25 6.97 -6.90
C MET B 309 30.17 6.88 -7.98
N MET B 310 30.39 7.45 -9.17
CA MET B 310 29.34 7.49 -10.17
C MET B 310 29.16 6.12 -10.83
N LEU B 311 30.14 5.24 -10.75
CA LEU B 311 30.00 3.88 -11.25
C LEU B 311 29.28 2.98 -10.26
N GLY B 312 29.30 3.30 -8.97
CA GLY B 312 28.41 2.65 -8.02
C GLY B 312 28.96 1.36 -7.44
N THR C 4 -0.82 -22.20 14.92
CA THR C 4 -1.29 -20.80 15.00
C THR C 4 -2.65 -20.68 14.34
N PRO C 5 -3.40 -19.57 14.51
CA PRO C 5 -4.67 -19.41 13.82
C PRO C 5 -4.51 -19.27 12.30
N PHE C 6 -5.49 -19.71 11.51
CA PHE C 6 -5.46 -19.52 10.06
C PHE C 6 -5.52 -18.04 9.70
N ILE C 7 -4.60 -17.63 8.81
CA ILE C 7 -4.51 -16.28 8.28
C ILE C 7 -4.33 -16.38 6.77
N ARG C 8 -5.17 -15.69 6.01
CA ARG C 8 -5.01 -15.67 4.56
C ARG C 8 -3.65 -15.09 4.19
N PRO C 9 -3.06 -15.53 3.07
CA PRO C 9 -1.74 -14.97 2.71
C PRO C 9 -1.77 -13.47 2.47
N ASP C 10 -2.79 -12.91 1.82
CA ASP C 10 -2.76 -11.47 1.60
C ASP C 10 -2.98 -10.73 2.92
N MET C 11 -3.82 -11.31 3.81
CA MET C 11 -3.99 -10.73 5.14
C MET C 11 -2.66 -10.76 5.90
N LYS C 12 -1.93 -11.88 5.82
CA LYS C 12 -0.68 -12.02 6.57
C LYS C 12 0.35 -10.99 6.14
N ALA C 13 0.46 -10.74 4.83
CA ALA C 13 1.38 -9.71 4.32
C ALA C 13 1.05 -8.34 4.85
N PHE C 14 -0.24 -8.00 4.96
CA PHE C 14 -0.63 -6.71 5.52
C PHE C 14 -0.23 -6.61 6.99
N LEU C 15 -0.43 -7.69 7.75
CA LEU C 15 -0.04 -7.67 9.15
C LEU C 15 1.47 -7.53 9.30
N GLU C 16 2.23 -8.18 8.41
CA GLU C 16 3.68 -8.07 8.45
C GLU C 16 4.14 -6.64 8.16
N ALA C 17 3.49 -5.98 7.20
CA ALA C 17 3.78 -4.59 6.93
C ALA C 17 3.52 -3.73 8.17
N ILE C 18 2.39 -3.94 8.84
CA ILE C 18 2.09 -3.16 10.03
C ILE C 18 3.15 -3.40 11.10
N ALA C 19 3.52 -4.66 11.31
CA ALA C 19 4.50 -5.00 12.32
C ALA C 19 5.86 -4.37 12.02
N ALA C 20 6.26 -4.35 10.75
CA ALA C 20 7.54 -3.76 10.37
C ALA C 20 7.56 -2.27 10.62
N MET C 21 6.42 -1.60 10.42
CA MET C 21 6.36 -0.18 10.68
C MET C 21 6.63 0.11 12.15
N ALA C 22 6.15 -0.76 13.04
CA ALA C 22 6.41 -0.67 14.46
C ALA C 22 6.10 0.72 15.00
N GLY C 23 4.86 1.16 14.78
CA GLY C 23 4.47 2.49 15.18
C GLY C 23 4.11 2.58 16.66
N PRO C 24 3.83 3.79 17.11
CA PRO C 24 3.33 3.98 18.47
C PRO C 24 1.88 3.53 18.60
N THR C 25 1.47 3.34 19.86
CA THR C 25 0.07 3.06 20.17
C THR C 25 -0.75 4.32 19.99
N LEU C 26 -2.08 4.15 19.89
CA LEU C 26 -2.93 5.32 19.79
C LEU C 26 -2.74 6.23 21.00
N ALA C 27 -2.56 5.65 22.19
CA ALA C 27 -2.44 6.43 23.41
C ALA C 27 -1.17 7.26 23.43
N GLU C 28 -0.11 6.80 22.77
CA GLU C 28 1.16 7.51 22.72
C GLU C 28 1.17 8.66 21.72
N MET C 29 0.21 8.69 20.80
CA MET C 29 0.06 9.78 19.84
C MET C 29 -0.75 10.91 20.46
N THR C 30 -0.69 12.10 19.84
CA THR C 30 -1.72 13.07 20.15
C THR C 30 -3.05 12.55 19.62
N LEU C 31 -4.13 13.07 20.16
CA LEU C 31 -5.45 12.66 19.70
C LEU C 31 -5.62 12.89 18.20
N GLU C 32 -5.21 14.07 17.71
CA GLU C 32 -5.31 14.31 16.27
C GLU C 32 -4.34 13.44 15.48
N GLU C 33 -3.20 13.06 16.05
CA GLU C 33 -2.34 12.11 15.34
C GLU C 33 -3.00 10.73 15.28
N ALA C 34 -3.69 10.33 16.34
CA ALA C 34 -4.42 9.06 16.33
C ALA C 34 -5.48 9.07 15.24
N ARG C 35 -6.26 10.14 15.15
CA ARG C 35 -7.27 10.27 14.11
C ARG C 35 -6.63 10.24 12.72
N ALA C 36 -5.53 10.98 12.54
CA ALA C 36 -4.86 10.98 11.24
C ALA C 36 -4.31 9.61 10.88
N SER C 37 -3.86 8.83 11.87
CA SER C 37 -3.29 7.54 11.52
C SER C 37 -4.39 6.64 10.94
N TYR C 38 -5.61 6.81 11.41
CA TYR C 38 -6.74 6.01 10.94
C TYR C 38 -7.18 6.45 9.55
N VAL C 39 -7.25 7.77 9.32
CA VAL C 39 -7.45 8.30 7.96
C VAL C 39 -6.44 7.67 7.01
N ALA C 40 -5.17 7.62 7.40
CA ALA C 40 -4.15 7.08 6.49
C ALA C 40 -4.30 5.57 6.31
N LEU C 41 -4.67 4.87 7.38
CA LEU C 41 -4.84 3.42 7.29
C LEU C 41 -5.91 3.07 6.26
N HIS C 42 -7.12 3.59 6.45
CA HIS C 42 -8.19 3.35 5.50
C HIS C 42 -7.89 4.01 4.16
N GLY C 43 -7.34 5.22 4.20
CA GLY C 43 -7.11 5.94 2.96
C GLY C 43 -6.18 5.18 2.04
N MET C 44 -5.14 4.60 2.60
CA MET C 44 -4.17 3.94 1.76
C MET C 44 -4.50 2.48 1.50
N ALA C 45 -5.31 1.83 2.36
CA ALA C 45 -5.57 0.40 2.22
C ALA C 45 -6.86 0.07 1.49
N ASP C 46 -7.80 1.01 1.41
CA ASP C 46 -9.09 0.65 0.85
C ASP C 46 -9.11 0.90 -0.65
N ARG C 47 -10.04 0.23 -1.32
CA ARG C 47 -10.30 0.49 -2.72
C ARG C 47 -10.80 1.90 -2.92
N PRO C 48 -10.62 2.44 -4.13
CA PRO C 48 -11.15 3.78 -4.43
C PRO C 48 -12.68 3.81 -4.41
N ALA C 49 -13.20 5.02 -4.25
CA ALA C 49 -14.64 5.25 -4.25
C ALA C 49 -15.26 4.82 -5.59
N ARG C 50 -16.47 4.30 -5.52
CA ARG C 50 -17.28 4.13 -6.70
C ARG C 50 -17.76 5.49 -7.18
N GLU C 51 -17.98 5.60 -8.49
CA GLU C 51 -18.65 6.78 -9.02
C GLU C 51 -20.14 6.59 -8.85
N LEU C 52 -20.80 7.62 -8.34
CA LEU C 52 -22.21 7.57 -8.04
C LEU C 52 -22.88 8.81 -8.60
N ALA C 53 -24.18 8.69 -8.90
CA ALA C 53 -24.94 9.85 -9.33
C ALA C 53 -25.01 10.93 -8.26
N VAL C 54 -25.17 10.53 -7.01
CA VAL C 54 -25.44 11.47 -5.92
C VAL C 54 -24.45 11.19 -4.79
N ILE C 55 -23.65 12.19 -4.45
CA ILE C 55 -22.90 12.20 -3.20
C ILE C 55 -23.07 13.62 -2.65
N ARG C 56 -23.82 13.75 -1.58
CA ARG C 56 -24.29 15.06 -1.16
C ARG C 56 -24.13 15.21 0.34
N ASN C 57 -23.54 16.33 0.77
CA ASN C 57 -23.47 16.64 2.19
C ASN C 57 -24.73 17.36 2.65
N LEU C 58 -25.20 16.99 3.83
CA LEU C 58 -26.35 17.67 4.41
C LEU C 58 -26.28 17.53 5.93
N SER C 59 -27.36 17.90 6.60
CA SER C 59 -27.36 17.82 8.06
C SER C 59 -28.79 17.70 8.54
N CYS C 60 -28.96 17.26 9.77
CA CYS C 60 -30.26 17.21 10.38
C CYS C 60 -30.13 17.71 11.81
N PRO C 61 -31.25 18.07 12.43
CA PRO C 61 -31.19 18.51 13.84
C PRO C 61 -30.89 17.35 14.77
N GLY C 62 -30.08 17.63 15.80
CA GLY C 62 -29.83 16.68 16.86
C GLY C 62 -29.93 17.34 18.22
N PRO C 63 -29.82 16.55 19.31
CA PRO C 63 -29.97 17.16 20.65
C PRO C 63 -28.90 18.16 21.02
N ALA C 64 -27.70 18.06 20.45
CA ALA C 64 -26.62 18.98 20.76
C ALA C 64 -26.49 20.11 19.75
N GLY C 65 -27.17 20.01 18.61
CA GLY C 65 -26.99 20.89 17.48
C GLY C 65 -27.17 20.09 16.20
N ASP C 66 -26.73 20.65 15.07
CA ASP C 66 -26.89 19.96 13.80
C ASP C 66 -25.96 18.74 13.74
N ILE C 67 -26.43 17.70 13.05
CA ILE C 67 -25.65 16.48 12.82
C ILE C 67 -25.29 16.44 11.34
N PRO C 68 -24.02 16.44 10.96
CA PRO C 68 -23.68 16.35 9.54
C PRO C 68 -23.91 14.94 9.03
N LEU C 69 -24.37 14.85 7.77
CA LEU C 69 -24.71 13.61 7.09
C LEU C 69 -24.10 13.64 5.70
N ARG C 70 -23.91 12.45 5.11
CA ARG C 70 -23.56 12.35 3.70
C ARG C 70 -24.47 11.34 3.04
N LEU C 71 -25.16 11.77 1.98
CA LEU C 71 -26.05 10.93 1.18
C LEU C 71 -25.28 10.37 0.00
N TYR C 72 -25.40 9.06 -0.20
CA TYR C 72 -24.84 8.35 -1.35
C TYR C 72 -25.97 7.67 -2.11
N ASP C 73 -26.04 7.90 -3.43
CA ASP C 73 -27.03 7.16 -4.21
C ASP C 73 -26.54 6.97 -5.64
N ALA C 74 -26.57 5.73 -6.11
CA ALA C 74 -26.28 5.41 -7.50
C ALA C 74 -27.30 6.00 -8.45
N ARG C 75 -28.46 6.39 -7.94
CA ARG C 75 -29.57 6.90 -8.75
C ARG C 75 -29.84 8.36 -8.40
N GLU C 76 -30.10 9.17 -9.42
CA GLU C 76 -30.40 10.58 -9.23
C GLU C 76 -31.78 10.71 -8.60
N SER C 77 -32.71 9.83 -8.94
CA SER C 77 -34.04 9.85 -8.36
C SER C 77 -34.51 8.42 -8.18
N ARG C 78 -35.24 8.16 -7.11
CA ARG C 78 -35.71 6.80 -6.82
C ARG C 78 -37.04 6.88 -6.10
N GLU C 79 -37.79 5.81 -6.23
CA GLU C 79 -39.10 5.76 -5.58
C GLU C 79 -38.89 5.36 -4.12
N ALA C 80 -39.98 5.29 -3.37
CA ALA C 80 -39.94 4.89 -1.96
C ALA C 80 -39.27 3.53 -1.85
N GLY C 81 -38.44 3.32 -0.83
CA GLY C 81 -37.82 2.05 -0.60
C GLY C 81 -37.05 2.14 0.71
N PRO C 82 -36.36 1.08 1.12
CA PRO C 82 -35.55 1.18 2.33
C PRO C 82 -34.36 2.10 2.13
N VAL C 83 -33.94 2.74 3.22
CA VAL C 83 -32.78 3.61 3.22
C VAL C 83 -31.79 3.07 4.24
N ILE C 84 -30.55 2.89 3.81
CA ILE C 84 -29.48 2.44 4.68
C ILE C 84 -28.98 3.63 5.50
N THR C 85 -28.85 3.44 6.81
CA THR C 85 -28.31 4.46 7.70
C THR C 85 -27.05 3.89 8.32
N PHE C 86 -25.90 4.51 8.01
CA PHE C 86 -24.58 3.97 8.25
C PHE C 86 -23.87 4.75 9.33
N TYR C 87 -23.23 4.01 10.25
CA TYR C 87 -22.46 4.60 11.36
C TYR C 87 -21.05 4.03 11.33
N HIS C 88 -20.05 4.91 11.18
CA HIS C 88 -18.68 4.47 11.00
C HIS C 88 -18.05 3.92 12.29
N GLY C 89 -17.06 3.06 12.12
CA GLY C 89 -16.21 2.60 13.21
C GLY C 89 -15.12 3.61 13.60
N GLY C 90 -14.32 3.21 14.58
CA GLY C 90 -13.31 4.04 15.19
C GLY C 90 -13.45 4.21 16.69
N GLY C 91 -14.10 3.27 17.37
CA GLY C 91 -14.12 3.28 18.83
C GLY C 91 -14.91 4.40 19.48
N PHE C 92 -15.70 5.15 18.71
CA PHE C 92 -16.38 6.37 19.10
C PHE C 92 -15.42 7.53 19.38
N VAL C 93 -14.17 7.38 18.94
CA VAL C 93 -13.11 8.37 19.17
C VAL C 93 -12.51 8.86 17.86
N ILE C 94 -12.31 7.97 16.89
CA ILE C 94 -11.70 8.32 15.63
C ILE C 94 -12.65 7.93 14.50
N GLY C 95 -12.22 8.15 13.26
CA GLY C 95 -13.07 7.98 12.10
C GLY C 95 -13.97 9.17 11.86
N ASP C 96 -14.49 9.24 10.65
CA ASP C 96 -15.43 10.29 10.27
C ASP C 96 -16.08 9.95 8.94
N LEU C 97 -16.66 10.95 8.25
CA LEU C 97 -17.33 10.64 6.98
C LEU C 97 -16.34 10.22 5.91
N ASP C 98 -15.11 10.67 6.00
CA ASP C 98 -14.13 10.38 4.95
C ASP C 98 -13.42 9.04 5.16
N THR C 99 -13.24 8.60 6.41
CA THR C 99 -12.54 7.35 6.66
C THR C 99 -13.33 6.16 6.10
N HIS C 100 -14.64 6.30 5.98
CA HIS C 100 -15.50 5.22 5.53
C HIS C 100 -16.22 5.59 4.24
N HIS C 101 -15.83 6.70 3.62
CA HIS C 101 -16.47 7.18 2.41
C HIS C 101 -16.47 6.11 1.31
N ASN C 102 -15.31 5.53 1.02
CA ASN C 102 -15.23 4.63 -0.12
C ASN C 102 -16.11 3.40 0.10
N LEU C 103 -16.05 2.82 1.31
CA LEU C 103 -16.95 1.73 1.69
C LEU C 103 -18.41 2.11 1.49
N CYS C 104 -18.79 3.34 1.90
CA CYS C 104 -20.17 3.78 1.70
C CYS C 104 -20.53 3.83 0.22
N THR C 105 -19.63 4.33 -0.64
CA THR C 105 -19.98 4.33 -2.07
C THR C 105 -20.14 2.91 -2.58
N GLU C 106 -19.35 1.96 -2.04
CA GLU C 106 -19.43 0.57 -2.45
C GLU C 106 -20.74 -0.07 -2.00
N ILE C 107 -21.16 0.19 -0.75
CA ILE C 107 -22.45 -0.33 -0.31
C ILE C 107 -23.57 0.23 -1.17
N ALA C 108 -23.53 1.55 -1.43
CA ALA C 108 -24.55 2.17 -2.26
C ALA C 108 -24.58 1.54 -3.65
N ALA C 109 -23.40 1.35 -4.26
CA ALA C 109 -23.36 0.80 -5.60
C ALA C 109 -23.84 -0.65 -5.63
N LEU C 110 -23.38 -1.47 -4.70
CA LEU C 110 -23.70 -2.89 -4.76
C LEU C 110 -25.12 -3.19 -4.31
N MET C 111 -25.67 -2.40 -3.39
CA MET C 111 -27.05 -2.61 -2.96
C MET C 111 -28.07 -1.94 -3.86
N ASP C 112 -27.67 -0.91 -4.61
CA ASP C 112 -28.62 -0.07 -5.33
C ASP C 112 -29.72 0.41 -4.40
N LEU C 113 -29.30 0.93 -3.24
CA LEU C 113 -30.13 1.61 -2.27
C LEU C 113 -29.40 2.86 -1.83
N PRO C 114 -30.12 3.88 -1.39
CA PRO C 114 -29.45 5.08 -0.87
C PRO C 114 -28.85 4.78 0.49
N VAL C 115 -27.70 5.40 0.75
CA VAL C 115 -26.99 5.29 2.02
C VAL C 115 -26.83 6.69 2.61
N VAL C 116 -27.18 6.82 3.89
CA VAL C 116 -26.96 8.07 4.62
C VAL C 116 -25.97 7.76 5.74
N ALA C 117 -24.76 8.31 5.64
CA ALA C 117 -23.75 8.16 6.69
C ALA C 117 -23.83 9.32 7.68
N VAL C 118 -23.58 9.01 8.94
CA VAL C 118 -23.79 9.92 10.06
C VAL C 118 -22.45 10.37 10.63
N ASP C 119 -22.22 11.68 10.71
CA ASP C 119 -21.00 12.23 11.30
C ASP C 119 -21.28 12.56 12.77
N TYR C 120 -21.40 11.50 13.57
CA TYR C 120 -21.82 11.63 14.96
C TYR C 120 -20.69 12.20 15.82
N ARG C 121 -21.07 12.78 16.95
CA ARG C 121 -20.07 13.37 17.83
C ARG C 121 -19.19 12.31 18.48
N LEU C 122 -17.91 12.66 18.62
CA LEU C 122 -16.88 11.75 19.09
C LEU C 122 -16.39 12.09 20.49
N ALA C 123 -16.01 11.05 21.20
CA ALA C 123 -15.22 11.12 22.41
C ALA C 123 -13.75 11.34 22.05
N PRO C 124 -12.93 11.82 23.00
CA PRO C 124 -13.24 12.16 24.39
C PRO C 124 -14.01 13.47 24.55
N GLU C 125 -14.06 14.31 23.51
CA GLU C 125 -14.75 15.60 23.63
C GLU C 125 -16.22 15.43 24.02
N HIS C 126 -16.87 14.42 23.46
CA HIS C 126 -18.28 14.12 23.70
C HIS C 126 -18.36 12.66 24.12
N PRO C 127 -18.35 12.38 25.41
CA PRO C 127 -18.40 11.00 25.88
C PRO C 127 -19.78 10.38 25.67
N PHE C 128 -19.81 9.07 25.92
CA PHE C 128 -21.04 8.29 25.97
C PHE C 128 -22.14 9.06 26.69
N PRO C 129 -23.38 9.13 26.16
CA PRO C 129 -23.91 8.50 24.94
C PRO C 129 -24.00 9.42 23.71
N ALA C 130 -23.09 10.38 23.58
CA ALA C 130 -23.21 11.34 22.48
C ALA C 130 -23.33 10.64 21.13
N ALA C 131 -22.42 9.72 20.85
CA ALA C 131 -22.47 9.03 19.56
C ALA C 131 -23.84 8.41 19.33
N ILE C 132 -24.37 7.71 20.34
CA ILE C 132 -25.67 7.05 20.23
C ILE C 132 -26.78 8.08 20.00
N GLU C 133 -26.77 9.21 20.72
CA GLU C 133 -27.82 10.20 20.52
C GLU C 133 -27.86 10.65 19.07
N ASP C 134 -26.69 10.93 18.51
CA ASP C 134 -26.63 11.43 17.14
C ASP C 134 -27.06 10.35 16.15
N CYS C 135 -26.59 9.11 16.33
CA CYS C 135 -26.99 8.06 15.39
C CYS C 135 -28.49 7.82 15.45
N GLU C 136 -29.05 7.77 16.67
CA GLU C 136 -30.49 7.59 16.79
C GLU C 136 -31.24 8.74 16.12
N ALA C 137 -30.84 9.99 16.40
CA ALA C 137 -31.57 11.14 15.88
C ALA C 137 -31.49 11.20 14.36
N ALA C 138 -30.32 10.91 13.80
CA ALA C 138 -30.19 10.90 12.34
C ALA C 138 -31.04 9.80 11.72
N THR C 139 -31.08 8.61 12.35
CA THR C 139 -31.87 7.51 11.79
C THR C 139 -33.35 7.82 11.83
N ARG C 140 -33.84 8.39 12.94
CA ARG C 140 -35.23 8.83 13.00
C ARG C 140 -35.52 9.89 11.94
N TRP C 141 -34.57 10.79 11.71
CA TRP C 141 -34.80 11.84 10.72
C TRP C 141 -34.90 11.24 9.32
N VAL C 142 -33.99 10.33 8.97
CA VAL C 142 -34.11 9.65 7.68
C VAL C 142 -35.44 8.93 7.57
N ALA C 143 -35.86 8.25 8.65
CA ALA C 143 -37.10 7.49 8.64
C ALA C 143 -38.33 8.35 8.43
N SER C 144 -38.21 9.68 8.64
CA SER C 144 -39.33 10.61 8.49
C SER C 144 -39.51 11.10 7.06
N SER C 145 -38.70 10.59 6.13
CA SER C 145 -38.71 11.04 4.73
C SER C 145 -38.71 12.56 4.62
N PRO C 146 -37.70 13.24 5.12
CA PRO C 146 -37.63 14.69 4.96
C PRO C 146 -37.39 15.06 3.51
N SER C 147 -37.93 16.21 3.12
CA SER C 147 -37.80 16.65 1.73
C SER C 147 -36.34 16.88 1.37
N GLU C 148 -35.52 17.31 2.33
CA GLU C 148 -34.11 17.55 2.05
C GLU C 148 -33.40 16.29 1.59
N LEU C 149 -33.88 15.12 1.96
CA LEU C 149 -33.21 13.89 1.53
C LEU C 149 -33.60 13.52 0.12
N GLY C 150 -34.83 13.83 -0.29
CA GLY C 150 -35.26 13.52 -1.62
C GLY C 150 -35.42 12.05 -1.90
N ARG C 151 -35.55 11.23 -0.85
CA ARG C 151 -35.70 9.79 -0.97
C ARG C 151 -36.69 9.33 0.08
N THR C 152 -37.87 8.94 -0.36
CA THR C 152 -38.84 8.46 0.61
C THR C 152 -38.40 7.12 1.18
N ALA C 153 -38.49 7.00 2.51
CA ALA C 153 -38.11 5.78 3.21
C ALA C 153 -39.34 4.97 3.56
N SER C 154 -39.36 3.71 3.14
CA SER C 154 -40.37 2.77 3.59
C SER C 154 -39.90 1.98 4.79
N GLY C 155 -38.61 2.12 5.10
CA GLY C 155 -37.98 1.41 6.20
C GLY C 155 -36.54 1.88 6.25
N VAL C 156 -35.88 1.56 7.38
CA VAL C 156 -34.46 1.89 7.49
C VAL C 156 -33.64 0.63 7.76
N ILE C 157 -32.37 0.70 7.35
CA ILE C 157 -31.42 -0.39 7.50
C ILE C 157 -30.19 0.13 8.24
N PRO C 158 -30.16 0.04 9.57
CA PRO C 158 -28.94 0.41 10.32
C PRO C 158 -27.79 -0.53 10.02
N ILE C 159 -26.62 0.04 9.77
CA ILE C 159 -25.43 -0.71 9.41
C ILE C 159 -24.23 0.06 9.92
N GLY C 160 -23.21 -0.66 10.35
CA GLY C 160 -21.98 -0.02 10.78
C GLY C 160 -20.97 -1.04 11.24
N ASP C 161 -19.70 -0.60 11.24
CA ASP C 161 -18.57 -1.44 11.59
C ASP C 161 -18.22 -1.09 13.03
N SER C 162 -17.79 -2.10 13.78
CA SER C 162 -17.10 -1.93 15.07
C SER C 162 -17.93 -1.09 16.03
N ALA C 163 -17.43 0.09 16.44
CA ALA C 163 -18.27 1.00 17.22
C ALA C 163 -19.57 1.29 16.48
N GLY C 164 -19.52 1.37 15.14
CA GLY C 164 -20.71 1.60 14.37
C GLY C 164 -21.63 0.40 14.38
N GLY C 165 -21.07 -0.79 14.62
CA GLY C 165 -21.89 -1.98 14.79
C GLY C 165 -22.58 -2.00 16.15
N ASN C 166 -21.88 -1.52 17.18
CA ASN C 166 -22.50 -1.21 18.47
C ASN C 166 -23.66 -0.24 18.29
N ALA C 167 -23.43 0.87 17.57
CA ALA C 167 -24.48 1.85 17.34
C ALA C 167 -25.66 1.26 16.57
N THR C 168 -25.38 0.41 15.56
CA THR C 168 -26.42 -0.27 14.81
C THR C 168 -27.40 -0.98 15.75
N ILE C 169 -26.87 -1.75 16.69
CA ILE C 169 -27.72 -2.56 17.57
C ILE C 169 -28.48 -1.65 18.54
N VAL C 170 -27.78 -0.67 19.13
CA VAL C 170 -28.42 0.25 20.06
C VAL C 170 -29.55 1.02 19.35
N VAL C 171 -29.28 1.53 18.16
CA VAL C 171 -30.31 2.25 17.40
C VAL C 171 -31.51 1.34 17.14
N SER C 172 -31.27 0.09 16.75
CA SER C 172 -32.40 -0.81 16.50
C SER C 172 -33.19 -1.07 17.77
N GLN C 173 -32.50 -1.12 18.91
CA GLN C 173 -33.21 -1.33 20.17
C GLN C 173 -34.01 -0.10 20.57
N LEU C 174 -33.43 1.09 20.38
CA LEU C 174 -34.13 2.32 20.73
C LEU C 174 -35.34 2.54 19.85
N LEU C 175 -35.22 2.26 18.54
CA LEU C 175 -36.35 2.43 17.64
C LEU C 175 -37.37 1.32 17.82
N GLY C 176 -36.93 0.15 18.29
CA GLY C 176 -37.89 -0.91 18.58
C GLY C 176 -38.78 -0.52 19.75
N ALA C 177 -38.21 0.16 20.75
CA ALA C 177 -38.96 0.56 21.93
C ALA C 177 -39.82 1.78 21.68
N LYS C 178 -39.36 2.71 20.84
CA LYS C 178 -40.12 3.91 20.50
C LYS C 178 -39.99 4.10 19.01
N PRO C 179 -40.94 3.57 18.24
CA PRO C 179 -40.75 3.50 16.78
C PRO C 179 -40.57 4.86 16.13
N ALA C 180 -39.78 4.85 15.06
CA ALA C 180 -39.71 5.96 14.11
C ALA C 180 -40.90 5.88 13.16
N ASP C 181 -40.94 6.77 12.17
CA ASP C 181 -42.07 6.79 11.23
C ASP C 181 -42.17 5.51 10.40
N VAL C 182 -41.06 4.81 10.19
CA VAL C 182 -41.04 3.50 9.53
C VAL C 182 -40.14 2.56 10.33
N PRO C 183 -40.27 1.26 10.13
CA PRO C 183 -39.56 0.31 10.97
C PRO C 183 -38.12 0.10 10.52
N VAL C 184 -37.33 -0.43 11.45
CA VAL C 184 -36.07 -1.09 11.08
C VAL C 184 -36.43 -2.40 10.39
N VAL C 185 -36.12 -2.51 9.08
CA VAL C 185 -36.45 -3.73 8.35
C VAL C 185 -35.31 -4.73 8.35
N LEU C 186 -34.10 -4.30 8.68
CA LEU C 186 -32.90 -5.15 8.69
C LEU C 186 -31.83 -4.36 9.41
N GLN C 187 -31.03 -5.02 10.24
CA GLN C 187 -29.84 -4.38 10.80
C GLN C 187 -28.62 -5.23 10.47
N VAL C 188 -27.48 -4.56 10.28
CA VAL C 188 -26.26 -5.22 9.83
C VAL C 188 -25.07 -4.76 10.70
N PRO C 189 -24.94 -5.26 11.92
CA PRO C 189 -23.76 -4.97 12.75
C PRO C 189 -22.57 -5.79 12.25
N ILE C 190 -21.52 -5.09 11.85
CA ILE C 190 -20.31 -5.66 11.28
C ILE C 190 -19.21 -5.51 12.32
N PHE C 191 -18.59 -6.63 12.65
CA PHE C 191 -17.68 -6.87 13.78
C PHE C 191 -18.02 -5.92 14.92
N PRO C 192 -19.24 -6.04 15.44
CA PRO C 192 -19.71 -5.13 16.49
C PRO C 192 -19.14 -5.43 17.87
N LEU C 193 -19.14 -4.40 18.70
CA LEU C 193 -19.00 -4.55 20.14
C LEU C 193 -20.40 -4.60 20.73
N ALA C 194 -20.86 -5.78 21.17
CA ALA C 194 -22.19 -5.94 21.76
C ALA C 194 -22.13 -6.24 23.24
N SER C 195 -21.33 -7.22 23.62
CA SER C 195 -20.95 -7.48 25.00
C SER C 195 -19.53 -6.95 25.28
N ASP C 196 -19.28 -6.64 26.55
CA ASP C 196 -17.94 -6.26 27.00
C ASP C 196 -16.93 -7.33 26.62
N ALA C 197 -15.85 -6.91 25.94
CA ALA C 197 -14.86 -7.87 25.48
C ALA C 197 -13.87 -8.27 26.56
N VAL C 198 -13.79 -7.52 27.65
CA VAL C 198 -12.90 -7.89 28.73
C VAL C 198 -13.25 -9.30 29.19
N GLY C 199 -12.23 -10.13 29.37
CA GLY C 199 -12.42 -11.50 29.79
C GLY C 199 -12.66 -12.49 28.67
N SER C 200 -12.95 -12.03 27.45
CA SER C 200 -13.22 -12.95 26.34
C SER C 200 -11.95 -13.66 25.86
N ALA C 201 -12.14 -14.88 25.36
CA ALA C 201 -11.03 -15.64 24.79
C ALA C 201 -10.45 -14.95 23.57
N SER C 202 -11.30 -14.32 22.74
CA SER C 202 -10.78 -13.67 21.53
C SER C 202 -9.89 -12.48 21.88
N LEU C 203 -10.23 -11.75 22.93
CA LEU C 203 -9.43 -10.58 23.30
C LEU C 203 -8.02 -11.00 23.68
N GLU C 204 -7.89 -12.09 24.45
CA GLU C 204 -6.57 -12.60 24.81
C GLU C 204 -5.84 -13.15 23.60
N ALA C 205 -6.54 -13.91 22.74
CA ALA C 205 -5.91 -14.57 21.62
C ALA C 205 -5.37 -13.57 20.59
N PHE C 206 -6.07 -12.46 20.39
CA PHE C 206 -5.74 -11.54 19.30
C PHE C 206 -5.43 -10.15 19.85
N ALA C 207 -4.83 -10.11 21.06
CA ALA C 207 -4.59 -8.84 21.73
C ALA C 207 -3.57 -7.98 20.99
N GLU C 208 -2.63 -8.59 20.28
CA GLU C 208 -1.61 -7.88 19.51
C GLU C 208 -1.46 -8.49 18.14
N GLY C 209 -1.18 -7.63 17.15
CA GLY C 209 -0.76 -8.09 15.85
C GLY C 209 -1.86 -8.30 14.84
N PHE C 210 -3.09 -7.93 15.15
CA PHE C 210 -4.25 -8.18 14.26
C PHE C 210 -5.03 -6.90 13.97
N VAL C 211 -4.35 -5.81 13.65
CA VAL C 211 -4.90 -4.47 13.30
C VAL C 211 -5.53 -3.83 14.54
N LEU C 212 -6.65 -4.32 15.03
CA LEU C 212 -7.27 -3.81 16.26
C LEU C 212 -6.55 -4.50 17.42
N THR C 213 -6.01 -3.73 18.35
CA THR C 213 -5.30 -4.28 19.48
C THR C 213 -6.06 -4.04 20.77
N LYS C 214 -5.72 -4.86 21.76
CA LYS C 214 -6.24 -4.66 23.10
C LYS C 214 -5.91 -3.26 23.62
N ALA C 215 -4.71 -2.76 23.31
CA ALA C 215 -4.35 -1.42 23.74
C ALA C 215 -5.30 -0.37 23.15
N SER C 216 -5.65 -0.52 21.87
CA SER C 216 -6.55 0.42 21.23
C SER C 216 -7.95 0.33 21.83
N ILE C 217 -8.43 -0.89 22.07
CA ILE C 217 -9.73 -1.08 22.70
C ILE C 217 -9.77 -0.35 24.04
N GLU C 218 -8.68 -0.44 24.81
CA GLU C 218 -8.63 0.25 26.10
C GLU C 218 -8.58 1.77 25.92
N PHE C 219 -7.81 2.26 24.95
CA PHE C 219 -7.78 3.68 24.63
C PHE C 219 -9.18 4.19 24.33
N PHE C 220 -9.92 3.47 23.48
CA PHE C 220 -11.25 3.92 23.11
C PHE C 220 -12.17 3.90 24.33
N ASP C 221 -12.08 2.84 25.13
CA ASP C 221 -12.94 2.69 26.29
C ASP C 221 -12.73 3.81 27.30
N THR C 222 -11.50 4.19 27.53
CA THR C 222 -11.16 5.28 28.46
C THR C 222 -11.74 6.60 27.95
N ALA C 223 -11.72 6.85 26.65
CA ALA C 223 -12.22 8.12 26.10
C ALA C 223 -13.75 8.18 26.11
N TYR C 224 -14.42 7.08 25.77
CA TYR C 224 -15.86 7.10 25.59
C TYR C 224 -16.63 6.98 26.90
N LYS C 225 -16.13 6.20 27.85
CA LYS C 225 -16.71 6.15 29.20
C LYS C 225 -18.12 5.55 29.23
N ALA C 226 -18.34 4.48 28.47
CA ALA C 226 -19.64 3.81 28.50
C ALA C 226 -19.83 3.10 29.84
N ASP C 227 -21.04 3.23 30.37
CA ASP C 227 -21.43 2.56 31.59
C ASP C 227 -21.65 1.07 31.33
N ARG C 228 -20.97 0.21 32.08
CA ARG C 228 -21.01 -1.24 31.86
C ARG C 228 -22.38 -1.85 32.07
N ALA C 229 -23.28 -1.15 32.75
CA ALA C 229 -24.61 -1.64 33.04
C ALA C 229 -25.67 -1.05 32.13
N ASP C 230 -25.28 -0.16 31.23
CA ASP C 230 -26.20 0.60 30.40
C ASP C 230 -26.33 -0.11 29.07
N PRO C 231 -27.51 -0.58 28.66
CA PRO C 231 -27.63 -1.26 27.37
C PRO C 231 -27.34 -0.36 26.18
N ARG C 232 -27.31 0.97 26.33
CA ARG C 232 -26.87 1.83 25.25
C ARG C 232 -25.36 1.75 25.06
N GLY C 233 -24.64 1.27 26.08
CA GLY C 233 -23.21 1.05 25.99
C GLY C 233 -22.89 -0.36 25.53
N PHE C 234 -23.62 -1.34 26.08
CA PHE C 234 -23.38 -2.76 25.83
C PHE C 234 -24.71 -3.42 25.50
N PRO C 235 -25.11 -3.43 24.23
CA PRO C 235 -26.49 -3.79 23.91
C PRO C 235 -26.79 -5.27 24.03
N ILE C 236 -25.81 -6.11 24.38
CA ILE C 236 -26.13 -7.48 24.76
C ILE C 236 -27.07 -7.49 25.96
N LEU C 237 -27.01 -6.43 26.78
CA LEU C 237 -27.88 -6.30 27.95
C LEU C 237 -29.30 -5.93 27.61
N GLY C 238 -29.60 -5.57 26.38
CA GLY C 238 -30.92 -5.12 26.01
C GLY C 238 -31.92 -6.25 25.78
N ASP C 239 -33.12 -5.86 25.41
CA ASP C 239 -34.22 -6.78 25.20
C ASP C 239 -34.17 -7.24 23.75
N HIS C 240 -33.94 -8.54 23.53
CA HIS C 240 -33.77 -9.06 22.19
C HIS C 240 -35.04 -9.67 21.63
N THR C 241 -36.15 -9.63 22.38
CA THR C 241 -37.30 -10.44 21.99
C THR C 241 -38.00 -9.95 20.74
N ALA C 242 -37.81 -8.69 20.34
CA ALA C 242 -38.39 -8.20 19.10
C ALA C 242 -37.32 -7.65 18.17
N ALA C 243 -36.10 -8.17 18.28
CA ALA C 243 -35.03 -7.68 17.41
C ALA C 243 -35.43 -7.83 15.95
N PRO C 244 -35.10 -6.87 15.11
CA PRO C 244 -35.40 -6.97 13.69
C PRO C 244 -34.52 -8.00 13.02
N PRO C 245 -34.86 -8.40 11.80
CA PRO C 245 -33.98 -9.29 11.03
C PRO C 245 -32.54 -8.77 11.06
N THR C 246 -31.59 -9.68 11.27
CA THR C 246 -30.21 -9.29 11.54
C THR C 246 -29.21 -10.07 10.70
N ILE C 247 -28.17 -9.38 10.25
CA ILE C 247 -26.95 -10.02 9.75
C ILE C 247 -25.82 -9.58 10.67
N VAL C 248 -25.21 -10.52 11.38
CA VAL C 248 -23.99 -10.28 12.16
C VAL C 248 -22.80 -10.81 11.38
N ALA C 249 -21.84 -9.95 11.06
CA ALA C 249 -20.60 -10.37 10.41
C ALA C 249 -19.44 -10.14 11.35
N THR C 250 -18.61 -11.15 11.53
CA THR C 250 -17.44 -11.05 12.39
C THR C 250 -16.20 -11.47 11.57
N ALA C 251 -15.06 -11.36 12.21
CA ALA C 251 -13.79 -11.81 11.64
C ALA C 251 -13.16 -12.81 12.59
N SER C 252 -12.60 -13.88 12.03
CA SER C 252 -12.10 -14.97 12.87
C SER C 252 -10.89 -14.57 13.71
N LEU C 253 -10.17 -13.50 13.32
CA LEU C 253 -8.97 -13.06 14.02
C LEU C 253 -9.20 -11.78 14.83
N ASP C 254 -10.41 -11.49 15.17
CA ASP C 254 -10.79 -10.21 15.78
C ASP C 254 -10.76 -10.36 17.30
N PRO C 255 -10.05 -9.50 18.04
CA PRO C 255 -10.16 -9.59 19.50
C PRO C 255 -11.58 -9.43 20.02
N ILE C 256 -12.49 -8.75 19.32
CA ILE C 256 -13.86 -8.66 19.79
C ILE C 256 -14.79 -9.61 19.01
N ARG C 257 -14.21 -10.60 18.32
CA ARG C 257 -15.02 -11.63 17.64
C ARG C 257 -16.07 -12.22 18.58
N ASP C 258 -15.67 -12.57 19.80
CA ASP C 258 -16.56 -13.29 20.69
C ASP C 258 -17.74 -12.44 21.10
N SER C 259 -17.60 -11.12 21.04
CA SER C 259 -18.71 -10.20 21.30
C SER C 259 -19.78 -10.32 20.22
N GLY C 260 -19.37 -10.48 18.97
CA GLY C 260 -20.33 -10.68 17.90
C GLY C 260 -20.95 -12.07 17.94
N ARG C 261 -20.15 -13.08 18.27
CA ARG C 261 -20.70 -14.42 18.53
C ARG C 261 -21.76 -14.36 19.63
N ASP C 262 -21.45 -13.67 20.74
CA ASP C 262 -22.43 -13.56 21.82
C ASP C 262 -23.73 -12.95 21.34
N TYR C 263 -23.66 -11.90 20.53
CA TYR C 263 -24.88 -11.24 20.12
C TYR C 263 -25.72 -12.15 19.23
N ALA C 264 -25.08 -12.79 18.26
CA ALA C 264 -25.88 -13.67 17.39
C ALA C 264 -26.48 -14.83 18.19
N LYS C 265 -25.73 -15.35 19.17
CA LYS C 265 -26.31 -16.41 20.00
C LYS C 265 -27.50 -15.91 20.81
N ALA C 266 -27.43 -14.67 21.32
CA ALA C 266 -28.56 -14.13 22.07
C ALA C 266 -29.78 -13.94 21.19
N LEU C 267 -29.57 -13.58 19.92
CA LEU C 267 -30.71 -13.47 19.01
C LEU C 267 -31.35 -14.84 18.76
N VAL C 268 -30.54 -15.88 18.58
CA VAL C 268 -31.11 -17.22 18.40
C VAL C 268 -31.86 -17.64 19.66
N GLU C 269 -31.24 -17.43 20.82
CA GLU C 269 -31.87 -17.74 22.10
C GLU C 269 -33.24 -17.07 22.23
N ALA C 270 -33.39 -15.86 21.67
CA ALA C 270 -34.66 -15.15 21.71
C ALA C 270 -35.59 -15.50 20.55
N GLY C 271 -35.21 -16.43 19.67
CA GLY C 271 -36.07 -16.82 18.57
C GLY C 271 -36.10 -15.89 17.38
N ARG C 272 -35.05 -15.09 17.18
CA ARG C 272 -35.04 -14.06 16.15
C ARG C 272 -34.27 -14.53 14.93
N ASP C 273 -34.66 -14.03 13.75
CA ASP C 273 -33.98 -14.47 12.53
C ASP C 273 -32.62 -13.78 12.41
N VAL C 274 -31.57 -14.56 12.13
CA VAL C 274 -30.23 -13.98 12.08
C VAL C 274 -29.34 -14.78 11.14
N VAL C 275 -28.56 -14.05 10.33
CA VAL C 275 -27.50 -14.62 9.52
C VAL C 275 -26.20 -14.30 10.24
N TYR C 276 -25.46 -15.32 10.62
CA TYR C 276 -24.16 -15.16 11.24
C TYR C 276 -23.07 -15.58 10.25
N LEU C 277 -22.19 -14.63 9.91
CA LEU C 277 -21.08 -14.89 8.99
C LEU C 277 -19.78 -14.53 9.70
N GLU C 278 -18.89 -15.50 9.84
CA GLU C 278 -17.59 -15.27 10.46
C GLU C 278 -16.53 -15.44 9.38
N MET C 279 -15.92 -14.32 8.96
CA MET C 279 -15.00 -14.37 7.83
C MET C 279 -13.68 -14.99 8.27
N GLU C 280 -13.25 -16.00 7.54
CA GLU C 280 -12.11 -16.84 7.94
C GLU C 280 -10.78 -16.26 7.49
N GLY C 281 -9.82 -16.09 8.40
CA GLY C 281 -8.45 -15.70 8.05
C GLY C 281 -8.26 -14.23 7.84
N VAL C 282 -9.21 -13.40 8.24
CA VAL C 282 -9.07 -11.96 8.15
C VAL C 282 -9.37 -11.35 9.52
N THR C 283 -9.03 -10.08 9.65
CA THR C 283 -9.07 -9.34 10.89
C THR C 283 -10.26 -8.38 10.94
N HIS C 284 -10.45 -7.81 12.14
CA HIS C 284 -11.17 -6.56 12.28
C HIS C 284 -10.76 -5.59 11.19
N SER C 285 -11.68 -4.74 10.76
CA SER C 285 -11.50 -3.68 9.76
C SER C 285 -11.47 -4.23 8.33
N PHE C 286 -11.89 -5.47 8.10
CA PHE C 286 -11.74 -6.03 6.75
C PHE C 286 -12.56 -5.28 5.71
N THR C 287 -13.61 -4.54 6.10
CA THR C 287 -14.40 -3.82 5.14
C THR C 287 -13.68 -2.62 4.54
N ASN C 288 -12.58 -2.17 5.15
CA ASN C 288 -11.96 -0.92 4.70
C ASN C 288 -10.51 -1.12 4.28
N ILE C 289 -10.11 -2.35 4.00
CA ILE C 289 -8.74 -2.64 3.57
C ILE C 289 -8.79 -3.44 2.27
N ARG C 290 -9.76 -3.13 1.41
CA ARG C 290 -10.08 -4.00 0.28
C ARG C 290 -9.11 -3.87 -0.88
N ALA C 291 -8.25 -2.84 -0.90
CA ALA C 291 -7.16 -2.79 -1.87
C ALA C 291 -5.90 -3.49 -1.36
N ALA C 292 -5.52 -3.24 -0.11
CA ALA C 292 -4.30 -3.84 0.44
C ALA C 292 -4.45 -5.33 0.67
N VAL C 293 -5.67 -5.79 0.95
CA VAL C 293 -5.96 -7.21 1.19
C VAL C 293 -7.12 -7.55 0.25
N PRO C 294 -6.81 -7.83 -1.02
CA PRO C 294 -7.87 -7.92 -2.05
C PRO C 294 -8.96 -8.92 -1.74
N SER C 295 -8.67 -9.97 -1.00
CA SER C 295 -9.67 -10.99 -0.71
C SER C 295 -10.80 -10.46 0.16
N THR C 296 -10.60 -9.33 0.81
CA THR C 296 -11.66 -8.81 1.68
C THR C 296 -12.81 -8.20 0.89
N GLN C 297 -12.59 -7.86 -0.39
CA GLN C 297 -13.70 -7.45 -1.22
C GLN C 297 -14.76 -8.54 -1.29
N GLY C 298 -14.34 -9.81 -1.41
CA GLY C 298 -15.28 -10.91 -1.45
C GLY C 298 -16.04 -11.07 -0.14
N ASP C 299 -15.38 -10.80 0.99
CA ASP C 299 -16.08 -10.80 2.29
C ASP C 299 -17.20 -9.79 2.29
N LEU C 300 -16.90 -8.56 1.87
CA LEU C 300 -17.95 -7.56 1.79
C LEU C 300 -19.07 -8.02 0.87
N GLU C 301 -18.72 -8.61 -0.27
CA GLU C 301 -19.76 -9.04 -1.22
C GLU C 301 -20.66 -10.11 -0.63
N ARG C 302 -20.14 -10.93 0.28
CA ARG C 302 -20.97 -11.91 0.95
C ARG C 302 -21.99 -11.24 1.86
N ILE C 303 -21.57 -10.19 2.56
CA ILE C 303 -22.52 -9.43 3.38
C ILE C 303 -23.62 -8.85 2.51
N ILE C 304 -23.24 -8.26 1.39
CA ILE C 304 -24.18 -7.67 0.45
C ILE C 304 -25.19 -8.71 -0.02
N ALA C 305 -24.70 -9.91 -0.37
CA ALA C 305 -25.62 -10.97 -0.80
C ALA C 305 -26.60 -11.36 0.30
N ALA C 306 -26.12 -11.48 1.55
CA ALA C 306 -27.01 -11.78 2.67
C ALA C 306 -28.03 -10.68 2.89
N MET C 307 -27.61 -9.41 2.74
CA MET C 307 -28.56 -8.30 2.87
C MET C 307 -29.68 -8.39 1.85
N LYS C 308 -29.32 -8.68 0.60
CA LYS C 308 -30.35 -8.74 -0.44
C LYS C 308 -31.33 -9.86 -0.14
N MET C 309 -30.82 -10.99 0.35
CA MET C 309 -31.69 -12.11 0.67
C MET C 309 -32.62 -11.77 1.81
N MET C 310 -32.10 -11.11 2.85
CA MET C 310 -32.91 -10.85 4.03
C MET C 310 -33.90 -9.72 3.79
N LEU C 311 -33.67 -8.87 2.78
CA LEU C 311 -34.62 -7.84 2.39
C LEU C 311 -35.72 -8.39 1.52
N GLY C 312 -35.53 -9.58 0.95
CA GLY C 312 -36.55 -10.23 0.15
C GLY C 312 -36.41 -9.83 -1.29
N THR D 4 -52.19 -17.27 24.23
CA THR D 4 -50.92 -16.80 24.81
C THR D 4 -49.82 -16.76 23.74
N PRO D 5 -49.23 -17.87 23.25
CA PRO D 5 -48.23 -17.79 22.19
C PRO D 5 -48.86 -17.28 20.89
N PHE D 6 -48.13 -16.53 20.06
CA PHE D 6 -48.66 -16.09 18.79
C PHE D 6 -48.87 -17.29 17.86
N ILE D 7 -50.06 -17.36 17.27
CA ILE D 7 -50.42 -18.38 16.27
C ILE D 7 -51.08 -17.65 15.11
N ARG D 8 -50.67 -17.97 13.88
CA ARG D 8 -51.32 -17.38 12.74
C ARG D 8 -52.77 -17.86 12.66
N PRO D 9 -53.66 -17.04 12.13
CA PRO D 9 -55.05 -17.49 11.99
C PRO D 9 -55.23 -18.73 11.13
N ASP D 10 -54.48 -18.87 10.03
CA ASP D 10 -54.65 -20.08 9.23
C ASP D 10 -54.11 -21.30 9.98
N MET D 11 -53.00 -21.12 10.70
CA MET D 11 -52.45 -22.20 11.52
C MET D 11 -53.43 -22.60 12.62
N LYS D 12 -54.01 -21.62 13.30
CA LYS D 12 -54.90 -21.93 14.42
C LYS D 12 -56.10 -22.75 13.95
N ALA D 13 -56.68 -22.38 12.82
CA ALA D 13 -57.85 -23.11 12.32
C ALA D 13 -57.50 -24.55 11.96
N PHE D 14 -56.30 -24.78 11.41
CA PHE D 14 -55.87 -26.15 11.14
C PHE D 14 -55.74 -26.93 12.45
N LEU D 15 -55.16 -26.32 13.48
CA LEU D 15 -55.09 -26.99 14.77
C LEU D 15 -56.50 -27.27 15.30
N GLU D 16 -57.42 -26.36 15.09
CA GLU D 16 -58.77 -26.56 15.59
C GLU D 16 -59.45 -27.71 14.85
N ALA D 17 -59.19 -27.82 13.55
CA ALA D 17 -59.77 -28.91 12.76
C ALA D 17 -59.20 -30.25 13.19
N ILE D 18 -57.89 -30.33 13.42
CA ILE D 18 -57.28 -31.53 13.96
C ILE D 18 -57.96 -31.92 15.27
N ALA D 19 -58.14 -30.95 16.16
CA ALA D 19 -58.76 -31.23 17.46
C ALA D 19 -60.20 -31.73 17.28
N ALA D 20 -60.94 -31.14 16.35
CA ALA D 20 -62.32 -31.55 16.11
C ALA D 20 -62.39 -32.94 15.52
N MET D 21 -61.44 -33.33 14.68
CA MET D 21 -61.42 -34.68 14.14
C MET D 21 -61.07 -35.68 15.22
N ALA D 22 -60.32 -35.27 16.23
CA ALA D 22 -60.04 -36.06 17.42
C ALA D 22 -59.63 -37.51 17.09
N GLY D 23 -58.57 -37.64 16.28
CA GLY D 23 -58.02 -38.95 16.00
C GLY D 23 -57.34 -39.55 17.21
N PRO D 24 -56.89 -40.80 17.10
CA PRO D 24 -56.17 -41.44 18.20
C PRO D 24 -54.68 -41.15 18.16
N THR D 25 -54.02 -41.46 19.28
CA THR D 25 -52.59 -41.26 19.40
C THR D 25 -51.85 -42.34 18.63
N LEU D 26 -50.54 -42.12 18.45
CA LEU D 26 -49.69 -43.11 17.79
C LEU D 26 -49.58 -44.38 18.63
N ALA D 27 -49.56 -44.24 19.95
CA ALA D 27 -49.52 -45.41 20.82
C ALA D 27 -50.78 -46.25 20.66
N GLU D 28 -51.93 -45.60 20.48
CA GLU D 28 -53.19 -46.31 20.36
C GLU D 28 -53.31 -47.06 19.03
N MET D 29 -52.71 -46.54 17.97
CA MET D 29 -52.81 -47.17 16.66
C MET D 29 -51.86 -48.35 16.54
N THR D 30 -52.14 -49.21 15.56
CA THR D 30 -51.14 -50.17 15.11
C THR D 30 -50.07 -49.44 14.30
N LEU D 31 -48.86 -49.99 14.32
CA LEU D 31 -47.78 -49.45 13.50
C LEU D 31 -48.25 -49.17 12.07
N GLU D 32 -48.94 -50.13 11.45
CA GLU D 32 -49.41 -49.92 10.09
C GLU D 32 -50.41 -48.76 10.03
N GLU D 33 -51.28 -48.65 11.04
CA GLU D 33 -52.25 -47.57 11.05
C GLU D 33 -51.55 -46.22 11.27
N ALA D 34 -50.59 -46.19 12.17
CA ALA D 34 -49.82 -44.95 12.43
C ALA D 34 -49.15 -44.47 11.15
N ARG D 35 -48.43 -45.37 10.49
CA ARG D 35 -47.81 -45.04 9.21
C ARG D 35 -48.84 -44.59 8.19
N ALA D 36 -50.02 -45.23 8.14
CA ALA D 36 -51.03 -44.83 7.17
C ALA D 36 -51.63 -43.46 7.52
N SER D 37 -51.74 -43.13 8.81
CA SER D 37 -52.33 -41.85 9.17
C SER D 37 -51.42 -40.70 8.75
N TYR D 38 -50.11 -40.93 8.77
CA TYR D 38 -49.15 -39.92 8.35
C TYR D 38 -49.26 -39.69 6.84
N VAL D 39 -49.33 -40.77 6.05
CA VAL D 39 -49.61 -40.61 4.63
C VAL D 39 -50.86 -39.78 4.41
N ALA D 40 -51.89 -40.05 5.21
CA ALA D 40 -53.18 -39.36 5.03
C ALA D 40 -53.07 -37.89 5.39
N LEU D 41 -52.38 -37.59 6.49
CA LEU D 41 -52.21 -36.20 6.92
C LEU D 41 -51.55 -35.35 5.83
N HIS D 42 -50.36 -35.74 5.37
CA HIS D 42 -49.69 -34.96 4.31
C HIS D 42 -50.45 -35.02 3.00
N GLY D 43 -51.13 -36.14 2.71
CA GLY D 43 -51.90 -36.20 1.49
C GLY D 43 -52.99 -35.15 1.45
N MET D 44 -53.62 -34.91 2.58
CA MET D 44 -54.72 -33.93 2.68
C MET D 44 -54.18 -32.51 2.88
N ALA D 45 -53.08 -32.38 3.60
CA ALA D 45 -52.63 -31.08 4.07
C ALA D 45 -51.64 -30.40 3.13
N ASP D 46 -50.85 -31.15 2.36
CA ASP D 46 -49.80 -30.48 1.58
C ASP D 46 -50.30 -30.07 0.19
N ARG D 47 -49.61 -29.09 -0.37
CA ARG D 47 -49.91 -28.70 -1.74
C ARG D 47 -49.59 -29.86 -2.68
N PRO D 48 -50.23 -29.89 -3.85
CA PRO D 48 -49.98 -30.99 -4.81
C PRO D 48 -48.55 -31.00 -5.31
N ALA D 49 -48.13 -32.18 -5.74
CA ALA D 49 -46.82 -32.33 -6.36
C ALA D 49 -46.67 -31.39 -7.56
N ARG D 50 -45.48 -30.86 -7.73
CA ARG D 50 -45.11 -30.19 -8.96
C ARG D 50 -44.93 -31.22 -10.06
N GLU D 51 -45.23 -30.81 -11.28
CA GLU D 51 -44.89 -31.58 -12.46
C GLU D 51 -43.42 -31.39 -12.76
N LEU D 52 -42.69 -32.50 -12.91
CA LEU D 52 -41.26 -32.48 -13.16
C LEU D 52 -40.95 -33.46 -14.30
N ALA D 53 -39.91 -33.13 -15.07
CA ALA D 53 -39.45 -34.04 -16.12
C ALA D 53 -39.03 -35.39 -15.56
N VAL D 54 -38.41 -35.40 -14.38
CA VAL D 54 -37.82 -36.60 -13.80
C VAL D 54 -38.36 -36.84 -12.40
N ILE D 55 -39.09 -37.94 -12.24
CA ILE D 55 -39.38 -38.52 -10.95
C ILE D 55 -39.13 -40.00 -11.12
N ARG D 56 -38.02 -40.49 -10.58
CA ARG D 56 -37.47 -41.78 -10.95
C ARG D 56 -37.03 -42.54 -9.71
N ASN D 57 -37.49 -43.77 -9.57
CA ASN D 57 -36.97 -44.62 -8.50
C ASN D 57 -35.60 -45.17 -8.87
N LEU D 58 -34.70 -45.14 -7.88
CA LEU D 58 -33.34 -45.67 -7.95
C LEU D 58 -33.10 -46.48 -6.68
N SER D 59 -31.91 -47.04 -6.53
CA SER D 59 -31.52 -47.68 -5.29
C SER D 59 -30.00 -47.70 -5.26
N CYS D 60 -29.45 -47.91 -4.07
CA CYS D 60 -28.01 -48.02 -3.94
C CYS D 60 -27.67 -49.07 -2.88
N PRO D 61 -26.46 -49.60 -2.91
CA PRO D 61 -26.05 -50.54 -1.86
C PRO D 61 -25.98 -49.87 -0.50
N GLY D 62 -26.40 -50.61 0.52
CA GLY D 62 -26.35 -50.16 1.88
C GLY D 62 -25.75 -51.25 2.76
N PRO D 63 -25.54 -50.94 4.04
CA PRO D 63 -24.89 -51.92 4.94
C PRO D 63 -25.78 -53.10 5.29
N ALA D 64 -27.07 -53.04 4.99
CA ALA D 64 -28.00 -54.12 5.32
C ALA D 64 -28.87 -54.48 4.12
N GLY D 65 -28.36 -54.23 2.92
CA GLY D 65 -29.12 -54.43 1.71
C GLY D 65 -29.32 -53.13 0.97
N ASP D 66 -30.03 -53.23 -0.15
CA ASP D 66 -30.21 -52.09 -1.03
C ASP D 66 -31.12 -51.04 -0.39
N ILE D 67 -30.79 -49.78 -0.63
CA ILE D 67 -31.55 -48.65 -0.10
C ILE D 67 -32.38 -48.05 -1.24
N PRO D 68 -33.70 -48.04 -1.16
CA PRO D 68 -34.49 -47.37 -2.20
C PRO D 68 -34.32 -45.86 -2.11
N LEU D 69 -34.36 -45.23 -3.29
CA LEU D 69 -34.18 -43.80 -3.48
C LEU D 69 -35.23 -43.30 -4.45
N ARG D 70 -35.47 -41.99 -4.43
CA ARG D 70 -36.27 -41.37 -5.47
C ARG D 70 -35.60 -40.08 -5.93
N LEU D 71 -35.35 -39.99 -7.24
CA LEU D 71 -34.74 -38.84 -7.87
C LEU D 71 -35.82 -37.93 -8.42
N TYR D 72 -35.71 -36.65 -8.09
CA TYR D 72 -36.57 -35.58 -8.60
C TYR D 72 -35.69 -34.58 -9.34
N ASP D 73 -36.07 -34.21 -10.57
CA ASP D 73 -35.32 -33.21 -11.30
C ASP D 73 -36.25 -32.55 -12.32
N ALA D 74 -36.25 -31.21 -12.33
CA ALA D 74 -36.96 -30.48 -13.36
C ALA D 74 -36.32 -30.66 -14.73
N ARG D 75 -35.11 -31.20 -14.82
CA ARG D 75 -34.38 -31.37 -16.08
C ARG D 75 -34.03 -32.84 -16.28
N GLU D 76 -34.28 -33.38 -17.50
CA GLU D 76 -33.77 -34.70 -17.83
C GLU D 76 -32.26 -34.70 -17.94
N SER D 77 -31.68 -33.59 -18.43
CA SER D 77 -30.24 -33.47 -18.64
C SER D 77 -29.75 -32.14 -18.06
N ARG D 78 -28.69 -32.18 -17.26
CA ARG D 78 -28.17 -30.95 -16.69
C ARG D 78 -26.65 -31.00 -16.52
N GLU D 79 -26.08 -29.80 -16.41
CA GLU D 79 -24.67 -29.63 -16.09
C GLU D 79 -24.36 -30.11 -14.67
N ALA D 80 -23.07 -30.28 -14.40
CA ALA D 80 -22.64 -30.68 -13.07
C ALA D 80 -23.01 -29.59 -12.08
N GLY D 81 -23.30 -30.00 -10.86
CA GLY D 81 -23.77 -29.08 -9.83
C GLY D 81 -24.02 -29.82 -8.55
N PRO D 82 -24.42 -29.11 -7.50
CA PRO D 82 -24.71 -29.78 -6.25
C PRO D 82 -25.97 -30.60 -6.38
N VAL D 83 -26.04 -31.66 -5.60
CA VAL D 83 -27.23 -32.51 -5.54
C VAL D 83 -27.76 -32.51 -4.13
N ILE D 84 -29.06 -32.31 -4.00
CA ILE D 84 -29.73 -32.29 -2.70
C ILE D 84 -30.02 -33.73 -2.30
N THR D 85 -29.67 -34.09 -1.08
CA THR D 85 -29.93 -35.41 -0.53
C THR D 85 -30.87 -35.25 0.65
N PHE D 86 -32.09 -35.77 0.50
CA PHE D 86 -33.20 -35.47 1.38
C PHE D 86 -33.56 -36.68 2.24
N TYR D 87 -33.83 -36.42 3.54
CA TYR D 87 -34.23 -37.44 4.51
C TYR D 87 -35.53 -37.00 5.18
N HIS D 88 -36.58 -37.83 5.02
CA HIS D 88 -37.90 -37.45 5.51
C HIS D 88 -37.99 -37.53 7.03
N GLY D 89 -38.93 -36.76 7.57
CA GLY D 89 -39.29 -36.87 8.97
C GLY D 89 -40.28 -38.02 9.24
N GLY D 90 -40.69 -38.13 10.50
CA GLY D 90 -41.49 -39.25 10.98
C GLY D 90 -40.89 -39.98 12.18
N GLY D 91 -39.93 -39.37 12.86
CA GLY D 91 -39.47 -39.91 14.11
C GLY D 91 -38.57 -41.11 13.97
N PHE D 92 -38.11 -41.40 12.76
CA PHE D 92 -37.42 -42.64 12.41
C PHE D 92 -38.34 -43.85 12.48
N VAL D 93 -39.66 -43.64 12.56
CA VAL D 93 -40.63 -44.70 12.70
C VAL D 93 -41.65 -44.68 11.57
N ILE D 94 -42.18 -43.50 11.25
CA ILE D 94 -43.15 -43.36 10.17
C ILE D 94 -42.55 -42.50 9.07
N GLY D 95 -43.32 -42.28 8.01
CA GLY D 95 -42.87 -41.61 6.81
C GLY D 95 -42.17 -42.54 5.82
N ASP D 96 -42.10 -42.08 4.57
CA ASP D 96 -41.43 -42.83 3.51
C ASP D 96 -41.23 -41.92 2.31
N LEU D 97 -41.04 -42.49 1.11
CA LEU D 97 -40.81 -41.65 -0.06
C LEU D 97 -42.07 -40.93 -0.51
N ASP D 98 -43.25 -41.42 -0.12
CA ASP D 98 -44.48 -40.78 -0.55
C ASP D 98 -44.96 -39.71 0.44
N THR D 99 -44.70 -39.86 1.73
CA THR D 99 -45.19 -38.86 2.69
C THR D 99 -44.60 -37.50 2.40
N HIS D 100 -43.37 -37.45 1.88
CA HIS D 100 -42.66 -36.19 1.63
C HIS D 100 -42.45 -35.93 0.15
N HIS D 101 -43.17 -36.68 -0.69
CA HIS D 101 -43.00 -36.61 -2.14
C HIS D 101 -43.31 -35.22 -2.67
N ASN D 102 -44.44 -34.63 -2.29
CA ASN D 102 -44.80 -33.34 -2.85
C ASN D 102 -43.77 -32.27 -2.45
N LEU D 103 -43.35 -32.28 -1.19
CA LEU D 103 -42.30 -31.38 -0.73
C LEU D 103 -41.03 -31.53 -1.58
N CYS D 104 -40.62 -32.77 -1.83
CA CYS D 104 -39.43 -32.99 -2.67
C CYS D 104 -39.62 -32.41 -4.06
N THR D 105 -40.81 -32.58 -4.67
CA THR D 105 -41.01 -31.95 -5.97
C THR D 105 -40.94 -30.44 -5.87
N GLU D 106 -41.36 -29.87 -4.73
CA GLU D 106 -41.33 -28.43 -4.60
C GLU D 106 -39.90 -27.92 -4.47
N ILE D 107 -39.09 -28.61 -3.67
CA ILE D 107 -37.67 -28.24 -3.52
C ILE D 107 -36.96 -28.34 -4.86
N ALA D 108 -37.18 -29.44 -5.59
CA ALA D 108 -36.54 -29.58 -6.91
C ALA D 108 -37.00 -28.50 -7.88
N ALA D 109 -38.28 -28.16 -7.87
CA ALA D 109 -38.78 -27.15 -8.80
C ALA D 109 -38.22 -25.77 -8.46
N LEU D 110 -38.23 -25.41 -7.17
CA LEU D 110 -37.85 -24.07 -6.76
C LEU D 110 -36.34 -23.87 -6.77
N MET D 111 -35.57 -24.94 -6.52
CA MET D 111 -34.11 -24.82 -6.55
C MET D 111 -33.52 -25.03 -7.94
N ASP D 112 -34.24 -25.68 -8.85
CA ASP D 112 -33.64 -26.10 -10.12
C ASP D 112 -32.35 -26.89 -9.85
N LEU D 113 -32.42 -27.79 -8.89
CA LEU D 113 -31.39 -28.75 -8.59
C LEU D 113 -32.03 -30.13 -8.45
N PRO D 114 -31.27 -31.20 -8.69
CA PRO D 114 -31.81 -32.53 -8.41
C PRO D 114 -31.87 -32.79 -6.92
N VAL D 115 -32.91 -33.53 -6.54
CA VAL D 115 -33.16 -33.98 -5.18
C VAL D 115 -33.22 -35.50 -5.19
N VAL D 116 -32.50 -36.11 -4.26
CA VAL D 116 -32.56 -37.56 -4.07
C VAL D 116 -33.04 -37.83 -2.66
N ALA D 117 -34.27 -38.36 -2.54
CA ALA D 117 -34.87 -38.76 -1.27
C ALA D 117 -34.49 -40.20 -0.92
N VAL D 118 -34.25 -40.44 0.37
CA VAL D 118 -33.75 -41.71 0.88
C VAL D 118 -34.86 -42.43 1.62
N ASP D 119 -35.13 -43.67 1.21
CA ASP D 119 -36.11 -44.52 1.91
C ASP D 119 -35.35 -45.38 2.93
N TYR D 120 -34.95 -44.73 4.02
CA TYR D 120 -34.10 -45.38 5.00
C TYR D 120 -34.91 -46.32 5.91
N ARG D 121 -34.20 -47.28 6.52
CA ARG D 121 -34.83 -48.23 7.42
C ARG D 121 -35.43 -47.56 8.65
N LEU D 122 -36.58 -48.08 9.10
CA LEU D 122 -37.38 -47.49 10.15
C LEU D 122 -37.44 -48.38 11.38
N ALA D 123 -37.45 -47.73 12.55
CA ALA D 123 -37.75 -48.38 13.81
C ALA D 123 -39.26 -48.57 13.93
N PRO D 124 -39.70 -49.47 14.82
CA PRO D 124 -38.89 -50.30 15.73
C PRO D 124 -38.27 -51.52 15.06
N GLU D 125 -38.72 -51.86 13.85
CA GLU D 125 -38.14 -53.00 13.14
C GLU D 125 -36.63 -52.88 13.05
N HIS D 126 -36.11 -51.67 12.80
CA HIS D 126 -34.68 -51.42 12.67
C HIS D 126 -34.35 -50.21 13.54
N PRO D 127 -33.93 -50.42 14.77
CA PRO D 127 -33.66 -49.29 15.67
C PRO D 127 -32.37 -48.58 15.31
N PHE D 128 -32.14 -47.49 16.03
CA PHE D 128 -30.88 -46.77 15.94
C PHE D 128 -29.72 -47.75 16.00
N PRO D 129 -28.69 -47.58 15.15
CA PRO D 129 -28.42 -46.48 14.22
C PRO D 129 -28.79 -46.75 12.76
N ALA D 130 -29.79 -47.59 12.52
CA ALA D 130 -30.10 -48.05 11.17
C ALA D 130 -30.36 -46.88 10.22
N ALA D 131 -31.33 -46.02 10.58
CA ALA D 131 -31.68 -44.90 9.72
C ALA D 131 -30.44 -44.11 9.34
N ILE D 132 -29.57 -43.85 10.32
CA ILE D 132 -28.37 -43.05 10.07
C ILE D 132 -27.44 -43.76 9.10
N GLU D 133 -27.23 -45.07 9.30
CA GLU D 133 -26.35 -45.81 8.42
C GLU D 133 -26.81 -45.73 6.98
N ASP D 134 -28.13 -45.81 6.76
CA ASP D 134 -28.66 -45.73 5.40
C ASP D 134 -28.56 -44.31 4.85
N CYS D 135 -28.91 -43.31 5.66
CA CYS D 135 -28.79 -41.94 5.18
C CYS D 135 -27.36 -41.62 4.81
N GLU D 136 -26.39 -42.04 5.62
CA GLU D 136 -25.00 -41.80 5.27
C GLU D 136 -24.63 -42.52 3.97
N ALA D 137 -25.01 -43.80 3.84
CA ALA D 137 -24.57 -44.55 2.66
C ALA D 137 -25.16 -43.95 1.40
N ALA D 138 -26.44 -43.57 1.44
CA ALA D 138 -27.08 -42.98 0.28
C ALA D 138 -26.42 -41.68 -0.11
N THR D 139 -26.03 -40.87 0.88
CA THR D 139 -25.42 -39.58 0.56
C THR D 139 -24.04 -39.79 -0.06
N ARG D 140 -23.26 -40.74 0.45
CA ARG D 140 -21.96 -41.05 -0.17
C ARG D 140 -22.15 -41.54 -1.60
N TRP D 141 -23.16 -42.39 -1.81
CA TRP D 141 -23.40 -42.91 -3.16
C TRP D 141 -23.72 -41.76 -4.11
N VAL D 142 -24.64 -40.86 -3.73
CA VAL D 142 -24.93 -39.70 -4.57
C VAL D 142 -23.66 -38.89 -4.82
N ALA D 143 -22.87 -38.67 -3.77
CA ALA D 143 -21.67 -37.85 -3.87
C ALA D 143 -20.63 -38.46 -4.81
N SER D 144 -20.77 -39.74 -5.14
CA SER D 144 -19.81 -40.42 -6.02
C SER D 144 -20.13 -40.26 -7.49
N SER D 145 -21.23 -39.58 -7.81
CA SER D 145 -21.68 -39.34 -9.18
C SER D 145 -21.83 -40.68 -9.91
N PRO D 146 -22.58 -41.62 -9.33
CA PRO D 146 -22.77 -42.91 -10.00
C PRO D 146 -23.48 -42.80 -11.33
N SER D 147 -23.18 -43.75 -12.22
CA SER D 147 -23.80 -43.69 -13.54
C SER D 147 -25.32 -43.62 -13.44
N GLU D 148 -25.90 -44.37 -12.51
CA GLU D 148 -27.35 -44.49 -12.44
C GLU D 148 -28.03 -43.18 -12.03
N LEU D 149 -27.31 -42.29 -11.36
CA LEU D 149 -27.88 -41.01 -10.96
C LEU D 149 -28.22 -40.15 -12.18
N GLY D 150 -27.44 -40.26 -13.25
CA GLY D 150 -27.71 -39.55 -14.48
C GLY D 150 -27.33 -38.08 -14.49
N ARG D 151 -26.69 -37.58 -13.43
CA ARG D 151 -26.12 -36.23 -13.43
C ARG D 151 -24.94 -36.23 -12.48
N THR D 152 -24.01 -35.30 -12.70
CA THR D 152 -22.77 -35.24 -11.94
C THR D 152 -22.95 -34.32 -10.74
N ALA D 153 -22.54 -34.80 -9.57
CA ALA D 153 -22.59 -34.01 -8.34
C ALA D 153 -21.25 -33.34 -8.11
N SER D 154 -21.25 -32.02 -7.90
CA SER D 154 -20.04 -31.31 -7.52
C SER D 154 -19.95 -31.08 -6.02
N GLY D 155 -21.03 -31.40 -5.31
CA GLY D 155 -21.13 -31.32 -3.86
C GLY D 155 -22.51 -31.86 -3.53
N VAL D 156 -22.77 -32.08 -2.24
CA VAL D 156 -24.08 -32.55 -1.82
C VAL D 156 -24.64 -31.56 -0.80
N ILE D 157 -25.96 -31.51 -0.74
CA ILE D 157 -26.74 -30.66 0.16
C ILE D 157 -27.67 -31.54 0.99
N PRO D 158 -27.25 -31.97 2.17
CA PRO D 158 -28.17 -32.70 3.07
C PRO D 158 -29.29 -31.81 3.58
N ILE D 159 -30.51 -32.34 3.56
CA ILE D 159 -31.69 -31.59 3.96
C ILE D 159 -32.73 -32.57 4.49
N GLY D 160 -33.49 -32.17 5.49
CA GLY D 160 -34.51 -33.05 6.03
C GLY D 160 -35.25 -32.38 7.15
N ASP D 161 -36.46 -32.86 7.40
CA ASP D 161 -37.37 -32.31 8.42
C ASP D 161 -37.43 -33.21 9.66
N SER D 162 -37.38 -32.65 10.87
CA SER D 162 -37.56 -33.38 12.14
C SER D 162 -36.54 -34.52 12.17
N ALA D 163 -36.87 -35.82 12.29
CA ALA D 163 -35.84 -36.86 12.34
C ALA D 163 -34.94 -36.69 11.12
N GLY D 164 -35.47 -36.22 10.01
CA GLY D 164 -34.63 -36.00 8.85
C GLY D 164 -33.66 -34.84 9.02
N GLY D 165 -34.01 -33.87 9.88
CA GLY D 165 -33.09 -32.80 10.24
C GLY D 165 -32.00 -33.29 11.18
N ASN D 166 -32.36 -34.21 12.08
CA ASN D 166 -31.36 -34.96 12.84
C ASN D 166 -30.40 -35.68 11.90
N ALA D 167 -30.95 -36.40 10.92
CA ALA D 167 -30.11 -37.14 9.99
C ALA D 167 -29.21 -36.21 9.18
N THR D 168 -29.76 -35.07 8.77
CA THR D 168 -28.99 -34.07 8.03
C THR D 168 -27.71 -33.73 8.79
N ILE D 169 -27.83 -33.39 10.07
CA ILE D 169 -26.67 -32.95 10.84
C ILE D 169 -25.71 -34.11 11.04
N VAL D 170 -26.25 -35.30 11.35
CA VAL D 170 -25.40 -36.45 11.57
C VAL D 170 -24.62 -36.78 10.31
N VAL D 171 -25.30 -36.82 9.16
CA VAL D 171 -24.63 -37.07 7.89
C VAL D 171 -23.52 -36.05 7.64
N SER D 172 -23.80 -34.76 7.89
CA SER D 172 -22.78 -33.74 7.66
C SER D 172 -21.57 -33.98 8.56
N GLN D 173 -21.81 -34.44 9.78
CA GLN D 173 -20.69 -34.69 10.70
C GLN D 173 -19.89 -35.92 10.26
N LEU D 174 -20.58 -36.96 9.79
CA LEU D 174 -19.90 -38.17 9.37
C LEU D 174 -19.08 -37.93 8.12
N LEU D 175 -19.65 -37.20 7.13
CA LEU D 175 -18.88 -36.88 5.94
C LEU D 175 -17.78 -35.87 6.24
N GLY D 176 -17.97 -35.00 7.24
CA GLY D 176 -16.88 -34.11 7.63
C GLY D 176 -15.68 -34.88 8.16
N ALA D 177 -15.91 -35.92 8.94
CA ALA D 177 -14.83 -36.70 9.53
C ALA D 177 -14.18 -37.61 8.50
N LYS D 178 -14.98 -38.16 7.59
CA LYS D 178 -14.52 -39.08 6.55
C LYS D 178 -15.15 -38.66 5.23
N PRO D 179 -14.45 -37.82 4.46
CA PRO D 179 -15.08 -37.20 3.30
C PRO D 179 -15.61 -38.20 2.28
N ALA D 180 -16.73 -37.82 1.66
CA ALA D 180 -17.21 -38.49 0.47
C ALA D 180 -16.44 -37.92 -0.72
N ASP D 181 -16.82 -38.33 -1.94
CA ASP D 181 -16.07 -37.90 -3.13
C ASP D 181 -16.19 -36.41 -3.39
N VAL D 182 -17.25 -35.77 -2.90
CA VAL D 182 -17.41 -34.31 -2.99
C VAL D 182 -17.85 -33.83 -1.62
N PRO D 183 -17.67 -32.55 -1.32
CA PRO D 183 -18.02 -32.03 0.01
C PRO D 183 -19.51 -31.81 0.20
N VAL D 184 -19.89 -31.73 1.47
CA VAL D 184 -21.15 -31.13 1.89
C VAL D 184 -20.98 -29.61 1.73
N VAL D 185 -21.65 -29.02 0.73
CA VAL D 185 -21.49 -27.59 0.48
C VAL D 185 -22.48 -26.74 1.27
N LEU D 186 -23.50 -27.35 1.85
CA LEU D 186 -24.56 -26.68 2.58
C LEU D 186 -25.41 -27.77 3.22
N GLN D 187 -25.86 -27.55 4.45
CA GLN D 187 -26.82 -28.45 5.05
C GLN D 187 -28.01 -27.63 5.52
N VAL D 188 -29.20 -28.25 5.46
CA VAL D 188 -30.44 -27.56 5.80
C VAL D 188 -31.27 -28.42 6.75
N PRO D 189 -30.91 -28.49 8.03
CA PRO D 189 -31.78 -29.16 9.01
C PRO D 189 -33.02 -28.32 9.29
N ILE D 190 -34.19 -28.88 9.03
CA ILE D 190 -35.49 -28.19 9.19
C ILE D 190 -36.20 -28.77 10.42
N PHE D 191 -36.60 -27.92 11.38
CA PHE D 191 -37.07 -28.26 12.75
C PHE D 191 -36.39 -29.55 13.20
N PRO D 192 -35.05 -29.57 13.33
CA PRO D 192 -34.38 -30.78 13.66
C PRO D 192 -34.35 -31.15 15.14
N LEU D 193 -34.14 -32.43 15.41
CA LEU D 193 -33.79 -32.88 16.76
C LEU D 193 -32.28 -32.99 16.83
N ALA D 194 -31.66 -32.04 17.54
CA ALA D 194 -30.21 -31.97 17.65
C ALA D 194 -29.73 -32.25 19.06
N SER D 195 -30.35 -31.60 20.04
CA SER D 195 -30.19 -31.92 21.45
C SER D 195 -31.45 -32.62 21.96
N ASP D 196 -31.28 -33.45 22.99
CA ASP D 196 -32.41 -34.06 23.70
C ASP D 196 -33.45 -33.00 24.09
N ALA D 197 -34.69 -33.19 23.63
CA ALA D 197 -35.76 -32.24 23.96
C ALA D 197 -36.21 -32.35 25.41
N VAL D 198 -35.90 -33.46 26.07
CA VAL D 198 -36.35 -33.68 27.43
C VAL D 198 -35.78 -32.61 28.33
N GLY D 199 -36.66 -31.92 29.07
CA GLY D 199 -36.25 -30.84 29.93
C GLY D 199 -36.36 -29.46 29.34
N SER D 200 -36.60 -29.35 28.03
CA SER D 200 -36.59 -28.05 27.37
C SER D 200 -37.90 -27.30 27.62
N ALA D 201 -37.79 -25.98 27.68
CA ALA D 201 -38.98 -25.14 27.85
C ALA D 201 -39.96 -25.32 26.70
N SER D 202 -39.46 -25.51 25.47
CA SER D 202 -40.40 -25.62 24.34
C SER D 202 -41.21 -26.91 24.46
N LEU D 203 -40.61 -27.99 24.94
CA LEU D 203 -41.32 -29.26 25.03
C LEU D 203 -42.51 -29.15 25.98
N GLU D 204 -42.33 -28.46 27.10
CA GLU D 204 -43.44 -28.31 28.04
C GLU D 204 -44.47 -27.32 27.52
N ALA D 205 -44.02 -26.22 26.93
CA ALA D 205 -44.96 -25.22 26.44
C ALA D 205 -45.86 -25.75 25.33
N PHE D 206 -45.33 -26.62 24.46
CA PHE D 206 -46.05 -27.06 23.28
C PHE D 206 -46.25 -28.57 23.28
N ALA D 207 -46.44 -29.11 24.49
CA ALA D 207 -46.55 -30.55 24.67
C ALA D 207 -47.81 -31.12 24.03
N GLU D 208 -48.87 -30.33 23.91
CA GLU D 208 -50.13 -30.83 23.31
C GLU D 208 -50.75 -29.80 22.39
N GLY D 209 -51.44 -30.24 21.33
CA GLY D 209 -52.22 -29.39 20.43
C GLY D 209 -51.45 -28.63 19.38
N PHE D 210 -50.19 -28.97 19.15
CA PHE D 210 -49.34 -28.25 18.16
C PHE D 210 -48.76 -29.23 17.14
N VAL D 211 -49.63 -30.10 16.64
CA VAL D 211 -49.45 -31.22 15.65
C VAL D 211 -48.40 -32.22 16.15
N LEU D 212 -47.13 -31.89 16.41
CA LEU D 212 -46.20 -32.83 17.06
C LEU D 212 -46.45 -32.71 18.55
N THR D 213 -46.70 -33.81 19.22
CA THR D 213 -46.99 -33.86 20.64
C THR D 213 -45.85 -34.51 21.42
N LYS D 214 -45.81 -34.19 22.72
CA LYS D 214 -44.90 -34.87 23.63
C LYS D 214 -45.14 -36.37 23.60
N ALA D 215 -46.41 -36.79 23.52
CA ALA D 215 -46.75 -38.21 23.43
C ALA D 215 -46.09 -38.85 22.22
N SER D 216 -46.22 -38.22 21.06
CA SER D 216 -45.57 -38.77 19.87
C SER D 216 -44.07 -38.79 20.03
N ILE D 217 -43.48 -37.71 20.55
CA ILE D 217 -42.02 -37.67 20.73
C ILE D 217 -41.56 -38.86 21.56
N GLU D 218 -42.29 -39.17 22.63
CA GLU D 218 -41.91 -40.29 23.49
C GLU D 218 -42.10 -41.61 22.77
N PHE D 219 -43.19 -41.74 22.01
CA PHE D 219 -43.43 -42.93 21.20
C PHE D 219 -42.26 -43.19 20.26
N PHE D 220 -41.86 -42.17 19.49
CA PHE D 220 -40.71 -42.30 18.60
C PHE D 220 -39.45 -42.68 19.35
N ASP D 221 -39.20 -42.05 20.50
CA ASP D 221 -37.98 -42.33 21.25
C ASP D 221 -37.91 -43.79 21.69
N THR D 222 -39.03 -44.32 22.19
CA THR D 222 -39.04 -45.69 22.66
C THR D 222 -38.78 -46.67 21.52
N ALA D 223 -39.32 -46.39 20.33
CA ALA D 223 -39.11 -47.27 19.18
C ALA D 223 -37.69 -47.20 18.65
N TYR D 224 -37.14 -45.98 18.53
CA TYR D 224 -35.84 -45.81 17.88
C TYR D 224 -34.68 -46.19 18.78
N LYS D 225 -34.79 -45.92 20.09
CA LYS D 225 -33.77 -46.32 21.07
C LYS D 225 -32.39 -45.74 20.71
N ALA D 226 -32.37 -44.43 20.47
CA ALA D 226 -31.09 -43.74 20.28
C ALA D 226 -30.33 -43.67 21.59
N ASP D 227 -29.02 -43.89 21.51
CA ASP D 227 -28.14 -43.79 22.67
C ASP D 227 -27.92 -42.32 23.02
N ARG D 228 -28.30 -41.95 24.24
CA ARG D 228 -28.28 -40.55 24.68
C ARG D 228 -26.89 -39.93 24.64
N ALA D 229 -25.84 -40.74 24.65
CA ALA D 229 -24.48 -40.21 24.66
C ALA D 229 -23.81 -40.28 23.29
N ASP D 230 -24.53 -40.77 22.27
CA ASP D 230 -23.94 -40.99 20.96
C ASP D 230 -24.24 -39.79 20.07
N PRO D 231 -23.22 -39.13 19.51
CA PRO D 231 -23.51 -37.99 18.62
C PRO D 231 -24.30 -38.37 17.36
N ARG D 232 -24.36 -39.66 16.98
CA ARG D 232 -25.22 -40.04 15.87
C ARG D 232 -26.69 -40.09 16.28
N GLY D 233 -26.96 -40.13 17.59
CA GLY D 233 -28.30 -39.98 18.08
C GLY D 233 -28.64 -38.53 18.35
N PHE D 234 -27.70 -37.79 18.95
CA PHE D 234 -27.95 -36.42 19.39
C PHE D 234 -26.76 -35.58 18.94
N PRO D 235 -26.82 -35.02 17.73
CA PRO D 235 -25.62 -34.43 17.13
C PRO D 235 -25.19 -33.12 17.76
N ILE D 236 -25.96 -32.55 18.67
CA ILE D 236 -25.43 -31.43 19.45
C ILE D 236 -24.13 -31.84 20.11
N LEU D 237 -23.96 -33.13 20.38
CA LEU D 237 -22.76 -33.67 21.03
C LEU D 237 -21.57 -33.78 20.10
N GLY D 238 -21.74 -33.61 18.80
CA GLY D 238 -20.65 -33.78 17.88
C GLY D 238 -19.69 -32.60 17.84
N ASP D 239 -18.69 -32.74 16.99
CA ASP D 239 -17.69 -31.71 16.77
C ASP D 239 -18.20 -30.72 15.72
N HIS D 240 -18.42 -29.47 16.14
CA HIS D 240 -18.98 -28.44 15.28
C HIS D 240 -17.93 -27.56 14.60
N THR D 241 -16.64 -27.75 14.88
CA THR D 241 -15.62 -26.78 14.50
C THR D 241 -15.40 -26.70 13.00
N ALA D 242 -15.80 -27.73 12.24
CA ALA D 242 -15.72 -27.68 10.78
C ALA D 242 -17.09 -27.86 10.12
N ALA D 243 -18.17 -27.57 10.84
CA ALA D 243 -19.50 -27.76 10.27
C ALA D 243 -19.59 -27.01 8.94
N PRO D 244 -20.29 -27.56 7.96
CA PRO D 244 -20.44 -26.86 6.69
C PRO D 244 -21.39 -25.69 6.85
N PRO D 245 -21.50 -24.85 5.82
CA PRO D 245 -22.50 -23.79 5.84
C PRO D 245 -23.86 -24.38 6.14
N THR D 246 -24.62 -23.70 6.98
CA THR D 246 -25.83 -24.27 7.56
C THR D 246 -26.99 -23.29 7.51
N ILE D 247 -28.18 -23.82 7.21
CA ILE D 247 -29.43 -23.10 7.40
C ILE D 247 -30.26 -23.93 8.37
N VAL D 248 -30.57 -23.35 9.53
CA VAL D 248 -31.41 -24.01 10.53
C VAL D 248 -32.77 -23.31 10.48
N ALA D 249 -33.82 -24.07 10.21
CA ALA D 249 -35.16 -23.52 10.26
C ALA D 249 -35.94 -24.20 11.38
N THR D 250 -36.59 -23.41 12.21
CA THR D 250 -37.42 -23.93 13.26
C THR D 250 -38.78 -23.29 13.15
N ALA D 251 -39.69 -23.73 14.03
CA ALA D 251 -41.01 -23.15 14.16
C ALA D 251 -41.24 -22.71 15.61
N SER D 252 -41.88 -21.55 15.76
CA SER D 252 -41.97 -20.91 17.08
C SER D 252 -42.88 -21.67 18.04
N LEU D 253 -43.79 -22.50 17.53
CA LEU D 253 -44.68 -23.32 18.34
C LEU D 253 -44.26 -24.79 18.41
N ASP D 254 -43.04 -25.09 18.16
CA ASP D 254 -42.60 -26.47 18.08
C ASP D 254 -42.10 -26.97 19.42
N PRO D 255 -42.59 -28.11 19.94
CA PRO D 255 -41.99 -28.63 21.18
C PRO D 255 -40.49 -28.85 21.10
N ILE D 256 -39.92 -29.16 19.94
CA ILE D 256 -38.49 -29.31 19.83
C ILE D 256 -37.82 -28.08 19.21
N ARG D 257 -38.49 -26.92 19.24
CA ARG D 257 -37.88 -25.66 18.81
C ARG D 257 -36.54 -25.40 19.51
N ASP D 258 -36.51 -25.55 20.83
CA ASP D 258 -35.29 -25.21 21.56
C ASP D 258 -34.12 -26.11 21.16
N SER D 259 -34.39 -27.31 20.65
CA SER D 259 -33.34 -28.17 20.13
C SER D 259 -32.65 -27.55 18.93
N GLY D 260 -33.42 -26.90 18.05
CA GLY D 260 -32.85 -26.24 16.90
C GLY D 260 -32.15 -24.94 17.27
N ARG D 261 -32.74 -24.18 18.20
CA ARG D 261 -32.03 -23.04 18.78
C ARG D 261 -30.67 -23.46 19.31
N ASP D 262 -30.65 -24.55 20.10
CA ASP D 262 -29.39 -25.01 20.67
C ASP D 262 -28.37 -25.29 19.59
N TYR D 263 -28.80 -25.91 18.48
CA TYR D 263 -27.83 -26.27 17.46
C TYR D 263 -27.27 -25.03 16.77
N ALA D 264 -28.12 -24.09 16.40
CA ALA D 264 -27.65 -22.86 15.77
C ALA D 264 -26.70 -22.10 16.71
N LYS D 265 -27.02 -22.03 18.01
CA LYS D 265 -26.10 -21.38 18.97
C LYS D 265 -24.76 -22.09 19.02
N ALA D 266 -24.75 -23.42 18.96
CA ALA D 266 -23.50 -24.15 18.98
C ALA D 266 -22.68 -23.85 17.73
N LEU D 267 -23.33 -23.67 16.56
CA LEU D 267 -22.56 -23.33 15.37
C LEU D 267 -21.93 -21.95 15.50
N VAL D 268 -22.68 -20.96 15.99
CA VAL D 268 -22.12 -19.62 16.21
C VAL D 268 -20.98 -19.70 17.21
N GLU D 269 -21.17 -20.42 18.32
CA GLU D 269 -20.12 -20.59 19.32
C GLU D 269 -18.85 -21.16 18.72
N ALA D 270 -18.97 -22.03 17.72
CA ALA D 270 -17.83 -22.61 17.03
C ALA D 270 -17.32 -21.78 15.85
N GLY D 271 -17.89 -20.61 15.61
CA GLY D 271 -17.41 -19.74 14.56
C GLY D 271 -17.87 -20.14 13.17
N ARG D 272 -18.97 -20.90 13.07
CA ARG D 272 -19.46 -21.41 11.79
C ARG D 272 -20.54 -20.51 11.22
N ASP D 273 -20.57 -20.41 9.89
CA ASP D 273 -21.60 -19.62 9.21
C ASP D 273 -22.96 -20.32 9.29
N VAL D 274 -23.97 -19.60 9.70
CA VAL D 274 -25.30 -20.20 9.86
C VAL D 274 -26.39 -19.16 9.65
N VAL D 275 -27.43 -19.55 8.94
CA VAL D 275 -28.69 -18.80 8.86
C VAL D 275 -29.66 -19.47 9.81
N TYR D 276 -30.17 -18.71 10.79
CA TYR D 276 -31.18 -19.19 11.72
C TYR D 276 -32.50 -18.52 11.38
N LEU D 277 -33.52 -19.31 11.01
CA LEU D 277 -34.85 -18.81 10.67
C LEU D 277 -35.84 -19.52 11.58
N GLU D 278 -36.58 -18.74 12.37
CA GLU D 278 -37.60 -19.27 13.26
C GLU D 278 -38.94 -18.73 12.76
N MET D 279 -39.70 -19.60 12.12
CA MET D 279 -40.99 -19.25 11.48
C MET D 279 -41.99 -18.91 12.59
N GLU D 280 -42.59 -17.71 12.53
CA GLU D 280 -43.41 -17.19 13.62
C GLU D 280 -44.86 -17.63 13.46
N GLY D 281 -45.40 -18.25 14.52
CA GLY D 281 -46.83 -18.53 14.57
C GLY D 281 -47.25 -19.79 13.85
N VAL D 282 -46.30 -20.67 13.56
CA VAL D 282 -46.57 -21.96 12.94
C VAL D 282 -45.87 -23.05 13.74
N THR D 283 -46.29 -24.28 13.47
CA THR D 283 -45.89 -25.48 14.18
C THR D 283 -44.82 -26.27 13.44
N HIS D 284 -44.29 -27.28 14.13
CA HIS D 284 -43.68 -28.44 13.52
C HIS D 284 -44.47 -28.91 12.30
N SER D 285 -43.80 -29.49 11.30
CA SER D 285 -44.38 -30.03 10.08
C SER D 285 -44.83 -28.96 9.09
N PHE D 286 -44.43 -27.69 9.25
CA PHE D 286 -45.01 -26.67 8.37
C PHE D 286 -44.62 -26.87 6.90
N THR D 287 -43.54 -27.60 6.63
CA THR D 287 -43.11 -27.82 5.26
C THR D 287 -44.04 -28.75 4.49
N ASN D 288 -44.96 -29.45 5.17
CA ASN D 288 -45.81 -30.45 4.53
C ASN D 288 -47.30 -30.20 4.75
N ILE D 289 -47.68 -28.98 5.13
CA ILE D 289 -49.08 -28.61 5.33
C ILE D 289 -49.39 -27.35 4.55
N ARG D 290 -48.78 -27.22 3.37
CA ARG D 290 -48.77 -25.95 2.64
C ARG D 290 -50.09 -25.63 1.96
N ALA D 291 -51.02 -26.59 1.86
CA ALA D 291 -52.37 -26.28 1.40
C ALA D 291 -53.32 -26.01 2.55
N ALA D 292 -53.23 -26.80 3.62
CA ALA D 292 -54.07 -26.61 4.79
C ALA D 292 -53.78 -25.29 5.47
N VAL D 293 -52.52 -24.91 5.51
CA VAL D 293 -52.09 -23.65 6.12
C VAL D 293 -51.34 -22.90 5.03
N PRO D 294 -52.03 -22.17 4.15
CA PRO D 294 -51.38 -21.67 2.93
C PRO D 294 -50.14 -20.83 3.19
N SER D 295 -50.11 -20.08 4.29
CA SER D 295 -48.97 -19.20 4.56
C SER D 295 -47.68 -19.97 4.75
N THR D 296 -47.73 -21.30 4.96
CA THR D 296 -46.50 -22.06 5.14
C THR D 296 -45.73 -22.27 3.84
N GLN D 297 -46.37 -22.07 2.68
CA GLN D 297 -45.63 -22.02 1.43
C GLN D 297 -44.59 -20.89 1.48
N GLY D 298 -44.99 -19.73 2.01
CA GLY D 298 -44.06 -18.61 2.13
C GLY D 298 -42.89 -18.93 3.05
N ASP D 299 -43.15 -19.66 4.14
CA ASP D 299 -42.08 -20.13 5.01
C ASP D 299 -41.08 -20.98 4.23
N LEU D 300 -41.58 -21.96 3.47
CA LEU D 300 -40.66 -22.78 2.68
C LEU D 300 -39.87 -21.90 1.71
N GLU D 301 -40.53 -20.94 1.08
CA GLU D 301 -39.86 -20.10 0.10
C GLU D 301 -38.76 -19.27 0.74
N ARG D 302 -38.87 -18.92 2.03
CA ARG D 302 -37.78 -18.21 2.69
C ARG D 302 -36.57 -19.13 2.86
N ILE D 303 -36.80 -20.41 3.19
CA ILE D 303 -35.72 -21.38 3.26
C ILE D 303 -35.04 -21.48 1.90
N ILE D 304 -35.83 -21.59 0.84
CA ILE D 304 -35.29 -21.68 -0.53
C ILE D 304 -34.41 -20.48 -0.83
N ALA D 305 -34.89 -19.27 -0.51
CA ALA D 305 -34.13 -18.04 -0.77
C ALA D 305 -32.82 -18.05 0.00
N ALA D 306 -32.82 -18.50 1.26
CA ALA D 306 -31.59 -18.64 2.01
C ALA D 306 -30.65 -19.66 1.39
N MET D 307 -31.19 -20.80 0.93
CA MET D 307 -30.36 -21.79 0.26
C MET D 307 -29.64 -21.21 -0.96
N LYS D 308 -30.37 -20.51 -1.82
CA LYS D 308 -29.72 -19.91 -3.00
C LYS D 308 -28.61 -18.96 -2.61
N MET D 309 -28.86 -18.11 -1.62
CA MET D 309 -27.84 -17.18 -1.16
C MET D 309 -26.62 -17.91 -0.61
N MET D 310 -26.84 -18.97 0.16
CA MET D 310 -25.72 -19.64 0.80
C MET D 310 -24.95 -20.52 -0.16
N LEU D 311 -25.54 -20.87 -1.30
CA LEU D 311 -24.81 -21.57 -2.34
C LEU D 311 -24.07 -20.62 -3.28
N GLY D 312 -24.32 -19.32 -3.18
CA GLY D 312 -23.74 -18.37 -4.11
C GLY D 312 -24.46 -18.46 -5.44
C1 GOL E . 7.10 21.85 15.77
O1 GOL E . 7.56 20.87 16.64
C2 GOL E . 6.90 23.20 16.60
O2 GOL E . 6.36 22.99 17.86
C3 GOL E . 8.27 23.91 16.71
O3 GOL E . 8.07 25.10 17.49
C1 EDO F . 28.80 32.89 15.99
O1 EDO F . 28.97 31.95 14.95
C2 EDO F . 28.29 32.16 17.21
O2 EDO F . 29.03 30.94 17.34
CA 6NA G . 10.89 17.68 -19.18
C 6NA G . 12.33 17.91 -18.69
O 6NA G . 13.01 16.95 -18.21
CB 6NA G . 10.03 17.29 -17.96
CG 6NA G . 8.54 17.61 -18.06
CD 6NA G . 8.17 18.82 -17.22
C6 6NA G . 8.47 20.11 -17.97
OXT 6NA G . 12.83 19.09 -18.74
C1 EDO H . 25.61 7.53 -8.19
O1 EDO H . 25.14 8.41 -9.23
C2 EDO H . 24.81 6.22 -8.21
O2 EDO H . 25.62 5.05 -8.32
C1 EDO I . 10.88 0.01 -9.95
O1 EDO I . 12.16 0.06 -9.29
C2 EDO I . 9.75 0.02 -8.92
O2 EDO I . 8.93 -1.16 -9.02
S DMS J . 26.70 11.30 24.72
O DMS J . 25.48 11.91 24.21
C1 DMS J . 27.76 10.54 23.64
C2 DMS J . 27.68 12.61 25.16
S DMS K . 38.14 15.41 20.94
O DMS K . 36.74 14.90 21.07
C1 DMS K . 38.86 14.84 19.38
C2 DMS K . 38.05 17.18 20.57
N CCN L . -4.50 11.67 -9.72
C1 CCN L . -3.53 11.13 -9.47
C2 CCN L . -2.20 10.48 -9.07
N CCN M . 15.04 35.35 23.78
C1 CCN M . 14.28 35.09 24.58
C2 CCN M . 13.24 34.80 25.66
N CCN N . 0.79 34.60 13.46
C1 CCN N . 1.03 34.59 14.58
C2 CCN N . 1.45 34.60 16.06
N CCN O . 2.39 1.22 1.56
C1 CCN O . 1.57 1.65 0.90
C2 CCN O . 0.43 2.20 0.04
C1 EDO P . 33.62 6.73 -0.39
O1 EDO P . 34.01 7.79 -1.26
C2 EDO P . 34.46 6.58 0.87
O2 EDO P . 34.73 7.81 1.52
N CCN Q . 17.22 34.74 -10.03
C1 CCN Q . 18.27 34.98 -9.65
C2 CCN Q . 19.73 35.19 -9.19
S DMS R . 16.40 -2.05 -0.49
O DMS R . 15.03 -1.44 -0.61
C1 DMS R . 17.56 -1.13 -1.34
C2 DMS R . 17.01 -1.93 1.07
S DMS S . 6.56 29.01 -3.60
O DMS S . 5.45 29.91 -3.92
C1 DMS S . 7.82 29.24 -4.74
C2 DMS S . 7.17 29.42 -2.06
CAF D8F T . 3.79 16.94 1.40
CAG D8F T . 4.15 18.40 1.69
CAH D8F T . 2.30 16.72 1.19
CAI D8F T . 5.25 18.60 2.73
CAJ D8F T . 1.55 16.49 2.48
CAK D8F T . 6.61 18.36 2.14
CAL D8F T . 7.78 20.44 1.67
CAM D8F T . 7.28 20.59 0.39
CAN D8F T . 8.38 21.51 2.29
CAO D8F T . 7.95 22.87 0.36
CAP D8F T . 7.35 21.80 -0.27
CAQ D8F T . 8.46 22.73 1.65
NAE D8F T . 8.02 24.09 -0.31
OAA D8F T . 7.71 19.27 2.34
OAB D8F T . 6.83 17.37 1.47
OAC D8F T . 9.04 24.99 0.00
OAD D8F T . 7.20 24.40 -1.13
CA 6NA U . 19.83 29.09 -19.30
C 6NA U . 21.14 29.41 -18.57
O 6NA U . 22.24 29.04 -19.08
CB 6NA U . 19.95 27.72 -20.01
CG 6NA U . 18.84 27.45 -21.02
CD 6NA U . 17.44 27.78 -20.50
C6 6NA U . 16.39 27.07 -21.37
OXT 6NA U . 21.16 30.05 -17.47
N CCN V . 21.60 8.94 -15.80
C1 CCN V . 20.52 9.23 -15.58
C2 CCN V . 19.09 9.70 -15.26
S SO4 W . 37.40 28.39 -3.11
O1 SO4 W . 38.81 28.77 -2.99
O2 SO4 W . 37.15 27.18 -2.33
O3 SO4 W . 36.55 29.47 -2.61
O4 SO4 W . 37.09 28.15 -4.52
S SO4 X . 30.81 3.16 20.65
O1 SO4 X . 31.13 2.06 21.55
O2 SO4 X . 31.42 4.40 21.15
O3 SO4 X . 29.35 3.31 20.59
O4 SO4 X . 31.35 2.89 19.32
C1 EDO Y . 36.35 15.63 -3.86
O1 EDO Y . 35.45 16.71 -4.15
C2 EDO Y . 37.56 16.05 -3.02
O2 EDO Y . 37.44 15.57 -1.68
C1 EDO Z . 46.84 -10.32 -12.80
O1 EDO Z . 47.58 -10.04 -13.99
C2 EDO Z . 46.14 -11.62 -13.03
O2 EDO Z . 45.28 -11.42 -14.15
C1 EDO AA . 29.04 -1.42 -34.13
O1 EDO AA . 29.35 -2.33 -33.07
C2 EDO AA . 27.65 -0.89 -33.88
O2 EDO AA . 27.76 -0.20 -32.64
C1 DIO BA . 35.90 -11.07 -25.41
C2 DIO BA . 35.65 -12.68 -23.77
C1' DIO BA . 37.43 -11.11 -25.30
C2' DIO BA . 37.17 -12.72 -23.54
O1 DIO BA . 35.28 -12.27 -25.05
O1' DIO BA . 37.92 -11.68 -24.10
C1 EDO CA . 51.47 23.71 -3.61
O1 EDO CA . 52.20 24.86 -4.03
C2 EDO CA . 50.06 23.86 -4.15
O2 EDO CA . 49.14 24.12 -3.07
C1 EDO DA . 47.40 29.25 -38.27
O1 EDO DA . 48.39 28.22 -38.46
C2 EDO DA . 48.00 30.35 -37.40
O2 EDO DA . 47.28 30.44 -36.16
N CCN EA . 58.98 19.69 -41.07
C1 CCN EA . 59.60 20.11 -40.22
C2 CCN EA . 60.40 20.67 -39.03
C1 EDO FA . 50.68 34.70 -14.40
O1 EDO FA . 50.43 34.45 -15.79
C2 EDO FA . 51.74 33.70 -13.94
O2 EDO FA . 52.27 34.06 -12.65
N CCN GA . 43.35 18.06 -4.06
C1 CCN GA . 42.83 19.00 -3.67
C2 CCN GA . 42.18 20.26 -3.07
N CCN HA . 55.45 5.63 -24.38
C1 CCN HA . 56.07 4.68 -24.27
C2 CCN HA . 56.91 3.39 -24.18
S DMS IA . 41.89 -9.09 -6.36
O DMS IA . 43.09 -8.39 -5.78
C1 DMS IA . 42.37 -10.67 -7.10
C2 DMS IA . 40.74 -9.62 -5.07
S DMS JA . 16.75 8.10 -17.82
O DMS JA . 18.23 8.14 -17.85
C1 DMS JA . 15.96 9.70 -18.21
C2 DMS JA . 16.12 7.17 -19.25
N CCN KA . 55.11 31.66 -26.54
C1 CCN KA . 54.65 32.71 -26.71
C2 CCN KA . 54.04 34.08 -26.95
N CCN LA . 23.34 15.17 -31.45
C1 CCN LA . 23.17 14.85 -30.37
C2 CCN LA . 23.00 14.43 -28.91
C1 BUA MA . 33.08 1.76 -8.11
C2 BUA MA . 33.13 0.93 -6.82
C3 BUA MA . 34.24 1.41 -5.85
C4 BUA MA . 33.72 2.51 -4.91
O1 BUA MA . 34.49 2.99 -4.04
O2 BUA MA . 32.52 2.92 -5.00
S DMS NA . 54.31 23.54 -41.95
O DMS NA . 54.81 22.43 -41.08
C1 DMS NA . 52.51 23.72 -41.79
C2 DMS NA . 54.87 25.15 -41.34
S DMS OA . 31.80 -11.99 -26.06
O DMS OA . 32.12 -13.20 -26.87
C1 DMS OA . 30.62 -10.95 -26.96
C2 DMS OA . 30.84 -12.43 -24.59
N CCN PA . 24.02 11.33 -25.24
C1 CCN PA . 22.99 11.03 -25.65
C2 CCN PA . 21.64 10.55 -26.16
C1 GOL QA . 38.08 26.30 -30.94
O1 GOL QA . 37.62 25.43 -31.93
C2 GOL QA . 37.16 27.61 -30.92
O2 GOL QA . 36.31 27.66 -29.77
C3 GOL QA . 38.17 28.83 -30.97
O3 GOL QA . 37.58 29.84 -31.74
C1 NPO RA . 59.17 22.11 -15.79
C2 NPO RA . 59.28 23.38 -16.33
C3 NPO RA . 59.29 23.53 -17.70
C4 NPO RA . 59.17 22.41 -18.48
C5 NPO RA . 59.02 21.14 -17.92
C6 NPO RA . 59.04 20.97 -16.56
OH NPO RA . 59.18 22.60 -19.82
N1 NPO RA . 59.14 22.05 -14.41
O2 NPO RA . 58.72 23.20 -13.77
O3 NPO RA . 59.47 21.09 -13.80
C1 NPO SA . 63.18 22.74 -16.58
C2 NPO SA . 63.72 21.47 -16.61
C3 NPO SA . 63.63 20.65 -15.50
C4 NPO SA . 63.03 21.13 -14.35
C5 NPO SA . 62.52 22.41 -14.32
C6 NPO SA . 62.59 23.22 -15.43
OH NPO SA . 62.94 20.35 -13.27
N1 NPO SA . 63.26 23.56 -17.69
O2 NPO SA . 62.78 24.89 -17.67
O3 NPO SA . 63.77 23.12 -18.66
S DMS TA . 52.01 -7.89 -25.13
O DMS TA . 51.22 -7.85 -23.93
C1 DMS TA . 51.15 -8.50 -26.46
C2 DMS TA . 52.33 -6.30 -25.61
CAF D8F UA . 49.17 23.65 -25.30
CAG D8F UA . 48.18 22.88 -26.16
CAH D8F UA . 50.63 23.28 -25.57
CAI D8F UA . 47.81 21.49 -25.63
CAJ D8F UA . 51.27 24.17 -26.60
CAK D8F UA . 46.57 21.54 -24.77
CAL D8F UA . 44.38 21.11 -25.71
CAM D8F UA . 44.06 22.47 -25.56
CAN D8F UA . 43.60 20.27 -26.62
CAO D8F UA . 42.25 22.11 -27.15
CAP D8F UA . 43.00 23.04 -26.25
CAQ D8F UA . 42.46 20.65 -27.43
NAE D8F UA . 41.20 22.72 -27.83
OAA D8F UA . 45.44 20.64 -25.01
OAB D8F UA . 46.52 22.33 -23.86
OAC D8F UA . 41.24 24.07 -28.18
OAD D8F UA . 40.23 22.06 -28.16
C1 EDO VA . 34.70 33.46 -11.88
O1 EDO VA . 34.97 32.31 -11.08
C2 EDO VA . 33.26 33.47 -12.32
O2 EDO VA . 33.16 33.88 -13.71
C1 EDO WA . -22.75 -16.62 2.30
O1 EDO WA . -22.07 -17.68 2.99
C2 EDO WA . -22.65 -16.86 0.80
O2 EDO WA . -21.30 -16.63 0.40
C1 GOL XA . -17.94 14.94 14.68
O1 GOL XA . -18.40 15.98 15.58
C2 GOL XA . -16.64 15.40 14.01
O2 GOL XA . -15.71 16.00 14.83
C3 GOL XA . -16.04 14.15 13.37
O3 GOL XA . -16.05 14.52 12.08
C1 EDO YA . -22.74 -1.24 -10.15
O1 EDO YA . -22.64 -1.41 -11.57
C2 EDO YA . -22.66 -2.61 -9.47
O2 EDO YA . -21.35 -3.16 -9.63
C1 EDO ZA . -39.08 11.27 15.49
O1 EDO ZA . -39.36 10.98 14.10
C2 EDO ZA . -39.75 10.20 16.33
O2 EDO ZA . -39.45 8.96 15.70
C1 EDO AB . -8.88 -18.46 19.43
O1 EDO AB . -9.79 -18.74 18.36
C2 EDO AB . -9.70 -18.04 20.65
O2 EDO AB . -9.15 -18.62 21.83
C1 EDO BB . -32.01 14.67 -5.41
O1 EDO BB . -31.37 13.62 -6.15
C2 EDO BB . -31.14 14.93 -4.19
O2 EDO BB . -29.76 14.87 -4.61
N CCN CB . -28.01 21.05 5.48
C1 CCN CB . -28.86 20.35 5.13
C2 CCN CB . -29.97 19.46 4.57
N CCN DB . -1.30 2.02 25.28
C1 CCN DB . -0.24 2.42 25.34
C2 CCN DB . 1.19 2.96 25.35
C1 GOL EB . -13.20 -20.97 17.23
O1 GOL EB . -12.41 -20.25 16.41
C2 GOL EB . -12.55 -21.22 18.56
O2 GOL EB . -11.27 -20.65 18.74
C3 GOL EB . -13.56 -20.84 19.63
O3 GOL EB . -13.09 -19.96 20.59
CA 6NA FB . -32.76 -8.80 -4.43
C 6NA FB . -33.58 -8.31 -3.22
O 6NA FB . -33.18 -7.38 -2.46
CB 6NA FB . -32.60 -10.32 -4.36
CG 6NA FB . -32.00 -10.82 -5.68
CD 6NA FB . -30.54 -11.27 -5.56
C6 6NA FB . -29.63 -10.46 -6.48
OXT 6NA FB . -34.68 -8.86 -2.98
N CCN GB . 0.33 -4.71 18.97
C1 CCN GB . 0.05 -4.69 17.86
C2 CCN GB . -0.36 -4.61 16.38
C1 EDO HB . 0.90 -2.91 2.33
O1 EDO HB . 0.09 -1.75 2.63
C2 EDO HB . 0.11 -3.97 1.56
O2 EDO HB . 0.39 -5.28 2.08
C1 GOL IB . 1.46 0.18 6.50
O1 GOL IB . 1.56 -0.80 5.49
C2 GOL IB . -0.01 0.68 6.44
O2 GOL IB . -0.84 -0.40 6.62
C3 GOL IB . -0.26 1.82 7.55
O3 GOL IB . -1.19 2.79 7.05
C1 GOL JB . -31.81 7.66 25.26
O1 GOL JB . -33.06 7.02 25.42
C2 GOL JB . -31.67 7.82 23.72
O2 GOL JB . -32.67 8.65 23.18
C3 GOL JB . -30.22 8.37 23.42
O3 GOL JB . -29.38 8.16 24.56
C1 EDO KB . -2.27 1.05 16.57
O1 EDO KB . -1.35 2.15 16.63
C2 EDO KB . -1.50 -0.24 16.80
O2 EDO KB . -0.34 0.03 17.58
C1 GOL LB . -30.48 7.88 -13.01
O1 GOL LB . -29.58 8.51 -12.20
C2 GOL LB . -31.44 7.33 -12.06
O2 GOL LB . -32.42 8.32 -11.83
C3 GOL LB . -31.89 5.98 -12.57
O3 GOL LB . -32.98 5.44 -11.81
CAF D8F MB . -8.07 0.73 15.45
CAG D8F MB . -9.02 1.70 14.74
CAH D8F MB . -6.88 0.35 14.59
CAI D8F MB . -10.45 1.60 15.23
CAJ D8F MB . -6.01 1.53 14.22
CAK D8F MB . -11.21 0.49 14.55
CAL D8F MB . -13.14 0.13 15.88
CAM D8F MB . -12.56 -0.90 16.60
CAN D8F MB . -14.20 0.83 16.40
CAO D8F MB . -14.08 -0.53 18.37
CAP D8F MB . -13.02 -1.24 17.84
CAQ D8F MB . -14.68 0.49 17.65
NAE D8F MB . -14.52 -0.91 19.62
OAA D8F MB . -12.66 0.45 14.66
OAB D8F MB . -10.67 -0.41 13.97
OAC D8F MB . -13.60 -1.22 20.62
OAD D8F MB . -15.70 -0.93 19.87
C1 EDO NB . -23.70 -22.63 22.73
O1 EDO NB . -23.46 -23.92 22.33
C2 EDO NB . -22.73 -22.25 23.82
O2 EDO NB . -23.42 -21.61 24.84
S DMS OB . -13.63 -23.48 7.25
O DMS OB . -12.81 -22.44 7.96
C1 DMS OB . -13.36 -23.48 5.47
C2 DMS OB . -13.06 -25.14 7.71
S DMS PB . -42.24 -11.11 14.78
O DMS PB . -41.05 -11.88 15.22
C1 DMS PB . -43.34 -10.74 16.18
C2 DMS PB . -41.80 -9.45 14.16
NA NA QB . -15.53 16.19 7.93
C1 GOL RB . -33.05 -30.92 -20.43
O1 GOL RB . -33.13 -32.18 -19.91
C2 GOL RB . -34.24 -30.21 -19.79
O2 GOL RB . -34.30 -28.84 -20.09
C3 GOL RB . -35.41 -31.02 -20.31
O3 GOL RB . -35.82 -31.86 -19.25
C1 EDO SB . -37.41 -13.46 4.07
O1 EDO SB . -37.12 -12.41 3.14
C2 EDO SB . -36.10 -14.06 4.58
O2 EDO SB . -35.88 -13.72 5.96
N CCN TB . -25.19 -19.38 25.71
C1 CCN TB . -26.22 -18.91 25.77
C2 CCN TB . -27.60 -18.25 25.91
C1 EDO UB . -19.17 -44.94 -12.21
O1 EDO UB . -18.05 -45.71 -12.68
C2 EDO UB . -19.98 -45.73 -11.20
O2 EDO UB . -21.33 -45.81 -11.64
C1 EDO VB . -16.84 -43.18 0.37
O1 EDO VB . -17.47 -41.92 0.62
C2 EDO VB . -17.79 -44.00 -0.48
O2 EDO VB . -18.10 -43.23 -1.65
C1 EDO WB . -19.19 -32.99 -16.09
O1 EDO WB . -19.89 -32.16 -17.03
C2 EDO WB . -18.05 -32.24 -15.41
O2 EDO WB . -17.78 -32.80 -14.12
N CCN XB . -22.91 -24.97 -9.29
C1 CCN XB . -23.37 -25.34 -10.27
C2 CCN XB . -23.90 -25.85 -11.62
N CCN YB . -32.51 -23.10 23.43
C1 CCN YB . -33.24 -22.26 23.69
C2 CCN YB . -34.17 -21.08 24.03
S DMS ZB . -48.84 -52.86 16.03
O DMS ZB . -47.39 -53.18 15.88
C1 DMS ZB . -49.80 -54.36 15.71
C2 DMS ZB . -49.22 -52.51 17.78
C1 GOL AC . -36.30 -35.95 22.88
O1 GOL AC . -35.01 -35.65 22.51
C2 GOL AC . -36.36 -37.48 23.06
O2 GOL AC . -37.26 -37.84 24.07
C3 GOL AC . -36.72 -38.04 21.65
O3 GOL AC . -35.54 -38.57 21.10
N CCN BC . -19.65 -44.24 12.02
C1 CCN BC . -19.21 -43.46 12.74
C2 CCN BC . -18.68 -42.37 13.69
CA 6NA CC . -44.23 -49.63 18.33
C 6NA CC . -43.32 -49.88 19.54
O 6NA CC . -42.18 -49.34 19.59
CB 6NA CC . -45.70 -49.58 18.74
CG 6NA CC . -46.54 -49.44 17.47
CD 6NA CC . -47.90 -48.77 17.72
C6 6NA CC . -48.14 -47.66 16.67
OXT 6NA CC . -43.71 -50.62 20.48
S DMS DC . -32.07 -22.48 -18.37
O DMS DC . -32.71 -22.69 -19.71
C1 DMS DC . -30.28 -22.23 -18.50
C2 DMS DC . -32.59 -20.90 -17.64
C1 EDO EC . -39.20 -17.87 23.01
O1 EDO EC . -39.90 -16.85 22.35
C2 EDO EC . -39.26 -17.85 24.52
O2 EDO EC . -38.12 -18.67 24.91
N CCN FC . -59.11 -35.13 3.86
C1 CCN FC . -58.32 -35.76 4.40
C2 CCN FC . -57.28 -36.68 5.07
N CCN GC . -48.39 -37.03 -3.92
C1 CCN GC . -48.00 -37.85 -3.23
C2 CCN GC . -47.47 -39.00 -2.35
N CCN HC . -21.75 -48.58 -3.32
C1 CCN HC . -21.99 -48.58 -4.44
C2 CCN HC . -22.36 -48.61 -5.93
CA 6NA IC . -19.13 -22.04 7.73
C 6NA IC . -19.98 -23.08 8.34
O 6NA IC . -21.14 -22.93 8.47
CB 6NA IC . -18.25 -22.65 6.65
CG 6NA IC . -16.94 -21.92 6.37
CD 6NA IC . -16.45 -21.08 7.53
C6 6NA IC . -14.98 -20.84 7.64
OXT 6NA IC . -19.50 -23.44 9.35
N CCN JC . -14.16 -32.75 1.22
C1 CCN JC . -14.74 -32.90 2.20
C2 CCN JC . -15.47 -33.18 3.53
N CCN KC . -29.60 -25.08 -13.53
C1 CCN KC . -29.14 -25.04 -14.58
C2 CCN KC . -28.59 -24.95 -16.01
C1 NPO LC . -58.13 -26.87 6.19
C2 NPO LC . -58.60 -25.67 5.66
C3 NPO LC . -58.87 -24.63 6.49
C4 NPO LC . -58.69 -24.72 7.80
C5 NPO LC . -58.21 -25.91 8.33
C6 NPO LC . -57.96 -26.96 7.50
OH NPO LC . -58.97 -23.67 8.59
N1 NPO LC . -57.84 -27.96 5.38
O2 NPO LC . -57.69 -29.17 5.88
O3 NPO LC . -57.76 -27.75 4.14
C1 EDO MC . -39.41 -48.89 4.31
O1 EDO MC . -38.01 -48.79 4.45
C2 EDO MC . -40.08 -47.55 4.49
O2 EDO MC . -40.59 -47.15 3.26
CAF D8F NC . -46.66 -36.09 14.13
CAG D8F NC . -46.13 -35.20 12.99
CAH D8F NC . -47.53 -37.24 13.63
CAI D8F NC . -44.70 -34.74 13.22
CAJ D8F NC . -48.94 -36.80 13.29
CAK D8F NC . -43.68 -35.76 12.76
CAL D8F NC . -41.31 -35.70 13.32
CAM D8F NC . -41.47 -35.14 14.67
CAN D8F NC . -40.23 -36.53 12.81
CAO D8F NC . -39.38 -36.21 15.32
CAP D8F NC . -40.49 -35.44 15.62
CAQ D8F NC . -39.28 -36.73 13.93
NAE D8F NC . -38.44 -36.45 16.32
OAA D8F NC . -42.32 -35.38 12.44
OAB D8F NC . -43.99 -36.92 12.65
OAC D8F NC . -37.16 -36.92 16.03
OAD D8F NC . -38.75 -36.23 17.48
#